data_4YRY
#
_entry.id   4YRY
#
_cell.length_a   81.400
_cell.length_b   81.400
_cell.length_c   307.430
_cell.angle_alpha   90.00
_cell.angle_beta   90.00
_cell.angle_gamma   90.00
#
_symmetry.space_group_name_H-M   'P 43'
#
loop_
_entity.id
_entity.type
_entity.pdbx_description
1 polymer 'Dihydroorotate dehydrogenase B (NAD(+)), electron transfer subunit homolog'
2 polymer 'Dihydropyrimidine dehydrogenase subunit A'
3 non-polymer 'FE2/S2 (INORGANIC) CLUSTER'
4 non-polymer 'FLAVIN-ADENINE DINUCLEOTIDE'
5 non-polymer NICOTINAMIDE-ADENINE-DINUCLEOTIDE
6 non-polymer 'IRON/SULFUR CLUSTER'
7 non-polymer 'PHOSPHATE ION'
8 water water
#
loop_
_entity_poly.entity_id
_entity_poly.type
_entity_poly.pdbx_seq_one_letter_code
_entity_poly.pdbx_strand_id
1 'polypeptide(L)'
;MGGTALNEIVKKVKIAEDVFDFWIHSPSVSKEARPGQFVVIRLHEKGERIPLTVADTKPEEGLFRMVVKVVGKTTHELSL
KKEGDTILDVVGPLGNPSEIENYGNVLLVGGGVGIATLYPIAKALKEAGNNITTVLGARTKDYLIMVDEFKEISDVLLVT
DDGSAGMKGVVTDAMDKLFRERKFDICWAVGPTIMMKFCTLKAREFGVPIWVSLNPIMVDGTGMCGACRVTVSGQIKFAC
VDGPEFRGEEVDWDELLKRLAQYREQEKISYERFLK
;
A,C
2 'polypeptide(L)'
;MKNRKTPMKEQSPESRRRNFEEVALGYTLEEALEEAQRCLQCPTHPCVSGCPVEIDIPGFIRKLRDGKLEESYRILKSYN
NLPAVCGRVCPQEVQCESRCVVGKMKDSEPVAIGRLERFVADWAAENLEEDVKPLAGSKKEKVAVVGSGPAGLTAAADLA
KMGYHVDIFEAFHKPGGVLVYGIPEFRLPKRIVEREVSYIRKLGVNFHLNTVVGKTVKVKELLSEYDAVFIGTGAGTPKF
MGIPGTNLNGVYSANEFLTRVNLMKAYLFPEYDTPIRVGKKVAVIGAGNTAMDAARSALRLGAEKVYIVYRRTEREMPAR
REEYHHALEEGIEFLWLTLPIRYIGDANGNVEAMECVRMELKEADGSGRPRPVPIEGSNFVLEVDMVIEAIGQGPNRVLL
SEFPGLELNERGYIKADEDTGATSVKGVFAGGDIVTGAATVIKAMGAGKKAAQFIHSYLTGEWNPWQK
;
B,D
#
# COMPACT_ATOMS: atom_id res chain seq x y z
N MET A 1 5.44 3.65 20.61
CA MET A 1 4.49 3.01 19.69
C MET A 1 5.12 1.78 19.05
N GLY A 2 5.37 1.85 17.74
CA GLY A 2 6.00 0.74 17.04
C GLY A 2 5.11 -0.43 16.69
N GLY A 3 3.87 -0.17 16.28
CA GLY A 3 2.96 -1.25 15.99
C GLY A 3 1.85 -1.02 14.99
N THR A 4 0.92 -1.98 14.96
CA THR A 4 -0.18 -2.03 14.00
C THR A 4 -1.24 -0.93 14.17
N ALA A 5 -1.61 -0.31 13.05
CA ALA A 5 -2.55 0.79 13.06
C ALA A 5 -3.82 0.44 12.29
N LEU A 6 -4.88 1.23 12.49
CA LEU A 6 -6.15 1.05 11.81
C LEU A 6 -6.05 0.91 10.30
N ASN A 7 -6.66 -0.17 9.79
CA ASN A 7 -6.71 -0.50 8.37
C ASN A 7 -5.34 -0.67 7.70
N GLU A 8 -4.34 -1.01 8.50
CA GLU A 8 -3.00 -1.27 7.98
C GLU A 8 -2.97 -2.47 7.05
N ILE A 9 -2.21 -2.37 5.97
CA ILE A 9 -2.00 -3.53 5.12
C ILE A 9 -0.87 -4.33 5.76
N VAL A 10 -1.24 -5.43 6.40
CA VAL A 10 -0.29 -6.21 7.19
C VAL A 10 0.54 -7.12 6.30
N LYS A 11 -0.13 -7.86 5.42
CA LYS A 11 0.54 -8.77 4.52
C LYS A 11 -0.02 -8.63 3.10
N LYS A 12 0.85 -8.39 2.14
CA LYS A 12 0.44 -8.35 0.74
C LYS A 12 1.20 -9.43 -0.04
N VAL A 13 0.47 -10.18 -0.85
CA VAL A 13 1.05 -11.29 -1.59
C VAL A 13 0.49 -11.37 -3.00
N LYS A 14 1.39 -11.43 -3.99
CA LYS A 14 1.01 -11.42 -5.39
C LYS A 14 0.93 -12.86 -5.85
N ILE A 15 -0.28 -13.35 -6.06
CA ILE A 15 -0.49 -14.78 -6.32
C ILE A 15 -0.72 -15.07 -7.79
N ALA A 16 -0.80 -14.01 -8.59
CA ALA A 16 -0.98 -14.13 -10.03
C ALA A 16 -0.54 -12.83 -10.70
N GLU A 17 -0.62 -12.78 -12.02
CA GLU A 17 -0.15 -11.63 -12.78
C GLU A 17 -0.90 -10.38 -12.31
N ASP A 18 -2.20 -10.34 -12.58
CA ASP A 18 -3.04 -9.21 -12.18
C ASP A 18 -3.91 -9.50 -10.96
N VAL A 19 -3.57 -10.53 -10.19
CA VAL A 19 -4.32 -10.87 -8.98
C VAL A 19 -3.48 -10.68 -7.70
N PHE A 20 -4.03 -9.93 -6.74
CA PHE A 20 -3.34 -9.67 -5.48
C PHE A 20 -4.19 -10.05 -4.25
N ASP A 21 -3.52 -10.63 -3.24
CA ASP A 21 -4.17 -11.07 -2.01
C ASP A 21 -3.72 -10.23 -0.81
N PHE A 22 -4.69 -9.67 -0.08
CA PHE A 22 -4.40 -8.78 1.05
C PHE A 22 -4.85 -9.32 2.40
N TRP A 23 -4.03 -9.10 3.42
CA TRP A 23 -4.42 -9.31 4.81
C TRP A 23 -4.37 -7.96 5.54
N ILE A 24 -5.53 -7.49 5.99
CA ILE A 24 -5.66 -6.12 6.49
C ILE A 24 -6.07 -6.06 7.95
N HIS A 25 -5.44 -5.17 8.71
CA HIS A 25 -5.68 -5.05 10.14
C HIS A 25 -6.91 -4.23 10.46
N SER A 26 -8.00 -4.92 10.81
CA SER A 26 -9.23 -4.26 11.22
C SER A 26 -9.97 -5.13 12.23
N PRO A 27 -9.68 -4.92 13.53
CA PRO A 27 -10.22 -5.75 14.63
C PRO A 27 -11.75 -5.85 14.62
N SER A 28 -12.43 -4.71 14.53
CA SER A 28 -13.89 -4.67 14.52
C SER A 28 -14.46 -5.46 13.35
N VAL A 29 -14.06 -5.10 12.13
CA VAL A 29 -14.56 -5.74 10.92
C VAL A 29 -14.28 -7.24 10.91
N SER A 30 -13.12 -7.63 11.45
CA SER A 30 -12.72 -9.03 11.46
C SER A 30 -13.53 -9.82 12.49
N LYS A 31 -13.90 -9.17 13.57
CA LYS A 31 -14.64 -9.79 14.65
C LYS A 31 -16.11 -9.95 14.30
N GLU A 32 -16.66 -8.96 13.60
CA GLU A 32 -18.09 -8.91 13.34
C GLU A 32 -18.44 -9.54 12.00
N ALA A 33 -17.46 -10.16 11.35
CA ALA A 33 -17.67 -10.67 10.00
C ALA A 33 -18.26 -12.07 9.98
N ARG A 34 -19.33 -12.23 9.19
CA ARG A 34 -19.97 -13.50 8.96
C ARG A 34 -19.71 -13.94 7.52
N PRO A 35 -19.67 -15.26 7.27
CA PRO A 35 -19.45 -15.76 5.91
C PRO A 35 -20.47 -15.22 4.91
N GLY A 36 -20.01 -14.79 3.74
CA GLY A 36 -20.91 -14.26 2.73
C GLY A 36 -20.93 -12.75 2.67
N GLN A 37 -20.39 -12.10 3.71
CA GLN A 37 -20.38 -10.65 3.79
C GLN A 37 -19.18 -10.02 3.10
N PHE A 38 -19.21 -8.70 2.96
CA PHE A 38 -18.14 -7.98 2.25
C PHE A 38 -17.86 -6.63 2.92
N VAL A 39 -16.86 -5.92 2.39
CA VAL A 39 -16.55 -4.57 2.84
C VAL A 39 -16.51 -3.60 1.66
N VAL A 40 -16.72 -2.33 1.95
CA VAL A 40 -16.55 -1.26 0.98
C VAL A 40 -15.37 -0.39 1.39
N ILE A 41 -14.43 -0.17 0.48
CA ILE A 41 -13.22 0.56 0.80
C ILE A 41 -13.03 1.83 -0.02
N ARG A 42 -12.21 2.73 0.52
CA ARG A 42 -11.75 3.91 -0.22
C ARG A 42 -10.27 4.12 0.11
N LEU A 43 -9.46 4.29 -0.93
CA LEU A 43 -8.00 4.34 -0.78
C LEU A 43 -7.48 5.71 -0.34
N HIS A 44 -7.90 6.75 -1.06
CA HIS A 44 -7.42 8.10 -0.80
C HIS A 44 -8.58 9.08 -0.72
N GLU A 45 -8.28 10.35 -0.45
CA GLU A 45 -9.33 11.35 -0.20
C GLU A 45 -10.15 11.66 -1.46
N LYS A 46 -9.51 11.59 -2.61
CA LYS A 46 -10.19 11.73 -3.89
C LYS A 46 -10.79 10.40 -4.32
N GLY A 47 -10.50 9.36 -3.55
CA GLY A 47 -10.83 8.00 -3.94
C GLY A 47 -12.31 7.71 -4.02
N GLU A 48 -12.61 6.52 -4.54
CA GLU A 48 -13.97 6.05 -4.70
C GLU A 48 -14.27 4.84 -3.84
N ARG A 49 -15.54 4.59 -3.59
CA ARG A 49 -15.96 3.45 -2.81
C ARG A 49 -16.12 2.22 -3.70
N ILE A 50 -15.40 1.15 -3.38
CA ILE A 50 -15.54 -0.10 -4.11
C ILE A 50 -15.73 -1.28 -3.16
N PRO A 51 -16.62 -2.22 -3.54
CA PRO A 51 -16.88 -3.39 -2.69
C PRO A 51 -15.91 -4.54 -2.94
N LEU A 52 -15.45 -5.17 -1.87
CA LEU A 52 -14.57 -6.33 -1.95
C LEU A 52 -14.91 -7.29 -0.82
N THR A 53 -14.84 -8.59 -1.10
CA THR A 53 -15.30 -9.60 -0.15
C THR A 53 -14.27 -9.89 0.95
N VAL A 54 -14.79 -10.21 2.14
CA VAL A 54 -13.98 -10.75 3.21
C VAL A 54 -13.73 -12.23 2.93
N ALA A 55 -12.46 -12.61 2.78
CA ALA A 55 -12.13 -13.98 2.39
C ALA A 55 -11.87 -14.87 3.61
N ASP A 56 -11.61 -14.23 4.75
CA ASP A 56 -11.30 -14.93 6.00
C ASP A 56 -11.08 -13.90 7.11
N THR A 57 -11.18 -14.33 8.36
CA THR A 57 -10.93 -13.43 9.49
C THR A 57 -10.20 -14.12 10.64
N LYS A 58 -9.33 -13.37 11.30
CA LYS A 58 -8.71 -13.81 12.55
C LYS A 58 -8.97 -12.77 13.63
N PRO A 59 -10.13 -12.86 14.29
CA PRO A 59 -10.62 -11.88 15.27
C PRO A 59 -9.65 -11.69 16.44
N GLU A 60 -8.97 -12.76 16.84
CA GLU A 60 -8.06 -12.71 17.97
C GLU A 60 -6.89 -11.78 17.67
N GLU A 61 -6.50 -11.74 16.40
CA GLU A 61 -5.44 -10.83 15.95
C GLU A 61 -6.03 -9.67 15.15
N GLY A 62 -7.33 -9.72 14.91
CA GLY A 62 -8.05 -8.63 14.25
C GLY A 62 -7.68 -8.40 12.80
N LEU A 63 -7.50 -9.47 12.04
CA LEU A 63 -7.14 -9.36 10.64
C LEU A 63 -8.22 -9.94 9.75
N PHE A 64 -8.34 -9.43 8.52
CA PHE A 64 -9.23 -10.04 7.54
C PHE A 64 -8.60 -10.14 6.15
N ARG A 65 -8.89 -11.24 5.47
CA ARG A 65 -8.30 -11.53 4.17
C ARG A 65 -9.18 -11.03 3.02
N MET A 66 -8.55 -10.56 1.97
CA MET A 66 -9.26 -10.15 0.77
C MET A 66 -8.37 -10.39 -0.46
N VAL A 67 -8.96 -10.97 -1.51
CA VAL A 67 -8.22 -11.22 -2.73
C VAL A 67 -8.82 -10.40 -3.86
N VAL A 68 -7.96 -9.68 -4.56
CA VAL A 68 -8.40 -8.69 -5.53
C VAL A 68 -7.85 -8.97 -6.93
N LYS A 69 -8.72 -8.85 -7.93
CA LYS A 69 -8.30 -8.87 -9.32
C LYS A 69 -8.16 -7.43 -9.83
N VAL A 70 -7.09 -7.17 -10.58
CA VAL A 70 -6.85 -5.84 -11.13
C VAL A 70 -7.52 -5.67 -12.49
N VAL A 71 -8.68 -5.01 -12.50
CA VAL A 71 -9.44 -4.79 -13.72
C VAL A 71 -9.46 -3.31 -14.08
N GLY A 72 -8.95 -2.48 -13.18
CA GLY A 72 -9.01 -1.04 -13.36
C GLY A 72 -8.26 -0.27 -12.29
N LYS A 73 -8.56 1.03 -12.20
CA LYS A 73 -7.79 1.96 -11.38
C LYS A 73 -7.64 1.60 -9.90
N THR A 74 -8.78 1.49 -9.21
CA THR A 74 -8.77 1.33 -7.76
C THR A 74 -8.14 0.02 -7.30
N THR A 75 -8.43 -1.07 -8.00
CA THR A 75 -7.83 -2.36 -7.67
C THR A 75 -6.33 -2.32 -7.94
N HIS A 76 -5.94 -1.66 -9.02
CA HIS A 76 -4.53 -1.42 -9.34
C HIS A 76 -3.79 -0.68 -8.23
N GLU A 77 -4.33 0.47 -7.85
CA GLU A 77 -3.73 1.30 -6.80
C GLU A 77 -3.61 0.55 -5.49
N LEU A 78 -4.61 -0.26 -5.18
CA LEU A 78 -4.58 -1.06 -3.96
C LEU A 78 -3.45 -2.09 -4.04
N SER A 79 -3.24 -2.65 -5.22
CA SER A 79 -2.16 -3.62 -5.44
C SER A 79 -0.80 -2.95 -5.33
N LEU A 80 -0.71 -1.68 -5.70
CA LEU A 80 0.56 -0.96 -5.68
C LEU A 80 0.89 -0.49 -4.26
N LYS A 81 -0.13 -0.46 -3.40
CA LYS A 81 0.06 -0.14 -2.00
C LYS A 81 1.00 -1.18 -1.39
N LYS A 82 1.82 -0.76 -0.43
CA LYS A 82 2.81 -1.66 0.13
C LYS A 82 2.51 -1.96 1.60
N GLU A 83 3.19 -2.97 2.14
CA GLU A 83 3.00 -3.37 3.53
C GLU A 83 3.31 -2.20 4.46
N GLY A 84 2.38 -1.92 5.37
CA GLY A 84 2.52 -0.80 6.27
C GLY A 84 1.61 0.34 5.89
N ASP A 85 1.22 0.38 4.61
CA ASP A 85 0.31 1.41 4.14
C ASP A 85 -1.10 1.18 4.69
N THR A 86 -1.87 2.24 4.80
CA THR A 86 -3.24 2.14 5.30
C THR A 86 -4.25 2.45 4.21
N ILE A 87 -5.41 1.80 4.29
CA ILE A 87 -6.53 2.16 3.44
C ILE A 87 -7.36 3.19 4.16
N LEU A 88 -7.74 4.26 3.46
CA LEU A 88 -8.38 5.41 4.10
C LEU A 88 -9.71 5.06 4.74
N ASP A 89 -10.57 4.39 4.00
CA ASP A 89 -11.88 3.99 4.51
C ASP A 89 -12.10 2.50 4.36
N VAL A 90 -12.52 1.85 5.45
CA VAL A 90 -12.95 0.47 5.41
C VAL A 90 -14.26 0.31 6.18
N VAL A 91 -15.33 0.03 5.47
CA VAL A 91 -16.64 -0.13 6.09
C VAL A 91 -17.13 -1.55 5.90
N GLY A 92 -17.62 -2.15 6.98
CA GLY A 92 -18.11 -3.51 6.93
C GLY A 92 -18.34 -4.07 8.32
N PRO A 93 -18.79 -5.33 8.39
CA PRO A 93 -19.07 -6.18 7.24
C PRO A 93 -20.44 -5.89 6.65
N LEU A 94 -20.54 -5.78 5.34
CA LEU A 94 -21.80 -5.46 4.69
C LEU A 94 -22.39 -6.68 4.00
N GLY A 95 -23.69 -6.61 3.70
CA GLY A 95 -24.40 -7.71 3.07
C GLY A 95 -24.92 -8.72 4.08
N ASN A 96 -25.77 -9.62 3.60
CA ASN A 96 -26.36 -10.66 4.44
C ASN A 96 -25.48 -11.91 4.44
N PRO A 97 -25.23 -12.48 5.63
CA PRO A 97 -24.41 -13.69 5.78
C PRO A 97 -24.99 -14.87 5.04
N SER A 98 -24.16 -15.87 4.73
CA SER A 98 -24.64 -17.06 4.06
C SER A 98 -25.54 -17.84 5.01
N GLU A 99 -26.46 -18.63 4.46
CA GLU A 99 -27.30 -19.48 5.29
C GLU A 99 -26.63 -20.82 5.52
N ILE A 100 -26.10 -21.01 6.73
CA ILE A 100 -25.20 -22.13 7.01
C ILE A 100 -25.81 -23.15 7.94
N GLU A 101 -26.12 -24.33 7.42
CA GLU A 101 -26.57 -25.44 8.25
C GLU A 101 -25.85 -26.75 7.89
N ASN A 102 -26.32 -27.86 8.46
CA ASN A 102 -25.74 -29.16 8.16
C ASN A 102 -26.58 -29.96 7.16
N TYR A 103 -26.49 -29.57 5.90
CA TYR A 103 -27.40 -30.04 4.87
C TYR A 103 -27.15 -31.48 4.41
N GLY A 104 -25.94 -31.73 3.90
CA GLY A 104 -25.64 -32.98 3.24
C GLY A 104 -24.43 -32.84 2.33
N ASN A 105 -24.53 -33.38 1.12
CA ASN A 105 -23.43 -33.25 0.16
C ASN A 105 -23.59 -31.98 -0.67
N VAL A 106 -22.56 -31.14 -0.63
CA VAL A 106 -22.61 -29.80 -1.22
C VAL A 106 -21.56 -29.60 -2.31
N LEU A 107 -21.97 -29.00 -3.42
CA LEU A 107 -21.07 -28.69 -4.52
C LEU A 107 -20.76 -27.21 -4.55
N LEU A 108 -19.48 -26.86 -4.66
CA LEU A 108 -19.08 -25.47 -4.72
C LEU A 108 -18.31 -25.19 -5.99
N VAL A 109 -18.64 -24.09 -6.67
CA VAL A 109 -17.98 -23.74 -7.91
C VAL A 109 -17.50 -22.30 -7.82
N GLY A 110 -16.25 -22.05 -8.19
CA GLY A 110 -15.70 -20.73 -8.13
C GLY A 110 -14.72 -20.39 -9.24
N GLY A 111 -14.60 -19.10 -9.55
CA GLY A 111 -13.69 -18.64 -10.58
C GLY A 111 -12.63 -17.69 -10.03
N GLY A 112 -11.42 -17.79 -10.57
CA GLY A 112 -10.27 -17.00 -10.14
C GLY A 112 -10.25 -16.33 -8.78
N VAL A 113 -10.81 -15.12 -8.72
CA VAL A 113 -10.86 -14.35 -7.48
C VAL A 113 -12.14 -14.62 -6.70
N GLY A 114 -13.21 -14.96 -7.42
CA GLY A 114 -14.46 -15.32 -6.77
C GLY A 114 -14.30 -16.54 -5.88
N ILE A 115 -13.23 -17.30 -6.11
CA ILE A 115 -12.90 -18.44 -5.25
C ILE A 115 -12.65 -17.97 -3.83
N ALA A 116 -12.00 -16.82 -3.70
CA ALA A 116 -11.74 -16.22 -2.40
C ALA A 116 -13.05 -15.98 -1.66
N THR A 117 -14.04 -15.49 -2.40
CA THR A 117 -15.37 -15.25 -1.85
C THR A 117 -16.01 -16.59 -1.51
N LEU A 118 -15.71 -17.59 -2.34
CA LEU A 118 -16.28 -18.92 -2.19
C LEU A 118 -15.63 -19.69 -1.02
N TYR A 119 -14.51 -19.18 -0.53
CA TYR A 119 -13.76 -19.88 0.52
C TYR A 119 -14.40 -19.90 1.92
N PRO A 120 -14.78 -18.73 2.47
CA PRO A 120 -15.31 -18.78 3.84
C PRO A 120 -16.66 -19.49 3.91
N ILE A 121 -17.35 -19.55 2.79
CA ILE A 121 -18.58 -20.33 2.67
C ILE A 121 -18.25 -21.81 2.86
N ALA A 122 -17.26 -22.27 2.09
CA ALA A 122 -16.76 -23.64 2.18
C ALA A 122 -16.40 -24.03 3.61
N LYS A 123 -15.55 -23.22 4.22
CA LYS A 123 -15.14 -23.43 5.62
C LYS A 123 -16.35 -23.49 6.55
N ALA A 124 -17.28 -22.56 6.35
CA ALA A 124 -18.49 -22.49 7.16
C ALA A 124 -19.39 -23.70 6.94
N LEU A 125 -19.47 -24.16 5.70
CA LEU A 125 -20.23 -25.37 5.38
C LEU A 125 -19.56 -26.57 6.05
N LYS A 126 -18.24 -26.59 5.97
CA LYS A 126 -17.45 -27.64 6.60
C LYS A 126 -17.41 -27.44 8.11
N GLU A 127 -17.69 -26.21 8.55
CA GLU A 127 -17.79 -25.91 9.97
C GLU A 127 -19.11 -26.45 10.50
N ALA A 128 -20.07 -26.64 9.59
CA ALA A 128 -21.38 -27.15 9.96
C ALA A 128 -21.47 -28.65 9.68
N GLY A 129 -20.40 -29.23 9.14
CA GLY A 129 -20.34 -30.67 8.92
C GLY A 129 -20.81 -31.15 7.57
N ASN A 130 -20.68 -30.32 6.54
CA ASN A 130 -21.06 -30.72 5.18
C ASN A 130 -19.93 -31.45 4.46
N ASN A 131 -20.29 -32.40 3.61
CA ASN A 131 -19.31 -33.07 2.76
C ASN A 131 -19.25 -32.40 1.40
N ILE A 132 -18.14 -31.75 1.11
CA ILE A 132 -18.03 -30.84 -0.02
C ILE A 132 -17.25 -31.40 -1.21
N THR A 133 -17.70 -31.04 -2.41
CA THR A 133 -16.95 -31.27 -3.63
C THR A 133 -16.76 -29.92 -4.30
N THR A 134 -15.52 -29.49 -4.42
CA THR A 134 -15.23 -28.14 -4.88
C THR A 134 -14.64 -28.13 -6.29
N VAL A 135 -15.07 -27.16 -7.09
CA VAL A 135 -14.58 -27.00 -8.45
C VAL A 135 -13.84 -25.68 -8.61
N LEU A 136 -12.58 -25.74 -9.04
CA LEU A 136 -11.73 -24.56 -9.18
C LEU A 136 -11.30 -24.24 -10.61
N GLY A 137 -11.70 -23.06 -11.06
CA GLY A 137 -11.34 -22.56 -12.37
C GLY A 137 -10.57 -21.25 -12.21
N ALA A 138 -9.86 -20.86 -13.25
CA ALA A 138 -9.02 -19.68 -13.18
C ALA A 138 -8.78 -19.09 -14.57
N ARG A 139 -8.03 -18.00 -14.62
CA ARG A 139 -7.68 -17.36 -15.89
C ARG A 139 -6.72 -18.25 -16.66
N THR A 140 -5.77 -18.85 -15.94
CA THR A 140 -4.77 -19.70 -16.56
C THR A 140 -4.39 -20.83 -15.59
N LYS A 141 -3.19 -21.38 -15.74
CA LYS A 141 -2.70 -22.44 -14.86
C LYS A 141 -1.93 -21.85 -13.68
N ASP A 142 -0.61 -21.82 -13.77
CA ASP A 142 0.19 -21.25 -12.69
C ASP A 142 0.70 -19.87 -13.07
N TYR A 143 0.33 -19.44 -14.27
CA TYR A 143 0.61 -18.07 -14.73
C TYR A 143 -0.34 -17.14 -14.00
N LEU A 144 -1.61 -17.56 -13.97
CA LEU A 144 -2.63 -16.99 -13.09
C LEU A 144 -3.20 -18.18 -12.33
N ILE A 145 -2.93 -18.22 -11.03
CA ILE A 145 -3.19 -19.43 -10.25
C ILE A 145 -4.41 -19.34 -9.34
N MET A 146 -4.95 -20.51 -9.04
CA MET A 146 -6.08 -20.64 -8.13
C MET A 146 -5.60 -21.34 -6.86
N VAL A 147 -6.14 -20.93 -5.73
CA VAL A 147 -5.64 -21.39 -4.44
C VAL A 147 -6.01 -22.84 -4.13
N ASP A 148 -5.02 -23.73 -4.18
CA ASP A 148 -5.24 -25.15 -3.94
C ASP A 148 -5.22 -25.43 -2.45
N GLU A 149 -4.32 -24.74 -1.75
CA GLU A 149 -4.14 -24.89 -0.31
C GLU A 149 -5.40 -24.60 0.50
N PHE A 150 -6.34 -23.87 -0.10
CA PHE A 150 -7.62 -23.64 0.55
C PHE A 150 -8.51 -24.87 0.53
N LYS A 151 -8.87 -25.30 -0.67
CA LYS A 151 -9.87 -26.35 -0.84
C LYS A 151 -9.40 -27.75 -0.45
N GLU A 152 -8.25 -28.16 -0.97
CA GLU A 152 -7.76 -29.51 -0.70
C GLU A 152 -7.56 -29.76 0.80
N ILE A 153 -7.23 -28.71 1.54
CA ILE A 153 -7.10 -28.80 2.98
C ILE A 153 -8.50 -28.80 3.61
N SER A 154 -9.45 -28.16 2.94
CA SER A 154 -10.80 -28.04 3.47
C SER A 154 -11.78 -29.09 2.93
N ASP A 155 -11.46 -29.70 1.79
CA ASP A 155 -12.34 -30.71 1.20
C ASP A 155 -11.69 -31.45 0.02
N VAL A 156 -12.48 -32.34 -0.60
CA VAL A 156 -12.05 -33.03 -1.80
C VAL A 156 -12.28 -32.12 -3.01
N LEU A 157 -11.20 -31.83 -3.72
CA LEU A 157 -11.22 -30.81 -4.77
C LEU A 157 -11.04 -31.37 -6.17
N LEU A 158 -11.89 -30.91 -7.09
CA LEU A 158 -11.73 -31.24 -8.50
C LEU A 158 -11.30 -29.97 -9.22
N VAL A 159 -10.11 -30.01 -9.82
CA VAL A 159 -9.56 -28.85 -10.49
C VAL A 159 -9.99 -28.76 -11.94
N THR A 160 -10.63 -27.65 -12.31
CA THR A 160 -11.11 -27.48 -13.67
C THR A 160 -10.40 -26.31 -14.33
N ASP A 161 -9.19 -26.57 -14.81
CA ASP A 161 -8.38 -25.56 -15.47
C ASP A 161 -8.85 -25.34 -16.89
N ASP A 162 -8.27 -24.35 -17.56
CA ASP A 162 -8.59 -24.05 -18.95
C ASP A 162 -7.60 -24.76 -19.86
N GLY A 163 -7.18 -25.95 -19.46
CA GLY A 163 -6.21 -26.72 -20.23
C GLY A 163 -5.07 -27.32 -19.42
N SER A 164 -5.34 -27.63 -18.15
CA SER A 164 -4.33 -28.30 -17.32
C SER A 164 -4.93 -29.45 -16.51
N ALA A 165 -4.69 -29.44 -15.20
CA ALA A 165 -5.14 -30.51 -14.31
C ALA A 165 -6.66 -30.65 -14.30
N GLY A 166 -7.14 -31.88 -14.10
CA GLY A 166 -8.57 -32.12 -14.11
C GLY A 166 -9.06 -31.91 -15.53
N MET A 167 -10.37 -31.70 -15.69
CA MET A 167 -10.92 -31.43 -17.01
C MET A 167 -10.32 -30.12 -17.56
N LYS A 168 -10.61 -29.80 -18.81
CA LYS A 168 -9.95 -28.69 -19.45
C LYS A 168 -10.93 -27.66 -20.00
N GLY A 169 -11.02 -26.52 -19.32
CA GLY A 169 -11.95 -25.48 -19.72
C GLY A 169 -12.93 -25.08 -18.64
N VAL A 170 -14.10 -24.63 -19.09
CA VAL A 170 -15.14 -24.06 -18.23
C VAL A 170 -15.54 -25.02 -17.11
N VAL A 171 -15.82 -24.45 -15.93
CA VAL A 171 -16.16 -25.23 -14.74
C VAL A 171 -17.54 -25.86 -14.77
N THR A 172 -18.42 -25.36 -15.63
CA THR A 172 -19.75 -25.95 -15.77
C THR A 172 -19.64 -27.35 -16.36
N ASP A 173 -18.55 -27.60 -17.07
CA ASP A 173 -18.28 -28.91 -17.64
C ASP A 173 -17.94 -29.91 -16.54
N ALA A 174 -17.31 -29.41 -15.48
CA ALA A 174 -16.95 -30.25 -14.34
C ALA A 174 -18.18 -30.57 -13.49
N MET A 175 -19.11 -29.62 -13.41
CA MET A 175 -20.38 -29.87 -12.75
C MET A 175 -21.17 -30.86 -13.60
N ASP A 176 -21.02 -30.73 -14.91
CA ASP A 176 -21.68 -31.58 -15.88
C ASP A 176 -21.23 -33.03 -15.73
N LYS A 177 -19.95 -33.21 -15.39
CA LYS A 177 -19.39 -34.55 -15.31
C LYS A 177 -19.58 -35.19 -13.93
N LEU A 178 -20.56 -34.69 -13.17
CA LEU A 178 -21.02 -35.41 -12.00
C LEU A 178 -21.74 -36.68 -12.46
N PHE A 179 -22.86 -36.48 -13.14
CA PHE A 179 -23.55 -37.54 -13.87
C PHE A 179 -23.79 -38.84 -13.08
N ARG A 180 -22.77 -39.69 -13.07
CA ARG A 180 -22.89 -41.00 -12.43
C ARG A 180 -22.99 -40.92 -10.91
N GLU A 181 -22.12 -40.10 -10.31
CA GLU A 181 -22.03 -40.01 -8.86
C GLU A 181 -23.01 -38.98 -8.30
N ARG A 182 -22.65 -37.71 -8.44
CA ARG A 182 -23.47 -36.57 -8.05
C ARG A 182 -23.82 -36.53 -6.56
N LYS A 183 -24.70 -35.59 -6.21
CA LYS A 183 -24.99 -35.28 -4.81
C LYS A 183 -26.36 -34.63 -4.64
N PHE A 184 -26.76 -34.43 -3.39
CA PHE A 184 -28.14 -34.05 -3.06
C PHE A 184 -28.41 -32.58 -2.69
N ASP A 185 -28.89 -31.84 -3.68
CA ASP A 185 -29.52 -30.52 -3.51
C ASP A 185 -28.77 -29.27 -3.04
N ILE A 186 -27.47 -29.11 -3.30
CA ILE A 186 -26.90 -27.75 -3.25
C ILE A 186 -25.71 -27.53 -4.17
N CYS A 187 -25.72 -26.38 -4.84
CA CYS A 187 -24.62 -25.94 -5.68
C CYS A 187 -24.37 -24.45 -5.44
N TRP A 188 -23.10 -24.05 -5.45
CA TRP A 188 -22.75 -22.64 -5.27
C TRP A 188 -21.87 -22.11 -6.40
N ALA A 189 -22.16 -20.90 -6.84
CA ALA A 189 -21.41 -20.28 -7.93
C ALA A 189 -20.93 -18.88 -7.57
N VAL A 190 -19.61 -18.70 -7.54
CA VAL A 190 -19.04 -17.39 -7.31
C VAL A 190 -17.93 -17.11 -8.32
N GLY A 191 -18.13 -16.09 -9.14
CA GLY A 191 -17.17 -15.71 -10.15
C GLY A 191 -17.73 -14.53 -10.91
N PRO A 192 -17.23 -14.32 -12.15
CA PRO A 192 -17.84 -13.32 -13.04
C PRO A 192 -19.31 -13.66 -13.24
N THR A 193 -20.12 -12.70 -13.65
CA THR A 193 -21.57 -12.93 -13.73
C THR A 193 -21.91 -14.01 -14.76
N ILE A 194 -21.10 -14.11 -15.81
CA ILE A 194 -21.32 -15.10 -16.85
C ILE A 194 -21.23 -16.52 -16.28
N MET A 195 -20.20 -16.77 -15.46
CA MET A 195 -20.00 -18.09 -14.91
C MET A 195 -21.11 -18.44 -13.93
N MET A 196 -21.50 -17.47 -13.10
CA MET A 196 -22.54 -17.69 -12.11
C MET A 196 -23.86 -17.91 -12.83
N LYS A 197 -23.99 -17.32 -14.01
CA LYS A 197 -25.20 -17.47 -14.82
C LYS A 197 -25.30 -18.91 -15.31
N PHE A 198 -24.15 -19.46 -15.70
CA PHE A 198 -24.09 -20.78 -16.31
C PHE A 198 -24.24 -21.87 -15.26
N CYS A 199 -23.56 -21.71 -14.13
CA CYS A 199 -23.70 -22.65 -13.03
C CYS A 199 -25.15 -22.69 -12.55
N THR A 200 -25.86 -21.59 -12.73
CA THR A 200 -27.30 -21.56 -12.53
C THR A 200 -27.97 -22.34 -13.64
N LEU A 201 -27.50 -22.12 -14.87
CA LEU A 201 -28.03 -22.79 -16.06
C LEU A 201 -27.69 -24.28 -16.07
N LYS A 202 -27.08 -24.74 -14.97
CA LYS A 202 -26.91 -26.16 -14.71
C LYS A 202 -28.28 -26.81 -14.49
N ALA A 203 -29.31 -25.96 -14.48
CA ALA A 203 -30.73 -26.32 -14.29
C ALA A 203 -31.11 -27.78 -14.56
N ARG A 204 -30.48 -28.40 -15.56
CA ARG A 204 -30.62 -29.84 -15.77
C ARG A 204 -30.29 -30.56 -14.47
N GLU A 205 -29.06 -30.39 -13.98
CA GLU A 205 -28.67 -30.79 -12.64
C GLU A 205 -29.05 -32.22 -12.27
N PHE A 206 -29.43 -32.37 -11.01
CA PHE A 206 -30.05 -33.58 -10.49
C PHE A 206 -31.25 -33.11 -9.68
N GLY A 207 -31.58 -31.84 -9.91
CA GLY A 207 -32.61 -31.13 -9.17
C GLY A 207 -32.01 -30.50 -7.92
N VAL A 208 -30.84 -29.91 -8.11
CA VAL A 208 -30.10 -29.24 -7.03
C VAL A 208 -30.19 -27.72 -7.22
N PRO A 209 -30.59 -27.00 -6.15
CA PRO A 209 -30.72 -25.55 -6.19
C PRO A 209 -29.41 -24.79 -5.95
N ILE A 210 -29.27 -23.65 -6.60
CA ILE A 210 -28.01 -22.90 -6.57
C ILE A 210 -28.05 -21.66 -5.70
N TRP A 211 -27.03 -21.50 -4.87
CA TRP A 211 -26.77 -20.21 -4.23
C TRP A 211 -25.68 -19.48 -5.02
N VAL A 212 -25.87 -18.18 -5.22
CA VAL A 212 -24.97 -17.39 -6.04
C VAL A 212 -24.60 -16.07 -5.34
N SER A 213 -23.35 -15.65 -5.46
CA SER A 213 -22.91 -14.38 -4.86
C SER A 213 -22.75 -13.29 -5.91
N LEU A 214 -23.76 -12.43 -6.03
CA LEU A 214 -23.82 -11.42 -7.08
C LEU A 214 -22.79 -10.30 -6.89
N ASN A 215 -22.42 -9.65 -7.98
CA ASN A 215 -21.42 -8.58 -7.94
C ASN A 215 -21.82 -7.34 -8.74
N PRO A 216 -22.90 -6.65 -8.31
CA PRO A 216 -23.31 -5.44 -9.03
C PRO A 216 -22.51 -4.20 -8.61
N ILE A 217 -22.84 -3.06 -9.22
CA ILE A 217 -22.20 -1.80 -8.87
C ILE A 217 -22.73 -1.26 -7.55
N MET A 218 -21.82 -0.89 -6.64
CA MET A 218 -22.21 -0.39 -5.34
C MET A 218 -21.59 0.97 -5.04
N VAL A 219 -22.29 1.78 -4.26
CA VAL A 219 -21.80 3.09 -3.85
C VAL A 219 -21.65 3.15 -2.34
N ASP A 220 -22.77 3.17 -1.62
CA ASP A 220 -22.73 3.22 -0.17
C ASP A 220 -22.53 1.82 0.40
N GLY A 221 -23.29 0.85 -0.13
CA GLY A 221 -23.24 -0.51 0.36
C GLY A 221 -24.10 -0.71 1.59
N THR A 222 -24.89 0.31 1.94
CA THR A 222 -25.73 0.26 3.12
C THR A 222 -27.22 0.23 2.77
N GLY A 223 -27.53 0.21 1.48
CA GLY A 223 -28.92 0.12 1.05
C GLY A 223 -29.59 1.48 1.01
N MET A 224 -28.81 2.51 0.69
CA MET A 224 -29.31 3.88 0.74
C MET A 224 -29.55 4.51 -0.63
N CYS A 225 -29.14 3.87 -1.72
CA CYS A 225 -29.28 4.49 -3.04
C CYS A 225 -29.91 3.57 -4.08
N GLY A 226 -29.44 2.34 -4.17
CA GLY A 226 -30.04 1.38 -5.09
C GLY A 226 -29.19 1.10 -6.32
N ALA A 227 -27.92 1.49 -6.26
CA ALA A 227 -26.98 1.21 -7.33
C ALA A 227 -26.86 -0.28 -7.60
N CYS A 228 -26.93 -1.06 -6.52
CA CYS A 228 -26.74 -2.51 -6.58
C CYS A 228 -28.05 -3.22 -6.92
N ARG A 229 -28.96 -2.49 -7.53
CA ARG A 229 -30.30 -2.97 -7.84
C ARG A 229 -30.31 -4.28 -8.62
N VAL A 230 -31.07 -5.25 -8.11
CA VAL A 230 -31.21 -6.56 -8.75
C VAL A 230 -32.67 -6.99 -8.77
N THR A 231 -33.09 -7.63 -9.85
CA THR A 231 -34.44 -8.19 -9.94
C THR A 231 -34.42 -9.68 -9.59
N VAL A 232 -34.88 -10.01 -8.40
CA VAL A 232 -34.95 -11.40 -7.96
C VAL A 232 -36.38 -11.89 -8.16
N SER A 233 -36.51 -13.05 -8.80
CA SER A 233 -37.78 -13.51 -9.34
C SER A 233 -38.33 -12.42 -10.27
N GLY A 234 -39.39 -11.75 -9.83
CA GLY A 234 -39.94 -10.64 -10.58
C GLY A 234 -39.77 -9.32 -9.86
N GLN A 235 -39.29 -9.39 -8.62
CA GLN A 235 -39.30 -8.24 -7.72
C GLN A 235 -37.89 -7.67 -7.53
N ILE A 236 -37.82 -6.40 -7.13
CA ILE A 236 -36.55 -5.68 -6.99
C ILE A 236 -35.92 -5.84 -5.61
N LYS A 237 -34.66 -6.27 -5.60
CA LYS A 237 -33.91 -6.46 -4.36
C LYS A 237 -32.60 -5.67 -4.41
N PHE A 238 -32.09 -5.28 -3.25
CA PHE A 238 -30.78 -4.62 -3.15
C PHE A 238 -29.73 -5.60 -2.63
N ALA A 239 -28.74 -5.91 -3.46
CA ALA A 239 -27.77 -6.95 -3.14
C ALA A 239 -26.86 -6.58 -1.96
N CYS A 240 -26.82 -5.31 -1.58
CA CYS A 240 -25.99 -4.92 -0.46
C CYS A 240 -26.71 -5.16 0.87
N VAL A 241 -28.04 -5.03 0.85
CA VAL A 241 -28.83 -5.30 2.05
C VAL A 241 -29.53 -6.66 2.00
N ASP A 242 -30.20 -6.94 0.89
CA ASP A 242 -30.92 -8.20 0.72
C ASP A 242 -29.98 -9.34 0.31
N GLY A 243 -28.87 -8.99 -0.34
CA GLY A 243 -27.90 -9.98 -0.78
C GLY A 243 -26.63 -10.00 0.06
N PRO A 244 -25.46 -10.16 -0.58
CA PRO A 244 -25.26 -10.28 -2.04
C PRO A 244 -25.63 -11.66 -2.59
N GLU A 245 -25.75 -12.64 -1.72
CA GLU A 245 -26.06 -14.00 -2.15
C GLU A 245 -27.56 -14.21 -2.34
N PHE A 246 -27.92 -14.72 -3.51
CA PHE A 246 -29.29 -15.09 -3.81
C PHE A 246 -29.37 -16.50 -4.38
N ARG A 247 -30.57 -16.93 -4.72
CA ARG A 247 -30.78 -18.18 -5.42
C ARG A 247 -30.72 -17.93 -6.92
N GLY A 248 -29.77 -18.58 -7.60
CA GLY A 248 -29.50 -18.31 -9.00
C GLY A 248 -30.70 -18.42 -9.92
N GLU A 249 -31.65 -19.27 -9.56
CA GLU A 249 -32.84 -19.48 -10.38
C GLU A 249 -33.65 -18.20 -10.46
N GLU A 250 -33.67 -17.49 -9.34
CA GLU A 250 -34.48 -16.27 -9.19
C GLU A 250 -33.74 -15.03 -9.66
N VAL A 251 -32.44 -15.18 -9.87
CA VAL A 251 -31.60 -14.05 -10.30
C VAL A 251 -31.85 -13.72 -11.76
N ASP A 252 -32.00 -12.43 -12.05
CA ASP A 252 -32.08 -11.97 -13.44
C ASP A 252 -30.67 -11.67 -13.91
N TRP A 253 -30.17 -12.52 -14.79
CA TRP A 253 -28.76 -12.50 -15.17
C TRP A 253 -28.46 -11.53 -16.30
N ASP A 254 -29.35 -11.48 -17.28
CA ASP A 254 -29.14 -10.63 -18.45
C ASP A 254 -29.16 -9.15 -18.04
N GLU A 255 -30.06 -8.81 -17.14
CA GLU A 255 -30.16 -7.43 -16.67
C GLU A 255 -28.98 -7.04 -15.78
N LEU A 256 -28.47 -7.99 -15.01
CA LEU A 256 -27.29 -7.75 -14.18
C LEU A 256 -26.06 -7.55 -15.05
N LEU A 257 -25.94 -8.39 -16.08
CA LEU A 257 -24.84 -8.28 -17.03
C LEU A 257 -24.88 -6.91 -17.71
N LYS A 258 -26.07 -6.51 -18.09
CA LYS A 258 -26.29 -5.20 -18.71
C LYS A 258 -25.92 -4.05 -17.78
N ARG A 259 -26.18 -4.21 -16.49
CA ARG A 259 -25.93 -3.16 -15.50
C ARG A 259 -24.46 -3.08 -15.05
N LEU A 260 -23.72 -4.19 -15.20
CA LEU A 260 -22.31 -4.18 -14.82
C LEU A 260 -21.48 -3.48 -15.89
N ALA A 261 -22.07 -3.27 -17.05
CA ALA A 261 -21.42 -2.57 -18.15
C ALA A 261 -21.95 -1.14 -18.26
N GLN A 262 -22.74 -0.74 -17.27
CA GLN A 262 -23.44 0.55 -17.29
C GLN A 262 -22.48 1.73 -17.39
N TYR A 263 -21.37 1.66 -16.66
CA TYR A 263 -20.30 2.64 -16.81
C TYR A 263 -19.10 1.98 -17.52
N ARG A 264 -18.96 2.17 -18.82
CA ARG A 264 -17.75 1.66 -19.50
C ARG A 264 -16.76 2.75 -19.85
N GLU A 265 -17.12 4.00 -19.55
CA GLU A 265 -16.25 5.16 -19.79
C GLU A 265 -15.17 5.27 -18.71
N GLN A 266 -15.32 4.45 -17.69
CA GLN A 266 -14.42 4.40 -16.54
C GLN A 266 -12.97 4.09 -16.90
N GLU A 267 -12.75 3.60 -18.11
CA GLU A 267 -11.40 3.34 -18.63
C GLU A 267 -10.52 4.60 -18.65
N LYS A 268 -11.15 5.76 -18.71
CA LYS A 268 -10.43 7.04 -18.69
C LYS A 268 -9.54 7.23 -17.47
N ILE A 269 -10.06 6.92 -16.28
CA ILE A 269 -9.29 7.13 -15.06
C ILE A 269 -8.21 6.07 -14.91
N SER A 270 -8.34 4.98 -15.67
CA SER A 270 -7.30 3.97 -15.72
C SER A 270 -6.11 4.48 -16.54
N TYR A 271 -6.42 5.19 -17.63
CA TYR A 271 -5.38 5.68 -18.54
C TYR A 271 -4.55 6.80 -17.93
N GLU A 272 -5.21 7.78 -17.32
CA GLU A 272 -4.49 8.87 -16.68
C GLU A 272 -3.62 8.33 -15.54
N ARG A 273 -4.07 7.23 -14.95
CA ARG A 273 -3.32 6.60 -13.87
C ARG A 273 -2.15 5.76 -14.39
N PHE A 274 -2.34 5.15 -15.55
CA PHE A 274 -1.39 4.16 -16.08
C PHE A 274 -0.17 4.87 -16.66
N LEU A 275 -0.31 6.16 -16.90
CA LEU A 275 0.78 7.00 -17.37
C LEU A 275 1.79 7.18 -16.24
N LYS A 276 1.33 6.96 -15.02
CA LYS A 276 2.13 7.19 -13.82
C LYS A 276 2.36 5.91 -13.04
N MET B 1 -45.07 46.71 -4.82
CA MET B 1 -45.11 48.16 -4.75
C MET B 1 -43.87 48.75 -4.08
N LYS B 2 -43.98 49.02 -2.78
CA LYS B 2 -42.93 49.72 -2.05
C LYS B 2 -41.87 48.80 -1.44
N ASN B 3 -42.10 48.39 -0.20
CA ASN B 3 -41.07 47.74 0.61
C ASN B 3 -40.75 46.31 0.22
N ARG B 4 -39.64 46.15 -0.50
CA ARG B 4 -39.16 44.85 -0.93
C ARG B 4 -37.86 44.53 -0.19
N LYS B 5 -37.36 43.31 -0.34
CA LYS B 5 -36.09 42.93 0.29
C LYS B 5 -34.86 43.63 -0.31
N THR B 6 -33.83 43.79 0.51
CA THR B 6 -32.54 44.32 0.07
C THR B 6 -31.80 43.31 -0.79
N PRO B 7 -31.36 43.73 -1.98
CA PRO B 7 -30.65 42.80 -2.87
C PRO B 7 -29.31 42.37 -2.30
N MET B 8 -28.94 41.12 -2.55
CA MET B 8 -27.66 40.56 -2.13
C MET B 8 -26.88 40.07 -3.34
N LYS B 9 -25.55 40.05 -3.23
CA LYS B 9 -24.72 39.56 -4.31
C LYS B 9 -25.10 38.12 -4.63
N GLU B 10 -25.33 37.84 -5.91
CA GLU B 10 -25.57 36.47 -6.35
C GLU B 10 -24.85 36.16 -7.66
N GLN B 11 -24.51 34.89 -7.83
CA GLN B 11 -23.90 34.41 -9.07
C GLN B 11 -24.81 34.60 -10.27
N SER B 12 -24.24 34.97 -11.41
CA SER B 12 -25.02 35.11 -12.63
C SER B 12 -25.43 33.72 -13.10
N PRO B 13 -26.69 33.58 -13.53
CA PRO B 13 -27.27 32.30 -13.94
C PRO B 13 -26.44 31.56 -14.99
N GLU B 14 -25.92 32.30 -15.96
CA GLU B 14 -25.16 31.71 -17.06
C GLU B 14 -23.78 31.21 -16.62
N SER B 15 -23.18 31.88 -15.64
CA SER B 15 -21.87 31.47 -15.15
C SER B 15 -21.94 30.35 -14.12
N ARG B 16 -22.98 30.39 -13.28
CA ARG B 16 -23.10 29.41 -12.21
C ARG B 16 -23.70 28.09 -12.65
N ARG B 17 -24.34 28.09 -13.83
CA ARG B 17 -24.98 26.89 -14.34
C ARG B 17 -24.02 25.73 -14.62
N ARG B 18 -22.73 26.02 -14.72
CA ARG B 18 -21.76 24.97 -15.05
C ARG B 18 -20.77 24.68 -13.91
N ASN B 19 -20.91 25.36 -12.78
CA ASN B 19 -20.01 25.14 -11.64
C ASN B 19 -20.79 25.05 -10.32
N PHE B 20 -20.14 24.55 -9.28
CA PHE B 20 -20.83 24.30 -8.02
C PHE B 20 -20.62 25.33 -6.91
N GLU B 21 -20.08 26.50 -7.24
CA GLU B 21 -19.92 27.53 -6.22
C GLU B 21 -21.29 28.04 -5.79
N GLU B 22 -21.37 28.52 -4.55
CA GLU B 22 -22.64 28.95 -3.97
C GLU B 22 -23.28 30.09 -4.76
N VAL B 23 -24.60 30.01 -4.94
CA VAL B 23 -25.33 31.01 -5.72
C VAL B 23 -25.55 32.28 -4.90
N ALA B 24 -26.11 32.12 -3.70
CA ALA B 24 -26.31 33.26 -2.81
C ALA B 24 -25.01 33.55 -2.07
N LEU B 25 -24.44 34.73 -2.31
CA LEU B 25 -23.10 35.04 -1.85
C LEU B 25 -23.07 35.56 -0.42
N GLY B 26 -24.19 36.09 0.04
CA GLY B 26 -24.30 36.57 1.41
C GLY B 26 -24.19 38.08 1.52
N TYR B 27 -24.88 38.63 2.52
CA TYR B 27 -24.86 40.06 2.79
C TYR B 27 -23.47 40.58 3.16
N THR B 28 -23.15 41.79 2.70
CA THR B 28 -22.09 42.58 3.31
C THR B 28 -22.65 43.18 4.58
N LEU B 29 -21.79 43.72 5.43
CA LEU B 29 -22.23 44.28 6.71
C LEU B 29 -23.22 45.42 6.53
N GLU B 30 -22.94 46.32 5.61
CA GLU B 30 -23.81 47.47 5.37
C GLU B 30 -25.16 47.01 4.83
N GLU B 31 -25.15 45.95 4.02
CA GLU B 31 -26.38 45.38 3.50
C GLU B 31 -27.22 44.76 4.61
N ALA B 32 -26.56 44.03 5.49
CA ALA B 32 -27.23 43.45 6.66
C ALA B 32 -27.83 44.54 7.54
N LEU B 33 -27.12 45.66 7.67
CA LEU B 33 -27.60 46.80 8.45
C LEU B 33 -28.80 47.47 7.78
N GLU B 34 -28.75 47.55 6.46
CA GLU B 34 -29.88 48.09 5.69
C GLU B 34 -31.13 47.25 5.87
N GLU B 35 -30.98 45.94 5.77
CA GLU B 35 -32.09 45.02 5.97
C GLU B 35 -32.62 45.06 7.41
N ALA B 36 -31.71 45.16 8.37
CA ALA B 36 -32.07 45.16 9.77
C ALA B 36 -32.92 46.37 10.16
N GLN B 37 -32.70 47.50 9.49
CA GLN B 37 -33.48 48.71 9.77
C GLN B 37 -34.91 48.57 9.28
N ARG B 38 -35.17 47.60 8.40
CA ARG B 38 -36.52 47.35 7.91
C ARG B 38 -37.42 46.70 8.96
N CYS B 39 -36.80 46.06 9.95
CA CYS B 39 -37.57 45.40 11.01
C CYS B 39 -38.27 46.44 11.88
N LEU B 40 -39.58 46.25 12.06
CA LEU B 40 -40.38 47.23 12.79
C LEU B 40 -40.36 46.97 14.29
N GLN B 41 -39.66 45.91 14.69
CA GLN B 41 -39.58 45.51 16.11
C GLN B 41 -40.96 45.40 16.73
N CYS B 42 -41.78 44.53 16.16
CA CYS B 42 -43.15 44.33 16.63
C CYS B 42 -43.17 43.74 18.03
N PRO B 43 -43.87 44.40 18.96
CA PRO B 43 -44.02 43.91 20.32
C PRO B 43 -44.66 42.53 20.38
N THR B 44 -45.50 42.21 19.39
CA THR B 44 -46.18 40.92 19.33
C THR B 44 -45.42 39.91 18.45
N HIS B 45 -44.53 40.44 17.61
CA HIS B 45 -43.63 39.66 16.76
C HIS B 45 -44.15 38.31 16.27
N PRO B 46 -45.09 38.34 15.29
CA PRO B 46 -45.67 37.12 14.72
C PRO B 46 -44.61 36.29 14.00
N CYS B 47 -43.55 36.97 13.57
CA CYS B 47 -42.41 36.32 12.93
C CYS B 47 -41.87 35.17 13.77
N VAL B 48 -41.82 35.37 15.09
CA VAL B 48 -41.34 34.34 16.01
C VAL B 48 -42.23 33.11 15.93
N SER B 49 -43.53 33.33 15.79
CA SER B 49 -44.51 32.25 15.69
C SER B 49 -44.35 31.43 14.41
N GLY B 50 -43.68 32.01 13.41
CA GLY B 50 -43.44 31.34 12.15
C GLY B 50 -42.20 30.46 12.19
N CYS B 51 -41.42 30.59 13.25
CA CYS B 51 -40.21 29.79 13.42
C CYS B 51 -40.49 28.54 14.23
N PRO B 52 -40.12 27.37 13.68
CA PRO B 52 -40.31 26.05 14.30
C PRO B 52 -39.75 25.96 15.71
N VAL B 53 -38.65 26.66 15.99
CA VAL B 53 -38.08 26.67 17.33
C VAL B 53 -38.27 28.04 17.99
N GLU B 54 -38.97 28.93 17.30
CA GLU B 54 -39.32 30.25 17.82
C GLU B 54 -38.09 31.04 18.28
N ILE B 55 -37.14 31.21 17.36
CA ILE B 55 -35.96 32.01 17.60
C ILE B 55 -36.36 33.45 17.92
N ASP B 56 -35.65 34.10 18.84
CA ASP B 56 -35.92 35.49 19.16
C ASP B 56 -35.46 36.34 17.98
N ILE B 57 -36.33 36.43 16.98
CA ILE B 57 -35.99 37.06 15.70
C ILE B 57 -35.81 38.59 15.82
N PRO B 58 -36.77 39.30 16.44
CA PRO B 58 -36.51 40.74 16.51
C PRO B 58 -35.30 41.07 17.37
N GLY B 59 -34.95 40.17 18.27
CA GLY B 59 -33.80 40.37 19.15
C GLY B 59 -32.46 40.36 18.44
N PHE B 60 -32.20 39.34 17.63
CA PHE B 60 -30.92 39.22 16.95
C PHE B 60 -30.81 40.20 15.79
N ILE B 61 -31.94 40.53 15.18
CA ILE B 61 -32.00 41.57 14.17
C ILE B 61 -31.68 42.94 14.79
N ARG B 62 -32.25 43.19 15.96
CA ARG B 62 -32.02 44.44 16.69
C ARG B 62 -30.58 44.60 17.15
N LYS B 63 -30.00 43.54 17.70
CA LYS B 63 -28.61 43.58 18.13
C LYS B 63 -27.69 43.73 16.93
N LEU B 64 -28.14 43.24 15.78
CA LEU B 64 -27.40 43.41 14.53
C LEU B 64 -27.37 44.89 14.15
N ARG B 65 -28.53 45.54 14.15
CA ARG B 65 -28.61 46.94 13.76
C ARG B 65 -27.90 47.84 14.76
N ASP B 66 -27.80 47.39 16.01
CA ASP B 66 -27.09 48.14 17.05
C ASP B 66 -25.58 47.93 16.96
N GLY B 67 -25.14 47.17 15.97
CA GLY B 67 -23.73 46.94 15.76
C GLY B 67 -23.14 45.97 16.77
N LYS B 68 -24.01 45.27 17.48
CA LYS B 68 -23.57 44.25 18.44
C LYS B 68 -23.76 42.86 17.85
N LEU B 69 -22.76 42.42 17.09
CA LEU B 69 -22.85 41.18 16.33
C LEU B 69 -22.58 39.96 17.22
N GLU B 70 -21.74 40.16 18.23
CA GLU B 70 -21.43 39.10 19.18
C GLU B 70 -22.67 38.62 19.94
N GLU B 71 -23.48 39.57 20.38
CA GLU B 71 -24.70 39.24 21.12
C GLU B 71 -25.72 38.57 20.21
N SER B 72 -25.74 39.01 18.96
CA SER B 72 -26.64 38.46 17.96
C SER B 72 -26.38 36.97 17.71
N TYR B 73 -25.10 36.61 17.60
CA TYR B 73 -24.73 35.21 17.42
C TYR B 73 -25.15 34.35 18.61
N ARG B 74 -24.99 34.89 19.81
CA ARG B 74 -25.37 34.17 21.02
C ARG B 74 -26.88 34.08 21.22
N ILE B 75 -27.61 35.11 20.78
CA ILE B 75 -29.06 35.08 20.81
C ILE B 75 -29.55 33.93 19.92
N LEU B 76 -29.05 33.87 18.70
CA LEU B 76 -29.34 32.78 17.79
C LEU B 76 -28.95 31.42 18.37
N LYS B 77 -27.73 31.34 18.89
CA LYS B 77 -27.17 30.09 19.37
C LYS B 77 -27.89 29.49 20.58
N SER B 78 -28.62 30.33 21.30
CA SER B 78 -29.42 29.86 22.42
C SER B 78 -30.61 29.04 21.90
N TYR B 79 -31.09 29.40 20.71
CA TYR B 79 -32.21 28.70 20.08
C TYR B 79 -31.80 27.68 19.01
N ASN B 80 -30.76 27.98 18.25
CA ASN B 80 -30.42 27.18 17.08
C ASN B 80 -28.94 26.84 16.96
N ASN B 81 -28.65 25.54 16.95
CA ASN B 81 -27.27 25.04 16.82
C ASN B 81 -26.66 25.28 15.43
N LEU B 82 -27.50 25.26 14.40
CA LEU B 82 -27.02 25.36 13.02
C LEU B 82 -27.60 26.55 12.24
N PRO B 83 -27.27 27.78 12.66
CA PRO B 83 -27.87 28.97 12.01
C PRO B 83 -27.27 29.28 10.65
N ALA B 84 -26.02 28.88 10.42
CA ALA B 84 -25.36 29.14 9.14
C ALA B 84 -25.97 28.25 8.07
N VAL B 85 -26.62 27.18 8.51
CA VAL B 85 -27.32 26.24 7.64
C VAL B 85 -28.74 26.72 7.37
N CYS B 86 -29.51 26.93 8.44
CA CYS B 86 -30.92 27.30 8.33
C CYS B 86 -31.13 28.62 7.59
N GLY B 87 -30.21 29.56 7.76
CA GLY B 87 -30.28 30.81 7.04
C GLY B 87 -30.26 30.57 5.53
N ARG B 88 -29.55 29.51 5.13
CA ARG B 88 -29.45 29.13 3.74
C ARG B 88 -30.58 28.22 3.26
N VAL B 89 -30.91 27.21 4.05
CA VAL B 89 -31.77 26.13 3.56
C VAL B 89 -33.22 26.16 4.04
N CYS B 90 -33.53 26.95 5.06
CA CYS B 90 -34.90 27.02 5.57
C CYS B 90 -35.85 27.52 4.49
N PRO B 91 -37.03 26.90 4.40
CA PRO B 91 -38.07 27.43 3.52
C PRO B 91 -38.77 28.62 4.18
N GLN B 92 -38.06 29.74 4.29
CA GLN B 92 -38.57 30.91 4.99
C GLN B 92 -39.87 31.43 4.38
N GLU B 93 -40.10 31.08 3.12
CA GLU B 93 -41.31 31.49 2.42
C GLU B 93 -42.56 30.93 3.07
N VAL B 94 -42.44 29.77 3.71
CA VAL B 94 -43.57 29.14 4.38
C VAL B 94 -43.42 29.10 5.91
N GLN B 95 -42.40 29.76 6.44
CA GLN B 95 -42.18 29.74 7.89
C GLN B 95 -42.17 31.12 8.52
N CYS B 96 -40.98 31.64 8.82
CA CYS B 96 -40.88 32.85 9.63
C CYS B 96 -41.23 34.12 8.86
N GLU B 97 -40.66 34.26 7.67
CA GLU B 97 -40.91 35.45 6.86
C GLU B 97 -42.31 35.42 6.24
N SER B 98 -42.97 34.28 6.36
CA SER B 98 -44.35 34.14 5.91
C SER B 98 -45.28 34.80 6.91
N ARG B 99 -44.77 35.05 8.11
CA ARG B 99 -45.55 35.64 9.19
C ARG B 99 -45.15 37.08 9.47
N CYS B 100 -44.14 37.58 8.77
CA CYS B 100 -43.69 38.96 8.96
C CYS B 100 -44.71 39.97 8.47
N VAL B 101 -45.08 40.88 9.36
CA VAL B 101 -46.13 41.87 9.11
C VAL B 101 -45.80 42.86 8.00
N VAL B 102 -44.53 43.21 7.84
CA VAL B 102 -44.15 44.18 6.80
C VAL B 102 -44.48 43.58 5.43
N GLY B 103 -44.62 42.25 5.39
CA GLY B 103 -45.05 41.55 4.19
C GLY B 103 -46.55 41.68 4.04
N LYS B 104 -47.24 42.00 5.14
CA LYS B 104 -48.69 42.09 5.16
C LYS B 104 -49.11 43.48 4.70
N MET B 105 -48.13 44.36 4.50
CA MET B 105 -48.40 45.67 3.95
C MET B 105 -48.73 45.46 2.48
N LYS B 106 -49.32 46.46 1.83
CA LYS B 106 -49.79 46.27 0.46
C LYS B 106 -48.65 46.11 -0.52
N ASP B 107 -48.57 44.92 -1.13
CA ASP B 107 -47.51 44.56 -2.06
C ASP B 107 -46.11 44.85 -1.52
N SER B 108 -45.81 44.28 -0.36
CA SER B 108 -44.50 44.43 0.26
C SER B 108 -43.89 43.09 0.67
N GLU B 109 -42.56 42.99 0.62
CA GLU B 109 -41.88 41.76 0.98
C GLU B 109 -41.39 41.79 2.43
N PRO B 110 -41.40 40.63 3.09
CA PRO B 110 -40.99 40.53 4.49
C PRO B 110 -39.51 40.78 4.69
N VAL B 111 -39.12 41.09 5.94
CA VAL B 111 -37.72 41.26 6.28
C VAL B 111 -36.99 39.95 6.00
N ALA B 112 -35.83 40.03 5.38
CA ALA B 112 -35.10 38.82 5.04
C ALA B 112 -34.49 38.25 6.30
N ILE B 113 -35.31 37.52 7.06
CA ILE B 113 -34.91 37.02 8.37
C ILE B 113 -33.89 35.90 8.23
N GLY B 114 -34.12 35.02 7.26
CA GLY B 114 -33.21 33.94 6.98
C GLY B 114 -31.84 34.47 6.60
N ARG B 115 -31.83 35.54 5.82
CA ARG B 115 -30.59 36.14 5.36
C ARG B 115 -29.80 36.79 6.48
N LEU B 116 -30.50 37.30 7.49
CA LEU B 116 -29.85 37.95 8.62
C LEU B 116 -29.29 36.91 9.59
N GLU B 117 -30.02 35.81 9.77
CA GLU B 117 -29.49 34.69 10.53
C GLU B 117 -28.24 34.16 9.86
N ARG B 118 -28.31 34.03 8.53
CA ARG B 118 -27.16 33.59 7.74
C ARG B 118 -25.97 34.50 7.92
N PHE B 119 -26.22 35.81 7.84
CA PHE B 119 -25.17 36.79 7.94
C PHE B 119 -24.42 36.72 9.26
N VAL B 120 -25.16 36.80 10.36
CA VAL B 120 -24.57 36.78 11.69
C VAL B 120 -23.80 35.49 11.92
N ALA B 121 -24.36 34.38 11.46
CA ALA B 121 -23.68 33.10 11.59
C ALA B 121 -22.40 33.03 10.75
N ASP B 122 -22.49 33.46 9.50
CA ASP B 122 -21.34 33.43 8.59
C ASP B 122 -20.26 34.44 8.95
N TRP B 123 -20.68 35.64 9.32
CA TRP B 123 -19.77 36.70 9.71
C TRP B 123 -18.89 36.19 10.85
N ALA B 124 -19.51 35.52 11.81
CA ALA B 124 -18.82 34.95 12.95
C ALA B 124 -18.21 33.58 12.63
N ALA B 125 -18.51 33.03 11.45
CA ALA B 125 -17.96 31.73 11.05
C ALA B 125 -16.71 31.83 10.16
N GLU B 126 -16.84 32.54 9.04
CA GLU B 126 -15.77 32.65 8.05
C GLU B 126 -14.45 33.14 8.63
N ASN B 127 -14.51 33.95 9.68
CA ASN B 127 -13.31 34.57 10.22
C ASN B 127 -13.19 34.39 11.73
N LEU B 128 -14.18 34.90 12.45
CA LEU B 128 -14.24 34.84 13.91
C LEU B 128 -14.29 33.41 14.46
N GLU B 129 -13.57 33.16 15.54
CA GLU B 129 -13.63 31.87 16.21
C GLU B 129 -14.23 32.02 17.61
N GLU B 130 -14.48 30.89 18.27
CA GLU B 130 -15.11 30.91 19.59
C GLU B 130 -14.13 30.54 20.69
N ASP B 131 -14.25 29.33 21.22
CA ASP B 131 -13.41 28.88 22.33
C ASP B 131 -13.00 27.42 22.21
N VAL B 132 -12.41 26.88 23.28
CA VAL B 132 -11.74 25.58 23.21
C VAL B 132 -12.55 24.41 23.75
N LYS B 133 -12.67 24.32 25.09
CA LYS B 133 -13.31 23.18 25.76
C LYS B 133 -12.47 21.92 25.46
N PRO B 134 -12.96 20.69 25.76
CA PRO B 134 -14.17 19.97 26.17
C PRO B 134 -14.59 20.07 27.64
N LEU B 135 -15.90 20.11 27.86
CA LEU B 135 -16.49 20.08 29.19
C LEU B 135 -17.17 18.73 29.38
N ALA B 136 -17.07 17.88 28.35
CA ALA B 136 -17.79 16.60 28.32
C ALA B 136 -17.14 15.49 29.14
N GLY B 137 -16.22 15.85 30.02
CA GLY B 137 -15.63 14.88 30.93
C GLY B 137 -16.21 15.06 32.32
N SER B 138 -17.12 16.01 32.43
CA SER B 138 -17.74 16.34 33.71
C SER B 138 -18.64 15.24 34.26
N LYS B 139 -19.55 14.72 33.43
CA LYS B 139 -20.49 13.72 33.88
C LYS B 139 -20.00 12.29 33.65
N LYS B 140 -20.67 11.34 34.26
CA LYS B 140 -20.24 9.94 34.29
C LYS B 140 -20.79 9.14 33.11
N GLU B 141 -22.05 9.42 32.78
CA GLU B 141 -22.82 8.63 31.82
C GLU B 141 -22.29 8.71 30.40
N LYS B 142 -22.37 7.58 29.68
CA LYS B 142 -21.98 7.54 28.26
C LYS B 142 -23.23 7.49 27.38
N VAL B 143 -23.23 8.28 26.30
CA VAL B 143 -24.35 8.26 25.37
C VAL B 143 -23.90 7.92 23.94
N ALA B 144 -24.67 7.08 23.26
CA ALA B 144 -24.37 6.74 21.89
C ALA B 144 -25.31 7.46 20.94
N VAL B 145 -24.74 8.25 20.03
CA VAL B 145 -25.52 8.96 19.03
C VAL B 145 -25.37 8.29 17.69
N VAL B 146 -26.49 7.94 17.07
CA VAL B 146 -26.46 7.24 15.80
C VAL B 146 -26.87 8.18 14.68
N GLY B 147 -25.93 8.49 13.80
CA GLY B 147 -26.17 9.45 12.74
C GLY B 147 -25.55 10.80 13.03
N SER B 148 -24.89 11.36 12.02
CA SER B 148 -24.21 12.63 12.20
C SER B 148 -24.85 13.73 11.35
N GLY B 149 -26.15 13.58 11.10
CA GLY B 149 -26.92 14.63 10.46
C GLY B 149 -27.17 15.78 11.43
N PRO B 150 -28.03 16.73 11.03
CA PRO B 150 -28.41 17.86 11.88
C PRO B 150 -28.83 17.43 13.28
N ALA B 151 -29.61 16.35 13.35
CA ALA B 151 -30.12 15.85 14.62
C ALA B 151 -29.02 15.31 15.52
N GLY B 152 -28.21 14.40 14.99
CA GLY B 152 -27.16 13.77 15.76
C GLY B 152 -26.07 14.72 16.17
N LEU B 153 -25.69 15.62 15.28
CA LEU B 153 -24.69 16.64 15.59
C LEU B 153 -25.15 17.57 16.71
N THR B 154 -26.42 18.01 16.64
CA THR B 154 -26.98 18.90 17.64
C THR B 154 -27.09 18.22 19.00
N ALA B 155 -27.70 17.04 19.01
CA ALA B 155 -27.85 16.26 20.23
C ALA B 155 -26.51 15.99 20.90
N ALA B 156 -25.53 15.59 20.09
CA ALA B 156 -24.19 15.30 20.60
C ALA B 156 -23.54 16.54 21.20
N ALA B 157 -23.65 17.65 20.49
CA ALA B 157 -23.12 18.93 20.93
C ALA B 157 -23.68 19.33 22.28
N ASP B 158 -25.00 19.25 22.42
CA ASP B 158 -25.66 19.68 23.64
C ASP B 158 -25.31 18.77 24.82
N LEU B 159 -25.24 17.47 24.57
CA LEU B 159 -24.90 16.50 25.61
C LEU B 159 -23.45 16.62 26.07
N ALA B 160 -22.56 16.94 25.12
CA ALA B 160 -21.16 17.16 25.46
C ALA B 160 -21.00 18.35 26.40
N LYS B 161 -21.66 19.44 26.06
CA LYS B 161 -21.65 20.65 26.88
C LYS B 161 -22.17 20.35 28.29
N MET B 162 -23.13 19.43 28.36
CA MET B 162 -23.72 19.05 29.64
C MET B 162 -22.80 18.14 30.46
N GLY B 163 -21.73 17.66 29.83
CA GLY B 163 -20.71 16.92 30.53
C GLY B 163 -20.70 15.41 30.33
N TYR B 164 -21.68 14.91 29.56
CA TYR B 164 -21.78 13.46 29.34
C TYR B 164 -20.77 12.97 28.30
N HIS B 165 -20.45 11.69 28.36
CA HIS B 165 -19.64 11.05 27.32
C HIS B 165 -20.46 10.88 26.05
N VAL B 166 -20.01 11.46 24.95
CA VAL B 166 -20.77 11.38 23.70
C VAL B 166 -20.00 10.71 22.57
N ASP B 167 -20.51 9.57 22.11
CA ASP B 167 -19.96 8.90 20.95
C ASP B 167 -20.92 8.93 19.76
N ILE B 168 -20.59 9.72 18.74
CA ILE B 168 -21.34 9.72 17.50
C ILE B 168 -20.85 8.60 16.60
N PHE B 169 -21.78 7.82 16.07
CA PHE B 169 -21.42 6.74 15.15
C PHE B 169 -21.96 7.08 13.75
N GLU B 170 -21.07 7.21 12.79
CA GLU B 170 -21.47 7.58 11.43
C GLU B 170 -21.10 6.51 10.41
N ALA B 171 -22.04 6.22 9.51
CA ALA B 171 -21.85 5.17 8.50
C ALA B 171 -20.93 5.60 7.37
N PHE B 172 -21.06 6.84 6.91
CA PHE B 172 -20.26 7.31 5.78
C PHE B 172 -18.89 7.79 6.24
N HIS B 173 -18.08 8.26 5.29
CA HIS B 173 -16.75 8.73 5.64
C HIS B 173 -16.73 10.21 6.00
N LYS B 174 -17.76 10.96 5.63
CA LYS B 174 -17.84 12.36 6.01
C LYS B 174 -19.14 12.75 6.72
N PRO B 175 -19.01 13.37 7.90
CA PRO B 175 -20.15 13.91 8.67
C PRO B 175 -20.64 15.22 8.05
N GLY B 176 -21.95 15.37 7.87
CA GLY B 176 -22.88 14.31 8.21
C GLY B 176 -24.27 14.53 7.64
N GLY B 177 -24.92 13.42 7.30
CA GLY B 177 -26.28 13.43 6.81
C GLY B 177 -26.47 14.17 5.50
N VAL B 178 -27.61 14.82 5.38
CA VAL B 178 -27.95 15.61 4.21
C VAL B 178 -26.98 16.77 3.95
N LEU B 179 -26.34 17.28 5.00
CA LEU B 179 -25.45 18.43 4.86
C LEU B 179 -24.21 18.14 4.03
N VAL B 180 -23.82 16.88 3.93
CA VAL B 180 -22.67 16.50 3.09
C VAL B 180 -23.07 15.80 1.79
N TYR B 181 -23.84 14.71 1.89
CA TYR B 181 -24.20 13.94 0.70
C TYR B 181 -25.53 14.36 0.07
N GLY B 182 -26.40 15.01 0.85
CA GLY B 182 -27.69 15.41 0.33
C GLY B 182 -27.74 16.73 -0.41
N ILE B 183 -27.52 17.83 0.30
CA ILE B 183 -27.62 19.18 -0.29
C ILE B 183 -26.30 19.65 -0.90
N PRO B 184 -26.33 20.03 -2.19
CA PRO B 184 -25.14 20.41 -2.96
C PRO B 184 -24.43 21.67 -2.47
N GLU B 185 -23.20 21.85 -2.95
CA GLU B 185 -22.35 22.97 -2.56
C GLU B 185 -22.92 24.34 -2.92
N PHE B 186 -23.65 24.43 -4.03
CA PHE B 186 -24.17 25.74 -4.46
C PHE B 186 -25.32 26.23 -3.58
N ARG B 187 -25.74 25.40 -2.63
CA ARG B 187 -26.74 25.79 -1.64
C ARG B 187 -26.13 25.85 -0.25
N LEU B 188 -25.50 24.75 0.16
CA LEU B 188 -24.85 24.67 1.47
C LEU B 188 -23.38 24.30 1.31
N PRO B 189 -22.49 25.31 1.33
CA PRO B 189 -21.05 25.07 1.24
C PRO B 189 -20.58 24.13 2.35
N LYS B 190 -19.77 23.15 1.99
CA LYS B 190 -19.35 22.12 2.94
C LYS B 190 -18.37 22.63 3.97
N ARG B 191 -17.79 23.81 3.72
CA ARG B 191 -16.91 24.44 4.70
C ARG B 191 -17.67 24.66 6.01
N ILE B 192 -18.95 24.99 5.89
CA ILE B 192 -19.82 25.22 7.03
C ILE B 192 -20.05 23.94 7.84
N VAL B 193 -20.25 22.85 7.13
CA VAL B 193 -20.52 21.56 7.77
C VAL B 193 -19.27 21.05 8.45
N GLU B 194 -18.14 21.14 7.75
CA GLU B 194 -16.86 20.71 8.28
C GLU B 194 -16.49 21.55 9.49
N ARG B 195 -16.81 22.84 9.43
CA ARG B 195 -16.59 23.76 10.53
C ARG B 195 -17.35 23.34 11.77
N GLU B 196 -18.65 23.13 11.62
CA GLU B 196 -19.51 22.73 12.75
C GLU B 196 -19.05 21.39 13.34
N VAL B 197 -18.65 20.46 12.48
CA VAL B 197 -18.17 19.17 12.95
C VAL B 197 -16.91 19.35 13.79
N SER B 198 -16.00 20.20 13.33
CA SER B 198 -14.78 20.47 14.07
C SER B 198 -15.09 21.19 15.38
N TYR B 199 -16.10 22.06 15.33
CA TYR B 199 -16.57 22.75 16.52
C TYR B 199 -17.11 21.77 17.55
N ILE B 200 -17.93 20.84 17.08
CA ILE B 200 -18.47 19.79 17.96
C ILE B 200 -17.35 18.85 18.38
N ARG B 201 -16.40 18.64 17.48
CA ARG B 201 -15.22 17.82 17.79
C ARG B 201 -14.38 18.47 18.88
N LYS B 202 -14.34 19.80 18.87
CA LYS B 202 -13.56 20.55 19.86
C LYS B 202 -14.25 20.57 21.21
N LEU B 203 -15.55 20.29 21.19
CA LEU B 203 -16.33 20.20 22.42
C LEU B 203 -16.05 18.88 23.13
N GLY B 204 -15.34 17.99 22.44
CA GLY B 204 -14.92 16.72 23.02
C GLY B 204 -15.72 15.52 22.56
N VAL B 205 -16.50 15.69 21.49
CA VAL B 205 -17.30 14.60 20.96
C VAL B 205 -16.44 13.66 20.10
N ASN B 206 -16.61 12.35 20.33
CA ASN B 206 -15.89 11.34 19.55
C ASN B 206 -16.68 10.86 18.33
N PHE B 207 -16.11 11.07 17.15
CA PHE B 207 -16.74 10.65 15.90
C PHE B 207 -16.28 9.26 15.46
N HIS B 208 -17.23 8.34 15.36
CA HIS B 208 -16.95 7.02 14.81
C HIS B 208 -17.44 6.95 13.37
N LEU B 209 -16.58 7.39 12.44
CA LEU B 209 -16.91 7.36 11.03
C LEU B 209 -16.75 5.96 10.47
N ASN B 210 -17.29 5.74 9.27
CA ASN B 210 -17.25 4.44 8.61
C ASN B 210 -17.78 3.33 9.51
N THR B 211 -18.81 3.66 10.28
CA THR B 211 -19.40 2.72 11.22
C THR B 211 -20.90 2.62 11.02
N VAL B 212 -21.35 1.48 10.50
CA VAL B 212 -22.77 1.25 10.31
C VAL B 212 -23.31 0.52 11.53
N VAL B 213 -24.14 1.22 12.30
CA VAL B 213 -24.72 0.65 13.51
C VAL B 213 -25.67 -0.49 13.13
N GLY B 214 -25.52 -1.62 13.82
CA GLY B 214 -26.29 -2.80 13.49
C GLY B 214 -25.44 -3.76 12.68
N LYS B 215 -24.38 -3.24 12.08
CA LYS B 215 -23.44 -4.04 11.30
C LYS B 215 -22.04 -3.96 11.87
N THR B 216 -21.42 -2.78 11.79
CA THR B 216 -20.10 -2.56 12.37
C THR B 216 -20.14 -2.79 13.87
N VAL B 217 -21.14 -2.20 14.52
CA VAL B 217 -21.42 -2.44 15.92
C VAL B 217 -22.91 -2.77 16.05
N LYS B 218 -23.20 -3.91 16.66
CA LYS B 218 -24.57 -4.39 16.76
C LYS B 218 -25.41 -3.50 17.66
N VAL B 219 -26.72 -3.53 17.44
CA VAL B 219 -27.65 -2.68 18.18
C VAL B 219 -27.62 -3.04 19.67
N LYS B 220 -27.64 -4.34 19.95
CA LYS B 220 -27.64 -4.86 21.31
C LYS B 220 -26.29 -4.68 22.01
N GLU B 221 -25.32 -4.13 21.28
CA GLU B 221 -24.03 -3.76 21.85
C GLU B 221 -24.15 -2.31 22.31
N LEU B 222 -24.70 -1.49 21.44
CA LEU B 222 -24.98 -0.10 21.75
C LEU B 222 -25.84 -0.01 23.00
N LEU B 223 -26.82 -0.89 23.11
CA LEU B 223 -27.72 -0.88 24.25
C LEU B 223 -27.05 -1.39 25.53
N SER B 224 -26.07 -2.26 25.36
CA SER B 224 -25.36 -2.85 26.49
C SER B 224 -24.29 -1.96 27.08
N GLU B 225 -23.54 -1.28 26.21
CA GLU B 225 -22.36 -0.54 26.62
C GLU B 225 -22.58 0.96 26.78
N TYR B 226 -23.83 1.40 26.66
CA TYR B 226 -24.14 2.82 26.82
C TYR B 226 -25.31 3.08 27.78
N ASP B 227 -25.29 4.25 28.41
CA ASP B 227 -26.30 4.65 29.36
C ASP B 227 -27.52 5.21 28.63
N ALA B 228 -27.28 5.93 27.54
CA ALA B 228 -28.35 6.49 26.73
C ALA B 228 -28.02 6.30 25.25
N VAL B 229 -29.07 6.20 24.42
CA VAL B 229 -28.88 6.06 22.99
C VAL B 229 -29.85 6.97 22.24
N PHE B 230 -29.31 7.76 21.31
CA PHE B 230 -30.14 8.61 20.47
C PHE B 230 -30.18 8.08 19.05
N ILE B 231 -31.39 7.84 18.54
CA ILE B 231 -31.54 7.35 17.18
C ILE B 231 -31.86 8.53 16.26
N GLY B 232 -30.82 9.00 15.57
CA GLY B 232 -30.96 10.12 14.64
C GLY B 232 -30.54 9.72 13.24
N THR B 233 -30.96 8.52 12.83
CA THR B 233 -30.51 7.94 11.58
C THR B 233 -31.14 8.57 10.33
N GLY B 234 -32.10 9.47 10.53
CA GLY B 234 -32.75 10.11 9.40
C GLY B 234 -33.58 9.12 8.61
N ALA B 235 -33.94 9.49 7.39
CA ALA B 235 -34.66 8.58 6.52
C ALA B 235 -34.25 8.72 5.06
N GLY B 236 -33.61 7.68 4.53
CA GLY B 236 -33.39 7.58 3.09
C GLY B 236 -33.23 6.12 2.72
N THR B 237 -34.14 5.59 1.93
CA THR B 237 -34.05 4.20 1.52
C THR B 237 -33.36 3.98 0.17
N PRO B 238 -33.83 4.63 -0.92
CA PRO B 238 -34.99 5.47 -1.24
C PRO B 238 -36.17 4.64 -1.74
N LYS B 239 -37.17 5.34 -2.28
CA LYS B 239 -38.35 4.69 -2.83
C LYS B 239 -38.35 4.74 -4.36
N PHE B 240 -38.47 3.59 -5.00
CA PHE B 240 -38.61 3.53 -6.45
C PHE B 240 -40.08 3.37 -6.82
N MET B 241 -40.51 4.07 -7.88
CA MET B 241 -41.88 3.95 -8.37
C MET B 241 -42.21 2.52 -8.77
N GLY B 242 -41.25 1.85 -9.41
CA GLY B 242 -41.41 0.46 -9.79
C GLY B 242 -42.00 0.28 -11.19
N ILE B 243 -42.15 1.37 -11.92
CA ILE B 243 -42.69 1.34 -13.27
C ILE B 243 -41.75 0.56 -14.20
N PRO B 244 -42.25 0.12 -15.37
CA PRO B 244 -41.37 -0.59 -16.30
C PRO B 244 -40.23 0.28 -16.84
N GLY B 245 -39.05 -0.33 -16.97
CA GLY B 245 -37.87 0.39 -17.42
C GLY B 245 -37.11 1.01 -16.28
N THR B 246 -37.45 0.59 -15.05
CA THR B 246 -36.81 1.12 -13.85
C THR B 246 -35.39 0.57 -13.74
N ASN B 247 -35.18 -0.60 -14.32
CA ASN B 247 -33.89 -1.29 -14.22
C ASN B 247 -32.94 -0.92 -15.35
N LEU B 248 -33.37 0.01 -16.19
CA LEU B 248 -32.55 0.45 -17.32
C LEU B 248 -31.34 1.25 -16.87
N ASN B 249 -30.29 1.21 -17.68
CA ASN B 249 -29.09 1.99 -17.43
C ASN B 249 -29.36 3.47 -17.70
N GLY B 250 -29.09 4.31 -16.70
CA GLY B 250 -29.38 5.73 -16.84
C GLY B 250 -30.50 6.19 -15.94
N VAL B 251 -31.17 5.24 -15.30
CA VAL B 251 -32.21 5.54 -14.31
C VAL B 251 -31.57 5.59 -12.94
N TYR B 252 -31.82 6.69 -12.22
CA TYR B 252 -31.19 6.86 -10.91
C TYR B 252 -32.19 7.21 -9.83
N SER B 253 -31.89 6.77 -8.63
CA SER B 253 -32.50 7.34 -7.44
C SER B 253 -31.80 8.66 -7.23
N ALA B 254 -32.48 9.62 -6.60
CA ALA B 254 -31.83 10.89 -6.30
C ALA B 254 -30.75 10.67 -5.26
N ASN B 255 -30.89 9.61 -4.47
CA ASN B 255 -29.88 9.24 -3.49
C ASN B 255 -28.53 8.92 -4.12
N GLU B 256 -28.53 8.04 -5.13
CA GLU B 256 -27.29 7.65 -5.78
C GLU B 256 -26.66 8.79 -6.56
N PHE B 257 -27.50 9.50 -7.31
CA PHE B 257 -27.02 10.62 -8.13
C PHE B 257 -26.36 11.69 -7.27
N LEU B 258 -27.02 12.05 -6.16
CA LEU B 258 -26.50 13.09 -5.28
C LEU B 258 -25.35 12.61 -4.40
N THR B 259 -25.38 11.35 -3.97
CA THR B 259 -24.28 10.78 -3.20
C THR B 259 -23.01 10.79 -4.05
N ARG B 260 -23.15 10.41 -5.31
CA ARG B 260 -22.06 10.49 -6.27
C ARG B 260 -21.59 11.93 -6.45
N VAL B 261 -22.53 12.81 -6.77
CA VAL B 261 -22.22 14.21 -7.07
C VAL B 261 -21.73 15.01 -5.86
N ASN B 262 -22.44 14.92 -4.74
CA ASN B 262 -22.10 15.73 -3.56
C ASN B 262 -20.99 15.12 -2.71
N LEU B 263 -21.24 13.92 -2.18
CA LEU B 263 -20.28 13.26 -1.30
C LEU B 263 -19.05 12.76 -2.07
N MET B 264 -19.29 12.11 -3.21
CA MET B 264 -18.19 11.49 -3.96
C MET B 264 -17.62 12.43 -5.02
N LYS B 265 -18.29 13.57 -5.21
CA LYS B 265 -17.82 14.62 -6.12
C LYS B 265 -17.49 14.14 -7.52
N ALA B 266 -18.47 13.53 -8.19
CA ALA B 266 -18.28 12.99 -9.52
C ALA B 266 -18.19 14.08 -10.59
N TYR B 267 -18.44 15.33 -10.22
CA TYR B 267 -18.35 16.43 -11.15
C TYR B 267 -16.92 16.93 -11.29
N LEU B 268 -16.06 16.50 -10.37
CA LEU B 268 -14.64 16.84 -10.42
C LEU B 268 -13.85 15.71 -11.06
N PHE B 269 -14.57 14.68 -11.51
CA PHE B 269 -14.03 13.59 -12.31
C PHE B 269 -13.23 14.14 -13.50
N PRO B 270 -12.05 13.55 -13.78
CA PRO B 270 -11.43 12.42 -13.10
C PRO B 270 -10.41 12.80 -12.02
N GLU B 271 -10.62 13.92 -11.33
CA GLU B 271 -9.79 14.23 -10.17
C GLU B 271 -10.24 13.33 -9.02
N TYR B 272 -11.56 13.25 -8.84
CA TYR B 272 -12.15 12.28 -7.92
C TYR B 272 -12.46 11.01 -8.69
N ASP B 273 -12.31 9.86 -8.03
CA ASP B 273 -12.36 8.58 -8.72
C ASP B 273 -13.76 8.04 -8.98
N THR B 274 -14.78 8.79 -8.58
CA THR B 274 -16.16 8.33 -8.76
C THR B 274 -16.80 8.87 -10.04
N PRO B 275 -17.14 7.97 -10.97
CA PRO B 275 -17.72 8.30 -12.27
C PRO B 275 -19.23 8.53 -12.22
N ILE B 276 -19.79 9.16 -13.26
CA ILE B 276 -21.23 9.30 -13.40
C ILE B 276 -21.61 9.23 -14.89
N ARG B 277 -22.79 8.71 -15.19
CA ARG B 277 -23.22 8.56 -16.57
C ARG B 277 -23.57 9.88 -17.25
N VAL B 278 -23.35 9.93 -18.55
CA VAL B 278 -23.64 11.10 -19.37
C VAL B 278 -25.14 11.39 -19.37
N GLY B 279 -25.50 12.67 -19.52
CA GLY B 279 -26.88 13.07 -19.53
C GLY B 279 -27.09 14.36 -20.31
N LYS B 280 -27.32 14.25 -21.61
CA LYS B 280 -27.55 15.43 -22.44
C LYS B 280 -28.96 15.93 -22.21
N LYS B 281 -29.92 15.01 -22.21
CA LYS B 281 -31.29 15.34 -21.85
C LYS B 281 -31.72 14.48 -20.65
N VAL B 282 -31.94 15.15 -19.52
CA VAL B 282 -32.20 14.44 -18.26
C VAL B 282 -33.59 14.81 -17.72
N ALA B 283 -34.30 13.81 -17.21
CA ALA B 283 -35.58 14.04 -16.57
C ALA B 283 -35.53 13.68 -15.09
N VAL B 284 -35.92 14.63 -14.25
CA VAL B 284 -36.00 14.40 -12.82
C VAL B 284 -37.45 14.39 -12.37
N ILE B 285 -37.86 13.29 -11.73
CA ILE B 285 -39.25 13.12 -11.35
C ILE B 285 -39.47 13.62 -9.92
N GLY B 286 -40.47 14.46 -9.74
CA GLY B 286 -40.73 15.11 -8.47
C GLY B 286 -40.41 16.59 -8.57
N ALA B 287 -40.96 17.38 -7.65
CA ALA B 287 -40.66 18.81 -7.60
C ALA B 287 -40.19 19.25 -6.21
N GLY B 288 -39.77 18.30 -5.37
CA GLY B 288 -39.27 18.64 -4.06
C GLY B 288 -37.86 19.20 -4.12
N ASN B 289 -37.29 19.55 -2.97
CA ASN B 289 -35.92 20.03 -2.90
C ASN B 289 -34.93 18.99 -3.40
N THR B 290 -35.25 17.72 -3.14
CA THR B 290 -34.41 16.62 -3.57
C THR B 290 -34.34 16.56 -5.09
N ALA B 291 -35.50 16.65 -5.73
CA ALA B 291 -35.59 16.67 -7.18
C ALA B 291 -34.94 17.92 -7.76
N MET B 292 -35.17 19.05 -7.11
CA MET B 292 -34.65 20.33 -7.59
C MET B 292 -33.12 20.39 -7.55
N ASP B 293 -32.54 19.95 -6.43
CA ASP B 293 -31.08 19.91 -6.29
C ASP B 293 -30.44 18.91 -7.25
N ALA B 294 -31.11 17.79 -7.47
CA ALA B 294 -30.62 16.75 -8.39
C ALA B 294 -30.53 17.27 -9.82
N ALA B 295 -31.61 17.90 -10.27
CA ALA B 295 -31.68 18.45 -11.61
C ALA B 295 -30.63 19.54 -11.79
N ARG B 296 -30.48 20.36 -10.76
CA ARG B 296 -29.51 21.46 -10.78
C ARG B 296 -28.10 20.92 -10.74
N SER B 297 -27.93 19.77 -10.09
CA SER B 297 -26.63 19.09 -10.07
C SER B 297 -26.32 18.50 -11.45
N ALA B 298 -27.36 18.03 -12.12
CA ALA B 298 -27.22 17.39 -13.44
C ALA B 298 -26.83 18.37 -14.54
N LEU B 299 -27.45 19.55 -14.54
CA LEU B 299 -27.16 20.59 -15.52
C LEU B 299 -25.71 21.04 -15.50
N ARG B 300 -25.12 21.10 -14.31
CA ARG B 300 -23.75 21.54 -14.14
C ARG B 300 -22.74 20.52 -14.67
N LEU B 301 -23.26 19.37 -15.10
CA LEU B 301 -22.43 18.31 -15.67
C LEU B 301 -22.33 18.37 -17.20
N GLY B 302 -22.96 19.38 -17.80
CA GLY B 302 -22.91 19.51 -19.24
C GLY B 302 -24.16 19.05 -19.94
N ALA B 303 -25.25 18.98 -19.20
CA ALA B 303 -26.56 18.60 -19.75
C ALA B 303 -27.09 19.67 -20.69
N GLU B 304 -27.61 19.24 -21.84
CA GLU B 304 -28.14 20.17 -22.83
C GLU B 304 -29.58 20.55 -22.51
N LYS B 305 -30.35 19.59 -22.03
CA LYS B 305 -31.73 19.81 -21.63
C LYS B 305 -32.05 19.12 -20.30
N VAL B 306 -32.62 19.87 -19.36
CA VAL B 306 -33.02 19.29 -18.09
C VAL B 306 -34.48 19.58 -17.80
N TYR B 307 -35.25 18.53 -17.53
CA TYR B 307 -36.69 18.66 -17.32
C TYR B 307 -37.12 18.30 -15.90
N ILE B 308 -38.01 19.11 -15.34
CA ILE B 308 -38.72 18.74 -14.13
C ILE B 308 -40.05 18.09 -14.53
N VAL B 309 -40.36 16.93 -13.96
CA VAL B 309 -41.60 16.23 -14.26
C VAL B 309 -42.40 16.01 -12.98
N TYR B 310 -43.57 16.62 -12.90
CA TYR B 310 -44.32 16.68 -11.64
C TYR B 310 -45.79 16.33 -11.81
N ARG B 311 -46.34 15.59 -10.86
CA ARG B 311 -47.72 15.12 -10.94
C ARG B 311 -48.72 16.23 -10.66
N ARG B 312 -48.32 17.19 -9.82
CA ARG B 312 -49.20 18.27 -9.39
C ARG B 312 -48.82 19.59 -10.07
N THR B 313 -49.45 20.67 -9.63
CA THR B 313 -49.21 21.99 -10.21
C THR B 313 -47.99 22.68 -9.57
N GLU B 314 -47.77 23.92 -9.96
CA GLU B 314 -46.64 24.70 -9.44
C GLU B 314 -46.83 25.07 -7.97
N ARG B 315 -47.99 25.58 -7.63
CA ARG B 315 -48.31 26.05 -6.28
C ARG B 315 -48.12 24.95 -5.23
N GLU B 316 -48.18 23.70 -5.66
CA GLU B 316 -48.12 22.56 -4.76
C GLU B 316 -46.70 22.04 -4.61
N MET B 317 -45.77 22.64 -5.34
CA MET B 317 -44.36 22.25 -5.25
C MET B 317 -43.75 22.62 -3.90
N PRO B 318 -43.28 21.61 -3.15
CA PRO B 318 -42.76 21.78 -1.78
C PRO B 318 -41.38 22.45 -1.73
N ALA B 319 -40.70 22.53 -2.87
CA ALA B 319 -39.32 23.04 -2.89
C ALA B 319 -39.23 24.49 -2.45
N ARG B 320 -38.05 24.89 -1.99
CA ARG B 320 -37.81 26.24 -1.54
C ARG B 320 -37.93 27.20 -2.71
N ARG B 321 -38.81 28.20 -2.58
CA ARG B 321 -39.21 29.05 -3.69
C ARG B 321 -38.03 29.75 -4.36
N GLU B 322 -37.11 30.27 -3.55
CA GLU B 322 -35.90 30.91 -4.07
C GLU B 322 -35.14 29.92 -4.96
N GLU B 323 -35.07 28.67 -4.52
CA GLU B 323 -34.36 27.64 -5.27
C GLU B 323 -35.13 27.20 -6.51
N TYR B 324 -36.46 27.28 -6.45
CA TYR B 324 -37.29 27.03 -7.62
C TYR B 324 -36.97 28.03 -8.73
N HIS B 325 -36.89 29.31 -8.36
CA HIS B 325 -36.49 30.35 -9.30
C HIS B 325 -35.07 30.16 -9.79
N HIS B 326 -34.16 29.81 -8.87
CA HIS B 326 -32.77 29.55 -9.22
C HIS B 326 -32.68 28.48 -10.32
N ALA B 327 -33.44 27.40 -10.14
CA ALA B 327 -33.50 26.33 -11.13
C ALA B 327 -33.96 26.85 -12.49
N LEU B 328 -34.99 27.71 -12.47
CA LEU B 328 -35.50 28.36 -13.67
C LEU B 328 -34.43 29.22 -14.34
N GLU B 329 -33.68 29.94 -13.51
CA GLU B 329 -32.64 30.83 -13.99
C GLU B 329 -31.51 30.09 -14.68
N GLU B 330 -31.35 28.82 -14.33
CA GLU B 330 -30.28 28.00 -14.90
C GLU B 330 -30.72 27.33 -16.19
N GLY B 331 -32.01 27.43 -16.49
CA GLY B 331 -32.55 26.96 -17.76
C GLY B 331 -33.33 25.66 -17.66
N ILE B 332 -33.48 25.16 -16.45
CA ILE B 332 -34.23 23.92 -16.22
C ILE B 332 -35.71 24.12 -16.52
N GLU B 333 -36.29 23.19 -17.28
CA GLU B 333 -37.69 23.28 -17.69
C GLU B 333 -38.60 22.46 -16.79
N PHE B 334 -39.78 23.01 -16.47
CA PHE B 334 -40.71 22.38 -15.55
C PHE B 334 -41.96 21.89 -16.27
N LEU B 335 -42.31 20.62 -16.06
CA LEU B 335 -43.53 20.04 -16.60
C LEU B 335 -44.50 19.69 -15.48
N TRP B 336 -45.54 20.49 -15.31
CA TRP B 336 -46.52 20.25 -14.26
C TRP B 336 -47.59 19.27 -14.72
N LEU B 337 -48.22 18.60 -13.75
CA LEU B 337 -49.30 17.66 -14.02
C LEU B 337 -48.92 16.58 -15.02
N THR B 338 -47.72 16.03 -14.88
CA THR B 338 -47.22 14.98 -15.77
C THR B 338 -46.71 13.79 -14.97
N LEU B 339 -47.23 12.60 -15.28
CA LEU B 339 -46.81 11.37 -14.60
C LEU B 339 -46.24 10.32 -15.55
N PRO B 340 -44.97 9.94 -15.35
CA PRO B 340 -44.27 8.90 -16.10
C PRO B 340 -44.93 7.53 -16.01
N ILE B 341 -45.01 6.82 -17.13
CA ILE B 341 -45.63 5.49 -17.17
C ILE B 341 -44.62 4.37 -17.27
N ARG B 342 -43.66 4.52 -18.18
CA ARG B 342 -42.60 3.54 -18.36
C ARG B 342 -41.34 4.17 -18.94
N TYR B 343 -40.22 3.45 -18.84
CA TYR B 343 -38.99 3.88 -19.48
C TYR B 343 -38.63 2.96 -20.65
N ILE B 344 -38.30 3.57 -21.79
CA ILE B 344 -37.95 2.82 -22.98
C ILE B 344 -36.43 2.73 -23.15
N GLY B 345 -35.90 1.52 -23.29
CA GLY B 345 -34.47 1.34 -23.46
C GLY B 345 -34.10 0.77 -24.82
N ASP B 346 -32.82 0.86 -25.18
CA ASP B 346 -32.35 0.29 -26.44
C ASP B 346 -31.80 -1.12 -26.25
N ALA B 347 -31.32 -1.71 -27.34
CA ALA B 347 -30.75 -3.05 -27.35
C ALA B 347 -29.44 -3.18 -26.56
N ASN B 348 -28.58 -2.17 -26.67
CA ASN B 348 -27.33 -2.17 -25.91
C ASN B 348 -27.54 -1.85 -24.43
N GLY B 349 -28.73 -1.39 -24.09
CA GLY B 349 -29.03 -0.95 -22.74
C GLY B 349 -28.68 0.49 -22.47
N ASN B 350 -29.72 1.31 -22.33
CA ASN B 350 -29.63 2.76 -22.15
C ASN B 350 -31.04 3.33 -22.18
N VAL B 351 -31.31 4.35 -21.38
CA VAL B 351 -32.63 4.97 -21.41
C VAL B 351 -32.70 5.97 -22.55
N GLU B 352 -33.52 5.67 -23.55
CA GLU B 352 -33.73 6.60 -24.64
C GLU B 352 -34.98 7.47 -24.44
N ALA B 353 -36.02 6.90 -23.83
CA ALA B 353 -37.28 7.63 -23.74
C ALA B 353 -38.06 7.33 -22.46
N MET B 354 -39.24 7.93 -22.37
CA MET B 354 -40.11 7.83 -21.20
C MET B 354 -41.57 8.06 -21.59
N GLU B 355 -42.45 7.10 -21.25
CA GLU B 355 -43.86 7.28 -21.54
C GLU B 355 -44.55 8.02 -20.38
N CYS B 356 -45.34 9.03 -20.72
CA CYS B 356 -46.00 9.85 -19.70
C CYS B 356 -47.45 10.12 -20.05
N VAL B 357 -48.20 10.61 -19.07
CA VAL B 357 -49.53 11.14 -19.29
C VAL B 357 -49.64 12.51 -18.65
N ARG B 358 -50.82 13.10 -18.72
CA ARG B 358 -51.10 14.34 -18.02
C ARG B 358 -52.08 14.06 -16.89
N MET B 359 -52.20 15.00 -15.96
CA MET B 359 -53.04 14.77 -14.79
C MET B 359 -54.10 15.85 -14.66
N GLU B 360 -55.02 15.66 -13.72
CA GLU B 360 -56.04 16.64 -13.42
C GLU B 360 -56.57 16.43 -12.00
N LEU B 361 -57.51 17.28 -11.60
CA LEU B 361 -58.13 17.12 -10.29
C LEU B 361 -59.55 16.63 -10.47
N LYS B 362 -59.93 15.62 -9.69
CA LYS B 362 -61.29 15.09 -9.73
C LYS B 362 -61.80 14.85 -8.32
N GLU B 363 -61.30 13.78 -7.71
CA GLU B 363 -61.68 13.42 -6.35
C GLU B 363 -61.11 14.43 -5.36
N ALA B 364 -61.75 14.52 -4.20
CA ALA B 364 -61.23 15.32 -3.10
C ALA B 364 -59.93 14.71 -2.59
N ASP B 365 -60.03 13.91 -1.53
CA ASP B 365 -58.84 13.43 -0.84
C ASP B 365 -58.79 11.90 -0.76
N GLY B 366 -58.48 11.25 -1.88
CA GLY B 366 -58.28 9.82 -1.89
C GLY B 366 -56.98 9.49 -1.15
N SER B 367 -55.96 10.27 -1.46
CA SER B 367 -54.64 10.16 -0.84
C SER B 367 -53.85 11.40 -1.23
N GLY B 368 -53.62 12.29 -0.26
CA GLY B 368 -52.97 13.54 -0.52
C GLY B 368 -54.07 14.52 -0.83
N ARG B 369 -53.97 15.74 -0.31
CA ARG B 369 -55.05 16.73 -0.40
C ARG B 369 -55.66 16.86 -1.82
N PRO B 370 -54.88 17.24 -2.83
CA PRO B 370 -55.46 17.35 -4.17
C PRO B 370 -55.21 16.09 -5.01
N ARG B 371 -55.66 14.91 -4.59
CA ARG B 371 -55.29 13.69 -5.32
C ARG B 371 -55.63 13.71 -6.81
N PRO B 372 -54.58 13.65 -7.64
CA PRO B 372 -54.54 13.74 -9.10
C PRO B 372 -54.91 12.43 -9.81
N VAL B 373 -55.75 12.50 -10.83
CA VAL B 373 -56.04 11.34 -11.65
C VAL B 373 -55.64 11.59 -13.10
N PRO B 374 -54.98 10.61 -13.73
CA PRO B 374 -54.48 10.74 -15.10
C PRO B 374 -55.59 10.98 -16.12
N ILE B 375 -55.20 11.46 -17.29
CA ILE B 375 -56.17 11.69 -18.36
C ILE B 375 -55.83 10.82 -19.56
N GLU B 376 -56.81 10.09 -20.07
CA GLU B 376 -56.60 9.22 -21.22
C GLU B 376 -56.38 10.03 -22.51
N GLY B 377 -55.47 9.53 -23.34
CA GLY B 377 -55.14 10.17 -24.60
C GLY B 377 -54.22 11.37 -24.40
N SER B 378 -53.86 11.63 -23.15
CA SER B 378 -52.87 12.66 -22.83
C SER B 378 -51.51 11.99 -22.90
N ASN B 379 -51.54 10.68 -23.13
CA ASN B 379 -50.37 9.82 -23.15
C ASN B 379 -49.37 10.21 -24.24
N PHE B 380 -48.16 10.59 -23.82
CA PHE B 380 -47.11 10.93 -24.78
C PHE B 380 -45.77 10.38 -24.30
N VAL B 381 -44.72 10.66 -25.06
CA VAL B 381 -43.40 10.12 -24.78
C VAL B 381 -42.39 11.27 -24.71
N LEU B 382 -41.39 11.13 -23.85
CA LEU B 382 -40.33 12.13 -23.74
C LEU B 382 -38.97 11.52 -23.96
N GLU B 383 -38.16 12.16 -24.79
CA GLU B 383 -36.84 11.66 -25.16
C GLU B 383 -35.76 12.16 -24.20
N VAL B 384 -35.28 11.25 -23.36
CA VAL B 384 -34.26 11.57 -22.36
C VAL B 384 -33.23 10.45 -22.28
N ASP B 385 -31.97 10.80 -22.14
CA ASP B 385 -30.92 9.79 -22.01
C ASP B 385 -30.49 9.59 -20.55
N MET B 386 -31.12 10.32 -19.64
CA MET B 386 -30.87 10.15 -18.21
C MET B 386 -32.12 10.44 -17.38
N VAL B 387 -32.36 9.62 -16.35
CA VAL B 387 -33.54 9.78 -15.51
C VAL B 387 -33.19 9.68 -14.03
N ILE B 388 -33.61 10.69 -13.26
CA ILE B 388 -33.40 10.68 -11.81
C ILE B 388 -34.72 10.76 -11.06
N GLU B 389 -35.06 9.71 -10.32
CA GLU B 389 -36.32 9.70 -9.59
C GLU B 389 -36.15 10.21 -8.17
N ALA B 390 -36.80 11.34 -7.88
CA ALA B 390 -36.85 11.87 -6.52
C ALA B 390 -38.28 11.95 -6.00
N ILE B 391 -38.85 10.82 -5.62
CA ILE B 391 -40.25 10.76 -5.25
C ILE B 391 -40.42 10.58 -3.74
N GLY B 392 -39.30 10.41 -3.05
CA GLY B 392 -39.33 10.30 -1.60
C GLY B 392 -38.31 9.33 -1.05
N GLN B 393 -38.40 9.08 0.26
CA GLN B 393 -37.44 8.26 0.98
C GLN B 393 -38.15 7.58 2.14
N GLY B 394 -37.48 6.60 2.75
CA GLY B 394 -38.06 5.90 3.88
C GLY B 394 -37.07 5.55 4.97
N PRO B 395 -37.59 5.12 6.14
CA PRO B 395 -36.76 4.73 7.27
C PRO B 395 -36.04 3.41 7.02
N ASN B 396 -35.04 3.11 7.84
CA ASN B 396 -34.29 1.86 7.70
C ASN B 396 -35.02 0.71 8.39
N ARG B 397 -35.67 -0.15 7.60
CA ARG B 397 -36.60 -1.12 8.15
C ARG B 397 -35.92 -2.24 8.93
N VAL B 398 -34.75 -2.67 8.47
CA VAL B 398 -34.03 -3.76 9.13
C VAL B 398 -33.41 -3.29 10.45
N LEU B 399 -32.82 -2.10 10.43
CA LEU B 399 -32.16 -1.53 11.60
C LEU B 399 -33.11 -1.32 12.79
N LEU B 400 -34.29 -0.78 12.52
CA LEU B 400 -35.28 -0.55 13.57
C LEU B 400 -35.76 -1.85 14.21
N SER B 401 -35.76 -2.93 13.42
CA SER B 401 -36.24 -4.22 13.92
C SER B 401 -35.26 -4.83 14.92
N GLU B 402 -34.01 -4.39 14.87
CA GLU B 402 -32.97 -4.91 15.76
C GLU B 402 -33.02 -4.24 17.12
N PHE B 403 -33.91 -3.25 17.26
CA PHE B 403 -34.20 -2.64 18.56
C PHE B 403 -35.41 -3.31 19.20
N PRO B 404 -35.17 -4.13 20.23
CA PRO B 404 -36.28 -4.85 20.87
C PRO B 404 -37.22 -3.91 21.60
N GLY B 405 -38.52 -4.06 21.37
CA GLY B 405 -39.52 -3.25 22.02
C GLY B 405 -39.74 -1.90 21.38
N LEU B 406 -38.95 -1.57 20.36
CA LEU B 406 -39.10 -0.30 19.66
C LEU B 406 -40.34 -0.31 18.76
N GLU B 407 -41.26 0.60 19.04
CA GLU B 407 -42.53 0.67 18.33
C GLU B 407 -42.47 1.65 17.16
N LEU B 408 -42.98 1.22 16.01
CA LEU B 408 -43.01 2.10 14.84
C LEU B 408 -44.36 2.80 14.72
N ASN B 409 -44.43 3.75 13.79
CA ASN B 409 -45.63 4.56 13.57
C ASN B 409 -46.55 3.95 12.53
N GLU B 410 -47.30 4.81 11.85
CA GLU B 410 -48.20 4.40 10.79
C GLU B 410 -47.49 3.51 9.78
N ARG B 411 -46.38 4.00 9.22
CA ARG B 411 -45.66 3.23 8.21
C ARG B 411 -44.13 3.24 8.37
N GLY B 412 -43.65 2.73 9.50
CA GLY B 412 -42.22 2.51 9.69
C GLY B 412 -41.38 3.48 10.50
N TYR B 413 -41.85 4.70 10.72
CA TYR B 413 -41.07 5.65 11.54
C TYR B 413 -41.25 5.38 13.03
N ILE B 414 -40.26 5.76 13.82
CA ILE B 414 -40.26 5.50 15.27
C ILE B 414 -41.34 6.28 16.03
N LYS B 415 -42.10 5.57 16.86
CA LYS B 415 -42.98 6.24 17.82
C LYS B 415 -42.13 6.85 18.93
N ALA B 416 -42.14 8.18 19.00
CA ALA B 416 -41.35 8.88 20.00
C ALA B 416 -42.03 10.16 20.45
N ASP B 417 -41.96 10.43 21.76
CA ASP B 417 -42.56 11.62 22.34
C ASP B 417 -42.04 12.87 21.67
N GLU B 418 -42.94 13.74 21.23
CA GLU B 418 -42.54 14.94 20.49
C GLU B 418 -41.65 15.88 21.29
N ASP B 419 -41.91 15.99 22.59
CA ASP B 419 -41.16 16.92 23.44
C ASP B 419 -39.92 16.29 24.09
N THR B 420 -40.06 15.08 24.61
CA THR B 420 -38.96 14.44 25.34
C THR B 420 -38.06 13.65 24.41
N GLY B 421 -38.65 13.14 23.33
CA GLY B 421 -37.94 12.31 22.37
C GLY B 421 -37.74 10.90 22.87
N ALA B 422 -38.37 10.56 23.99
CA ALA B 422 -38.21 9.24 24.59
C ALA B 422 -39.12 8.22 23.91
N THR B 423 -38.55 7.06 23.59
CA THR B 423 -39.29 5.99 22.94
C THR B 423 -39.77 4.95 23.94
N SER B 424 -40.18 3.80 23.42
CA SER B 424 -40.67 2.69 24.25
C SER B 424 -39.54 1.89 24.88
N VAL B 425 -38.31 2.20 24.52
CA VAL B 425 -37.15 1.47 25.06
C VAL B 425 -36.43 2.33 26.09
N LYS B 426 -36.14 1.74 27.24
CA LYS B 426 -35.54 2.47 28.36
C LYS B 426 -34.21 3.14 28.01
N GLY B 427 -34.15 4.45 28.19
CA GLY B 427 -32.93 5.19 27.94
C GLY B 427 -32.68 5.61 26.50
N VAL B 428 -33.54 5.16 25.60
CA VAL B 428 -33.36 5.41 24.17
C VAL B 428 -34.20 6.57 23.66
N PHE B 429 -33.56 7.45 22.89
CA PHE B 429 -34.22 8.64 22.34
C PHE B 429 -34.09 8.68 20.82
N ALA B 430 -34.87 9.55 20.18
CA ALA B 430 -34.84 9.68 18.73
C ALA B 430 -35.35 11.04 18.27
N GLY B 431 -34.97 11.44 17.06
CA GLY B 431 -35.42 12.71 16.50
C GLY B 431 -35.04 12.92 15.06
N GLY B 432 -35.69 13.88 14.40
CA GLY B 432 -35.43 14.18 13.02
C GLY B 432 -36.34 13.41 12.07
N ASP B 433 -35.88 13.23 10.83
CA ASP B 433 -36.66 12.52 9.81
C ASP B 433 -37.02 11.09 10.22
N ILE B 434 -36.24 10.50 11.12
CA ILE B 434 -36.49 9.12 11.57
C ILE B 434 -37.77 9.05 12.38
N VAL B 435 -38.26 10.20 12.84
CA VAL B 435 -39.50 10.27 13.58
C VAL B 435 -40.62 10.91 12.75
N THR B 436 -40.36 12.13 12.28
CA THR B 436 -41.38 12.91 11.59
C THR B 436 -41.60 12.53 10.13
N GLY B 437 -40.63 11.84 9.53
CA GLY B 437 -40.62 11.66 8.09
C GLY B 437 -39.94 12.86 7.48
N ALA B 438 -40.08 13.04 6.17
CA ALA B 438 -39.47 14.18 5.49
C ALA B 438 -39.89 15.50 6.12
N ALA B 439 -38.92 16.36 6.40
CA ALA B 439 -39.19 17.60 7.11
C ALA B 439 -38.08 18.64 6.86
N THR B 440 -37.76 19.41 7.90
CA THR B 440 -36.76 20.46 7.79
C THR B 440 -35.52 20.24 8.66
N VAL B 441 -34.42 20.89 8.28
CA VAL B 441 -33.18 20.85 9.06
C VAL B 441 -33.38 21.44 10.46
N ILE B 442 -34.10 22.55 10.52
CA ILE B 442 -34.30 23.26 11.78
C ILE B 442 -35.08 22.42 12.79
N LYS B 443 -35.98 21.58 12.28
CA LYS B 443 -36.76 20.68 13.14
C LYS B 443 -35.92 19.51 13.62
N ALA B 444 -35.04 19.02 12.76
CA ALA B 444 -34.10 17.96 13.11
C ALA B 444 -33.15 18.49 14.18
N MET B 445 -32.75 19.74 14.00
CA MET B 445 -31.91 20.44 14.97
C MET B 445 -32.64 20.50 16.32
N GLY B 446 -33.84 21.05 16.31
CA GLY B 446 -34.65 21.21 17.51
C GLY B 446 -34.90 19.92 18.26
N ALA B 447 -35.20 18.85 17.54
CA ALA B 447 -35.41 17.54 18.15
C ALA B 447 -34.14 17.07 18.86
N GLY B 448 -32.99 17.38 18.27
CA GLY B 448 -31.71 17.07 18.87
C GLY B 448 -31.50 17.81 20.17
N LYS B 449 -31.89 19.09 20.17
CA LYS B 449 -31.85 19.93 21.35
C LYS B 449 -32.71 19.38 22.48
N LYS B 450 -33.99 19.18 22.21
CA LYS B 450 -34.95 18.68 23.19
C LYS B 450 -34.60 17.31 23.75
N ALA B 451 -34.22 16.38 22.87
CA ALA B 451 -33.83 15.04 23.29
C ALA B 451 -32.63 15.07 24.22
N ALA B 452 -31.64 15.90 23.88
CA ALA B 452 -30.42 16.04 24.67
C ALA B 452 -30.72 16.53 26.08
N GLN B 453 -31.65 17.49 26.17
CA GLN B 453 -32.03 18.07 27.45
C GLN B 453 -32.71 17.04 28.35
N PHE B 454 -33.54 16.20 27.77
CA PHE B 454 -34.26 15.19 28.54
C PHE B 454 -33.44 13.93 28.76
N ILE B 455 -32.37 13.75 27.99
CA ILE B 455 -31.40 12.70 28.28
C ILE B 455 -30.65 13.11 29.55
N HIS B 456 -30.30 14.39 29.61
CA HIS B 456 -29.68 14.97 30.80
C HIS B 456 -30.59 14.83 32.02
N SER B 457 -31.86 15.19 31.84
CA SER B 457 -32.83 15.10 32.92
C SER B 457 -33.03 13.66 33.37
N TYR B 458 -32.97 12.73 32.44
CA TYR B 458 -33.17 11.32 32.73
C TYR B 458 -31.96 10.70 33.41
N LEU B 459 -30.77 11.10 32.98
CA LEU B 459 -29.54 10.51 33.47
C LEU B 459 -29.16 11.08 34.84
N THR B 460 -29.90 12.09 35.26
CA THR B 460 -29.70 12.69 36.58
C THR B 460 -30.75 12.15 37.56
N GLY B 461 -31.66 11.32 37.06
CA GLY B 461 -32.65 10.66 37.89
C GLY B 461 -33.97 11.41 38.06
N GLU B 462 -33.99 12.67 37.63
CA GLU B 462 -35.15 13.55 37.83
C GLU B 462 -36.41 13.03 37.16
N TRP B 463 -36.27 12.48 35.96
CA TRP B 463 -37.43 12.13 35.13
C TRP B 463 -37.25 10.79 34.41
N ASN B 464 -38.27 9.94 34.53
CA ASN B 464 -38.26 8.60 33.93
C ASN B 464 -39.62 8.18 33.36
N PRO B 465 -39.75 8.20 32.02
CA PRO B 465 -40.94 7.79 31.28
C PRO B 465 -41.15 6.27 31.22
N TRP B 466 -40.08 5.51 31.44
CA TRP B 466 -40.15 4.05 31.41
C TRP B 466 -40.30 3.47 32.81
N GLN B 467 -41.50 3.01 33.13
CA GLN B 467 -41.81 2.54 34.48
C GLN B 467 -42.18 1.05 34.53
N LYS B 468 -42.99 0.60 33.58
CA LYS B 468 -43.46 -0.79 33.60
C LYS B 468 -42.65 -1.65 32.63
N MET C 1 36.78 15.58 -23.32
CA MET C 1 35.61 16.21 -22.71
C MET C 1 35.64 17.73 -22.81
N GLY C 2 35.88 18.38 -21.67
CA GLY C 2 35.88 19.83 -21.60
C GLY C 2 34.44 20.30 -21.46
N GLY C 3 33.68 19.50 -20.74
CA GLY C 3 32.26 19.75 -20.50
C GLY C 3 31.93 19.00 -19.22
N THR C 4 30.64 18.86 -18.90
CA THR C 4 30.28 18.17 -17.66
C THR C 4 30.63 16.69 -17.80
N ALA C 5 31.49 16.21 -16.92
CA ALA C 5 31.95 14.82 -16.99
C ALA C 5 31.74 14.04 -15.70
N LEU C 6 31.83 12.72 -15.82
CA LEU C 6 31.81 11.78 -14.70
C LEU C 6 30.83 12.13 -13.57
N ASN C 7 31.38 12.34 -12.38
CA ASN C 7 30.63 12.70 -11.19
C ASN C 7 31.10 14.05 -10.67
N GLU C 8 31.53 14.89 -11.60
CA GLU C 8 32.09 16.21 -11.30
C GLU C 8 31.17 17.12 -10.49
N ILE C 9 31.76 17.83 -9.54
CA ILE C 9 31.05 18.82 -8.74
C ILE C 9 31.01 20.18 -9.45
N VAL C 10 29.83 20.53 -9.96
CA VAL C 10 29.67 21.72 -10.78
C VAL C 10 29.54 22.99 -9.94
N LYS C 11 28.70 22.94 -8.91
CA LYS C 11 28.45 24.11 -8.06
C LYS C 11 28.52 23.76 -6.59
N LYS C 12 29.37 24.48 -5.85
CA LYS C 12 29.45 24.31 -4.40
C LYS C 12 29.10 25.61 -3.66
N VAL C 13 27.98 26.23 -4.01
CA VAL C 13 27.63 27.49 -3.37
C VAL C 13 27.21 27.23 -1.93
N LYS C 14 27.93 27.87 -1.00
CA LYS C 14 27.73 27.62 0.42
C LYS C 14 26.90 28.71 1.11
N ILE C 15 25.68 28.37 1.50
CA ILE C 15 24.74 29.35 2.03
C ILE C 15 24.62 29.31 3.56
N ALA C 16 25.37 28.43 4.22
CA ALA C 16 25.30 28.33 5.67
C ALA C 16 26.59 27.79 6.31
N GLU C 17 26.60 27.77 7.64
CA GLU C 17 27.80 27.43 8.43
C GLU C 17 28.39 26.05 8.19
N ASP C 18 27.70 25.02 8.69
CA ASP C 18 28.18 23.64 8.54
C ASP C 18 27.36 22.93 7.48
N VAL C 19 26.67 23.72 6.68
CA VAL C 19 25.84 23.19 5.61
C VAL C 19 26.44 23.53 4.25
N PHE C 20 26.57 22.53 3.39
CA PHE C 20 27.16 22.73 2.08
C PHE C 20 26.18 22.31 1.00
N ASP C 21 26.10 23.11 -0.06
CA ASP C 21 25.17 22.84 -1.15
C ASP C 21 25.92 22.45 -2.41
N PHE C 22 25.62 21.27 -2.95
CA PHE C 22 26.30 20.77 -4.13
C PHE C 22 25.34 20.59 -5.30
N TRP C 23 25.82 20.92 -6.50
CA TRP C 23 25.14 20.54 -7.73
C TRP C 23 26.08 19.61 -8.50
N ILE C 24 25.70 18.35 -8.62
CA ILE C 24 26.62 17.34 -9.15
C ILE C 24 26.11 16.69 -10.43
N HIS C 25 27.00 16.55 -11.40
CA HIS C 25 26.67 16.01 -12.71
C HIS C 25 26.66 14.48 -12.70
N SER C 26 25.48 13.90 -12.72
CA SER C 26 25.32 12.45 -12.78
C SER C 26 24.07 12.11 -13.58
N PRO C 27 24.24 11.90 -14.90
CA PRO C 27 23.16 11.68 -15.86
C PRO C 27 22.15 10.61 -15.43
N SER C 28 22.65 9.45 -15.00
CA SER C 28 21.77 8.37 -14.55
C SER C 28 20.90 8.84 -13.39
N VAL C 29 21.55 9.27 -12.32
CA VAL C 29 20.86 9.74 -11.12
C VAL C 29 19.96 10.95 -11.41
N SER C 30 20.40 11.84 -12.28
CA SER C 30 19.66 13.06 -12.54
C SER C 30 18.39 12.83 -13.38
N LYS C 31 18.46 11.91 -14.33
CA LYS C 31 17.34 11.64 -15.22
C LYS C 31 16.24 10.74 -14.65
N GLU C 32 16.63 9.67 -13.97
CA GLU C 32 15.69 8.64 -13.57
C GLU C 32 15.19 8.75 -12.12
N ALA C 33 15.53 9.83 -11.44
CA ALA C 33 15.21 9.97 -10.02
C ALA C 33 13.85 10.56 -9.75
N ARG C 34 13.12 9.93 -8.84
CA ARG C 34 11.83 10.44 -8.36
C ARG C 34 12.03 10.96 -6.94
N PRO C 35 11.23 11.96 -6.53
CA PRO C 35 11.32 12.56 -5.20
C PRO C 35 11.19 11.54 -4.06
N GLY C 36 12.03 11.70 -3.05
CA GLY C 36 12.05 10.79 -1.91
C GLY C 36 13.20 9.81 -1.97
N GLN C 37 13.82 9.69 -3.14
CA GLN C 37 14.94 8.75 -3.32
C GLN C 37 16.26 9.40 -2.92
N PHE C 38 17.31 8.58 -2.86
CA PHE C 38 18.61 9.05 -2.42
C PHE C 38 19.75 8.41 -3.22
N VAL C 39 20.97 8.82 -2.92
CA VAL C 39 22.16 8.21 -3.51
C VAL C 39 23.14 7.76 -2.44
N VAL C 40 23.98 6.79 -2.78
CA VAL C 40 25.08 6.40 -1.92
C VAL C 40 26.40 6.74 -2.60
N ILE C 41 27.27 7.45 -1.89
CA ILE C 41 28.53 7.88 -2.47
C ILE C 41 29.71 7.33 -1.70
N ARG C 42 30.86 7.27 -2.38
CA ARG C 42 32.13 6.97 -1.73
C ARG C 42 33.19 7.85 -2.34
N LEU C 43 33.96 8.53 -1.50
CA LEU C 43 34.91 9.53 -1.97
C LEU C 43 36.24 8.91 -2.41
N HIS C 44 36.85 8.12 -1.54
CA HIS C 44 38.16 7.54 -1.82
C HIS C 44 38.22 6.05 -1.51
N GLU C 45 39.36 5.43 -1.81
CA GLU C 45 39.53 3.99 -1.62
C GLU C 45 39.62 3.58 -0.16
N LYS C 46 40.15 4.44 0.69
CA LYS C 46 40.17 4.15 2.12
C LYS C 46 38.81 4.48 2.71
N GLY C 47 37.99 5.14 1.90
CA GLY C 47 36.72 5.65 2.34
C GLY C 47 35.65 4.60 2.59
N GLU C 48 34.55 5.06 3.17
CA GLU C 48 33.40 4.19 3.41
C GLU C 48 32.23 4.74 2.61
N ARG C 49 31.24 3.91 2.35
CA ARG C 49 30.06 4.34 1.60
C ARG C 49 29.04 4.99 2.53
N ILE C 50 28.59 6.20 2.18
CA ILE C 50 27.58 6.88 2.97
C ILE C 50 26.42 7.38 2.10
N PRO C 51 25.19 7.26 2.60
CA PRO C 51 23.97 7.67 1.89
C PRO C 51 23.60 9.14 2.09
N LEU C 52 23.18 9.79 1.00
CA LEU C 52 22.74 11.19 1.05
C LEU C 52 21.60 11.39 0.06
N THR C 53 20.64 12.24 0.43
CA THR C 53 19.41 12.38 -0.35
C THR C 53 19.58 13.26 -1.59
N VAL C 54 18.82 12.93 -2.64
CA VAL C 54 18.69 13.80 -3.80
C VAL C 54 17.78 14.97 -3.45
N ALA C 55 18.32 16.18 -3.53
CA ALA C 55 17.58 17.37 -3.10
C ALA C 55 16.83 18.07 -4.23
N ASP C 56 17.24 17.78 -5.47
CA ASP C 56 16.66 18.40 -6.66
C ASP C 56 17.35 17.84 -7.90
N THR C 57 16.72 18.00 -9.06
CA THR C 57 17.32 17.53 -10.32
C THR C 57 17.11 18.53 -11.46
N LYS C 58 18.11 18.63 -12.33
CA LYS C 58 17.98 19.37 -13.57
C LYS C 58 18.34 18.45 -14.74
N PRO C 59 17.36 17.66 -15.20
CA PRO C 59 17.53 16.61 -16.22
C PRO C 59 18.07 17.11 -17.57
N GLU C 60 17.70 18.32 -17.96
CA GLU C 60 18.11 18.85 -19.26
C GLU C 60 19.63 19.04 -19.34
N GLU C 61 20.24 19.36 -18.22
CA GLU C 61 21.70 19.48 -18.14
C GLU C 61 22.31 18.30 -17.38
N GLY C 62 21.45 17.41 -16.89
CA GLY C 62 21.90 16.19 -16.22
C GLY C 62 22.58 16.37 -14.87
N LEU C 63 22.01 17.24 -14.03
CA LEU C 63 22.54 17.48 -12.69
C LEU C 63 21.55 17.05 -11.62
N PHE C 64 22.07 16.69 -10.45
CA PHE C 64 21.20 16.48 -9.29
C PHE C 64 21.83 17.15 -8.07
N ARG C 65 20.98 17.69 -7.21
CA ARG C 65 21.43 18.48 -6.06
C ARG C 65 21.64 17.62 -4.83
N MET C 66 22.64 18.00 -4.02
CA MET C 66 22.89 17.31 -2.75
C MET C 66 23.39 18.29 -1.71
N VAL C 67 22.79 18.24 -0.52
CA VAL C 67 23.17 19.12 0.57
C VAL C 67 23.69 18.32 1.77
N VAL C 68 24.85 18.71 2.29
CA VAL C 68 25.53 17.90 3.30
C VAL C 68 25.82 18.66 4.61
N LYS C 69 25.55 18.01 5.73
CA LYS C 69 26.01 18.50 7.03
C LYS C 69 27.25 17.73 7.47
N VAL C 70 28.22 18.44 8.07
CA VAL C 70 29.45 17.81 8.52
C VAL C 70 29.28 17.27 9.95
N VAL C 71 29.08 15.96 10.06
CA VAL C 71 28.85 15.35 11.36
C VAL C 71 29.95 14.38 11.80
N GLY C 72 30.89 14.08 10.91
CA GLY C 72 31.91 13.09 11.24
C GLY C 72 32.99 12.92 10.18
N LYS C 73 33.74 11.83 10.28
CA LYS C 73 34.95 11.63 9.51
C LYS C 73 34.73 11.76 8.00
N THR C 74 33.83 10.93 7.45
CA THR C 74 33.61 10.91 6.01
C THR C 74 33.04 12.24 5.56
N THR C 75 32.11 12.76 6.36
CA THR C 75 31.52 14.08 6.12
C THR C 75 32.56 15.20 6.28
N HIS C 76 33.50 15.03 7.22
CA HIS C 76 34.62 15.96 7.36
C HIS C 76 35.35 16.09 6.03
N GLU C 77 35.81 14.95 5.51
CA GLU C 77 36.53 14.89 4.24
C GLU C 77 35.68 15.40 3.07
N LEU C 78 34.39 15.11 3.12
CA LEU C 78 33.45 15.51 2.06
C LEU C 78 33.31 17.02 1.93
N SER C 79 33.34 17.72 3.06
CA SER C 79 33.23 19.17 3.09
C SER C 79 34.39 19.85 2.37
N LEU C 80 35.54 19.20 2.36
CA LEU C 80 36.76 19.77 1.80
C LEU C 80 36.81 19.73 0.28
N LYS C 81 35.96 18.90 -0.34
CA LYS C 81 35.91 18.84 -1.80
C LYS C 81 35.51 20.19 -2.40
N LYS C 82 36.10 20.53 -3.54
CA LYS C 82 35.87 21.83 -4.18
C LYS C 82 35.22 21.70 -5.55
N GLU C 83 34.77 22.84 -6.10
CA GLU C 83 34.14 22.88 -7.42
C GLU C 83 35.06 22.36 -8.51
N GLY C 84 34.55 21.43 -9.31
CA GLY C 84 35.32 20.82 -10.38
C GLY C 84 35.81 19.44 -10.03
N ASP C 85 35.90 19.16 -8.73
CA ASP C 85 36.34 17.84 -8.27
C ASP C 85 35.28 16.80 -8.56
N THR C 86 35.70 15.54 -8.68
CA THR C 86 34.76 14.45 -8.94
C THR C 86 34.67 13.53 -7.73
N ILE C 87 33.47 12.97 -7.52
CA ILE C 87 33.29 11.93 -6.52
C ILE C 87 33.55 10.59 -7.18
N LEU C 88 34.30 9.73 -6.50
CA LEU C 88 34.74 8.47 -7.11
C LEU C 88 33.55 7.58 -7.46
N ASP C 89 32.66 7.40 -6.50
CA ASP C 89 31.47 6.60 -6.72
C ASP C 89 30.20 7.36 -6.35
N VAL C 90 29.23 7.38 -7.26
CA VAL C 90 27.90 7.90 -6.98
C VAL C 90 26.86 6.94 -7.54
N VAL C 91 26.10 6.28 -6.66
CA VAL C 91 25.12 5.30 -7.10
C VAL C 91 23.69 5.71 -6.75
N GLY C 92 22.79 5.55 -7.70
CA GLY C 92 21.40 5.88 -7.50
C GLY C 92 20.61 5.89 -8.80
N PRO C 93 19.30 6.19 -8.71
CA PRO C 93 18.59 6.50 -7.48
C PRO C 93 18.17 5.26 -6.70
N LEU C 94 18.42 5.27 -5.39
CA LEU C 94 18.07 4.13 -4.55
C LEU C 94 16.85 4.42 -3.68
N GLY C 95 16.23 3.37 -3.18
CA GLY C 95 15.05 3.53 -2.35
C GLY C 95 13.79 3.66 -3.18
N ASN C 96 12.64 3.57 -2.51
CA ASN C 96 11.35 3.70 -3.17
C ASN C 96 10.86 5.14 -3.20
N PRO C 97 10.38 5.59 -4.36
CA PRO C 97 9.86 6.96 -4.52
C PRO C 97 8.66 7.22 -3.61
N SER C 98 8.41 8.50 -3.34
CA SER C 98 7.31 8.92 -2.49
C SER C 98 5.95 8.65 -3.14
N GLU C 99 4.91 8.59 -2.30
CA GLU C 99 3.54 8.46 -2.78
C GLU C 99 3.02 9.87 -3.09
N ILE C 100 2.89 10.18 -4.37
CA ILE C 100 2.70 11.55 -4.82
C ILE C 100 1.26 11.77 -5.31
N GLU C 101 0.33 10.98 -4.80
CA GLU C 101 -1.07 11.23 -5.11
C GLU C 101 -1.97 11.20 -3.87
N ASN C 102 -1.59 11.95 -2.84
CA ASN C 102 -2.42 12.12 -1.65
C ASN C 102 -3.08 13.48 -1.77
N TYR C 103 -4.06 13.59 -2.66
CA TYR C 103 -4.54 14.89 -3.15
C TYR C 103 -5.34 15.65 -2.09
N GLY C 104 -4.83 16.81 -1.67
CA GLY C 104 -5.47 17.58 -0.62
C GLY C 104 -4.54 18.54 0.08
N ASN C 105 -4.73 18.69 1.39
CA ASN C 105 -3.86 19.54 2.20
C ASN C 105 -2.74 18.75 2.87
N VAL C 106 -1.49 19.13 2.61
CA VAL C 106 -0.35 18.39 3.12
C VAL C 106 0.57 19.27 3.96
N LEU C 107 1.03 18.73 5.10
CA LEU C 107 1.95 19.45 5.97
C LEU C 107 3.36 18.88 5.90
N LEU C 108 4.36 19.76 5.78
CA LEU C 108 5.76 19.33 5.70
C LEU C 108 6.60 19.92 6.83
N VAL C 109 7.44 19.07 7.42
CA VAL C 109 8.25 19.41 8.60
C VAL C 109 9.73 19.10 8.40
N GLY C 110 10.59 19.89 9.05
CA GLY C 110 12.03 19.73 8.94
C GLY C 110 12.68 19.80 10.32
N GLY C 111 13.86 19.22 10.44
CA GLY C 111 14.54 19.11 11.71
C GLY C 111 15.81 19.94 11.82
N GLY C 112 16.08 20.42 13.04
CA GLY C 112 17.19 21.32 13.28
C GLY C 112 18.58 20.82 12.91
N VAL C 113 18.83 19.54 13.10
CA VAL C 113 20.11 18.97 12.69
C VAL C 113 19.95 18.34 11.31
N GLY C 114 18.74 17.84 11.04
CA GLY C 114 18.38 17.26 9.76
C GLY C 114 18.43 18.17 8.54
N ILE C 115 19.29 17.83 7.59
CA ILE C 115 19.36 18.51 6.30
C ILE C 115 18.03 18.33 5.56
N ALA C 116 17.71 19.27 4.65
CA ALA C 116 16.49 19.20 3.85
C ALA C 116 16.35 17.91 3.05
N THR C 117 15.12 17.61 2.65
CA THR C 117 14.78 16.40 1.89
C THR C 117 13.44 16.59 1.18
N LEU C 118 12.58 17.37 1.81
CA LEU C 118 11.19 17.56 1.36
C LEU C 118 11.00 18.42 0.11
N TYR C 119 12.06 19.03 -0.41
CA TYR C 119 11.91 19.97 -1.53
C TYR C 119 11.42 19.30 -2.83
N PRO C 120 12.09 18.22 -3.30
CA PRO C 120 11.55 17.65 -4.53
C PRO C 120 10.22 16.94 -4.29
N ILE C 121 9.98 16.54 -3.04
CA ILE C 121 8.70 15.96 -2.64
C ILE C 121 7.59 17.01 -2.72
N ALA C 122 7.82 18.16 -2.07
CA ALA C 122 6.89 19.28 -2.10
C ALA C 122 6.51 19.66 -3.52
N LYS C 123 7.53 19.87 -4.35
CA LYS C 123 7.36 20.19 -5.76
C LYS C 123 6.46 19.19 -6.46
N ALA C 124 6.71 17.90 -6.19
CA ALA C 124 5.93 16.82 -6.79
C ALA C 124 4.48 16.82 -6.31
N LEU C 125 4.29 17.12 -5.03
CA LEU C 125 2.95 17.20 -4.45
C LEU C 125 2.12 18.34 -5.03
N LYS C 126 2.72 19.50 -5.20
CA LYS C 126 2.01 20.65 -5.75
C LYS C 126 1.78 20.47 -7.24
N GLU C 127 2.59 19.61 -7.86
CA GLU C 127 2.42 19.25 -9.26
C GLU C 127 1.24 18.31 -9.40
N ALA C 128 0.86 17.68 -8.28
CA ALA C 128 -0.25 16.72 -8.27
C ALA C 128 -1.55 17.35 -7.79
N GLY C 129 -1.50 18.64 -7.47
CA GLY C 129 -2.69 19.39 -7.09
C GLY C 129 -2.93 19.43 -5.60
N ASN C 130 -1.86 19.33 -4.82
CA ASN C 130 -1.94 19.41 -3.37
C ASN C 130 -1.83 20.85 -2.87
N ASN C 131 -2.54 21.18 -1.80
CA ASN C 131 -2.33 22.45 -1.13
C ASN C 131 -1.42 22.24 0.07
N ILE C 132 -0.20 22.75 -0.02
CA ILE C 132 0.82 22.37 0.94
C ILE C 132 1.10 23.47 1.97
N THR C 133 1.37 23.05 3.20
CA THR C 133 1.86 23.95 4.24
C THR C 133 3.17 23.42 4.81
N THR C 134 4.24 24.19 4.67
CA THR C 134 5.56 23.71 5.06
C THR C 134 6.05 24.38 6.35
N VAL C 135 6.64 23.56 7.21
CA VAL C 135 7.18 24.03 8.48
C VAL C 135 8.69 23.83 8.52
N LEU C 136 9.43 24.91 8.74
CA LEU C 136 10.88 24.84 8.73
C LEU C 136 11.45 25.23 10.11
N GLY C 137 12.09 24.29 10.79
CA GLY C 137 12.64 24.56 12.11
C GLY C 137 14.13 24.32 12.23
N ALA C 138 14.73 24.89 13.28
CA ALA C 138 16.17 24.75 13.48
C ALA C 138 16.57 24.91 14.95
N ARG C 139 17.85 24.72 15.23
CA ARG C 139 18.39 24.85 16.57
C ARG C 139 18.56 26.31 16.99
N THR C 140 19.12 27.12 16.09
CA THR C 140 19.37 28.53 16.38
C THR C 140 19.31 29.41 15.14
N LYS C 141 18.16 30.02 14.88
CA LYS C 141 17.98 30.98 13.79
C LYS C 141 18.42 30.45 12.43
N ASP C 142 19.63 30.85 12.04
CA ASP C 142 20.18 30.51 10.74
C ASP C 142 21.27 29.43 10.85
N TYR C 143 21.34 28.77 12.01
CA TYR C 143 22.33 27.73 12.21
C TYR C 143 22.16 26.59 11.23
N LEU C 144 20.93 26.09 11.08
CA LEU C 144 20.60 25.25 9.94
C LEU C 144 19.33 25.71 9.23
N ILE C 145 19.49 26.30 8.05
CA ILE C 145 18.34 26.84 7.33
C ILE C 145 18.11 26.03 6.06
N MET C 146 16.86 25.98 5.62
CA MET C 146 16.49 25.34 4.36
C MET C 146 15.98 26.43 3.42
N VAL C 147 16.15 26.25 2.12
CA VAL C 147 15.87 27.32 1.18
C VAL C 147 14.38 27.64 1.16
N ASP C 148 14.05 28.81 1.69
CA ASP C 148 12.67 29.25 1.86
C ASP C 148 12.09 29.86 0.59
N GLU C 149 12.90 30.64 -0.13
CA GLU C 149 12.47 31.29 -1.36
C GLU C 149 12.05 30.27 -2.41
N PHE C 150 12.54 29.04 -2.28
CA PHE C 150 12.12 27.94 -3.13
C PHE C 150 10.72 27.50 -2.76
N LYS C 151 10.55 27.12 -1.50
CA LYS C 151 9.32 26.51 -1.00
C LYS C 151 8.16 27.50 -1.00
N GLU C 152 8.42 28.72 -0.53
CA GLU C 152 7.39 29.75 -0.42
C GLU C 152 6.67 30.01 -1.73
N ILE C 153 7.36 29.78 -2.84
CA ILE C 153 6.78 29.94 -4.17
C ILE C 153 5.85 28.75 -4.48
N SER C 154 6.14 27.59 -3.89
CA SER C 154 5.36 26.40 -4.18
C SER C 154 4.25 26.18 -3.16
N ASP C 155 4.34 26.85 -2.01
CA ASP C 155 3.32 26.71 -0.98
C ASP C 155 3.49 27.74 0.14
N VAL C 156 2.63 27.67 1.14
CA VAL C 156 2.72 28.54 2.31
C VAL C 156 3.72 27.99 3.33
N LEU C 157 4.75 28.76 3.62
CA LEU C 157 5.84 28.28 4.47
C LEU C 157 5.94 29.06 5.79
N LEU C 158 6.04 28.31 6.88
CA LEU C 158 6.23 28.89 8.21
C LEU C 158 7.60 28.57 8.79
N VAL C 159 8.36 29.61 9.15
CA VAL C 159 9.70 29.43 9.70
C VAL C 159 9.64 29.22 11.21
N THR C 160 10.20 28.10 11.66
CA THR C 160 10.14 27.70 13.07
C THR C 160 11.55 27.67 13.67
N ASP C 161 11.65 27.55 14.99
CA ASP C 161 12.95 27.51 15.65
C ASP C 161 12.90 26.91 17.05
N ASP C 162 14.09 26.66 17.61
CA ASP C 162 14.20 26.16 18.97
C ASP C 162 14.52 27.30 19.94
N GLY C 163 14.14 28.53 19.58
CA GLY C 163 14.37 29.67 20.44
C GLY C 163 15.08 30.87 19.82
N SER C 164 14.96 31.05 18.51
CA SER C 164 15.55 32.22 17.86
C SER C 164 14.63 32.83 16.81
N ALA C 165 14.45 32.13 15.70
CA ALA C 165 13.64 32.62 14.58
C ALA C 165 12.18 32.83 14.99
N GLY C 166 11.77 32.19 16.08
CA GLY C 166 10.43 32.30 16.60
C GLY C 166 9.99 30.98 17.22
N MET C 167 8.69 30.85 17.46
CA MET C 167 8.11 29.62 18.03
C MET C 167 8.77 29.23 19.36
N LYS C 168 8.31 28.13 19.96
CA LYS C 168 8.77 27.76 21.29
C LYS C 168 9.41 26.37 21.33
N GLY C 169 8.58 25.34 21.44
CA GLY C 169 9.06 23.98 21.56
C GLY C 169 8.52 23.36 22.84
N VAL C 170 7.61 22.40 22.70
CA VAL C 170 6.90 21.86 23.84
C VAL C 170 6.86 20.32 23.82
N VAL C 171 6.97 19.72 25.00
CA VAL C 171 6.98 18.26 25.13
C VAL C 171 5.58 17.68 24.96
N THR C 172 5.47 16.35 25.04
CA THR C 172 4.17 15.68 24.94
C THR C 172 3.30 16.02 26.15
N ASP C 173 2.10 16.54 25.88
CA ASP C 173 1.15 16.87 26.94
C ASP C 173 0.57 15.62 27.59
N ARG C 180 -7.24 20.88 17.40
CA ARG C 180 -7.49 22.07 16.59
C ARG C 180 -8.41 21.67 15.42
N GLU C 181 -8.66 22.58 14.49
CA GLU C 181 -9.58 22.36 13.39
C GLU C 181 -8.82 21.69 12.24
N ARG C 182 -7.81 20.90 12.62
CA ARG C 182 -7.01 20.13 11.67
C ARG C 182 -7.85 19.17 10.86
N LYS C 183 -7.91 19.38 9.56
CA LYS C 183 -8.75 18.55 8.70
C LYS C 183 -8.21 18.59 7.28
N PHE C 184 -8.69 17.66 6.45
CA PHE C 184 -8.07 17.33 5.17
C PHE C 184 -6.56 17.23 5.46
N ASP C 185 -6.08 16.03 5.79
CA ASP C 185 -4.67 15.90 6.13
C ASP C 185 -3.86 14.72 5.61
N ILE C 186 -2.60 15.04 5.37
CA ILE C 186 -1.50 14.09 5.27
C ILE C 186 -0.27 14.89 5.71
N CYS C 187 0.61 14.29 6.50
CA CYS C 187 1.79 15.00 6.97
C CYS C 187 3.06 14.17 6.81
N TRP C 188 4.16 14.83 6.47
CA TRP C 188 5.42 14.15 6.27
C TRP C 188 6.46 14.77 7.20
N ALA C 189 7.26 13.93 7.85
CA ALA C 189 8.24 14.40 8.82
C ALA C 189 9.62 13.83 8.53
N VAL C 190 10.58 14.72 8.27
CA VAL C 190 11.96 14.32 8.02
C VAL C 190 12.97 15.16 8.82
N GLY C 191 13.79 14.49 9.61
CA GLY C 191 14.82 15.15 10.40
C GLY C 191 15.65 14.11 11.13
N PRO C 192 16.38 14.53 12.17
CA PRO C 192 17.12 13.56 12.98
C PRO C 192 16.23 12.51 13.62
N THR C 193 16.82 11.37 13.96
CA THR C 193 16.06 10.24 14.49
C THR C 193 15.48 10.53 15.87
N ILE C 194 16.16 11.38 16.63
CA ILE C 194 15.74 11.70 17.99
C ILE C 194 14.34 12.34 18.05
N MET C 195 14.12 13.35 17.22
CA MET C 195 12.86 14.09 17.20
C MET C 195 11.69 13.31 16.59
N MET C 196 11.98 12.53 15.57
CA MET C 196 10.95 11.81 14.80
C MET C 196 10.15 10.79 15.62
N LYS C 197 10.70 10.37 16.76
CA LYS C 197 10.06 9.37 17.61
C LYS C 197 8.69 9.74 18.19
N PHE C 198 8.52 11.00 18.58
CA PHE C 198 7.34 11.38 19.38
C PHE C 198 5.99 11.45 18.64
N CYS C 199 5.98 12.11 17.48
CA CYS C 199 4.78 12.21 16.62
C CYS C 199 3.43 12.32 17.34
N THR C 200 2.61 11.28 17.17
CA THR C 200 1.34 11.16 17.88
C THR C 200 1.54 10.91 19.37
N PHE C 206 -1.58 13.03 19.24
CA PHE C 206 -2.68 13.94 18.92
C PHE C 206 -3.46 13.43 17.70
N GLY C 207 -3.18 12.20 17.29
CA GLY C 207 -3.83 11.67 16.11
C GLY C 207 -3.15 12.13 14.84
N VAL C 208 -1.83 11.97 14.77
CA VAL C 208 -1.08 12.47 13.62
C VAL C 208 -0.72 11.38 12.61
N PRO C 209 -1.14 11.58 11.35
CA PRO C 209 -0.87 10.70 10.20
C PRO C 209 0.45 11.06 9.50
N ILE C 210 1.58 10.62 10.06
CA ILE C 210 2.87 11.05 9.56
C ILE C 210 3.60 10.01 8.73
N TRP C 211 4.16 10.46 7.61
CA TRP C 211 5.17 9.69 6.89
C TRP C 211 6.55 10.13 7.33
N VAL C 212 7.44 9.16 7.52
CA VAL C 212 8.77 9.44 8.04
C VAL C 212 9.82 8.72 7.18
N SER C 213 10.95 9.39 6.96
CA SER C 213 12.05 8.81 6.19
C SER C 213 13.17 8.38 7.13
N LEU C 214 13.25 7.08 7.40
CA LEU C 214 14.18 6.54 8.39
C LEU C 214 15.63 6.66 7.95
N ASN C 215 16.54 6.71 8.92
CA ASN C 215 17.95 6.88 8.64
C ASN C 215 18.88 5.94 9.43
N PRO C 216 18.79 4.63 9.15
CA PRO C 216 19.63 3.64 9.83
C PRO C 216 21.03 3.55 9.23
N ILE C 217 21.87 2.67 9.74
CA ILE C 217 23.20 2.48 9.19
C ILE C 217 23.12 1.75 7.85
N MET C 218 23.75 2.31 6.82
CA MET C 218 23.73 1.71 5.50
C MET C 218 25.14 1.50 4.94
N VAL C 219 25.27 0.45 4.13
CA VAL C 219 26.52 0.14 3.46
C VAL C 219 26.30 0.17 1.95
N ASP C 220 25.59 -0.84 1.46
CA ASP C 220 25.26 -0.99 0.05
C ASP C 220 24.07 -0.15 -0.42
N GLY C 221 22.97 -0.19 0.34
CA GLY C 221 21.78 0.55 -0.04
C GLY C 221 20.94 -0.13 -1.11
N THR C 222 21.29 -1.36 -1.46
CA THR C 222 20.57 -2.11 -2.49
C THR C 222 19.81 -3.31 -1.93
N GLY C 223 19.86 -3.50 -0.63
CA GLY C 223 19.09 -4.55 0.03
C GLY C 223 19.75 -5.92 0.02
N MET C 224 21.08 -5.95 0.03
CA MET C 224 21.82 -7.20 -0.09
C MET C 224 22.49 -7.65 1.21
N CYS C 225 22.44 -6.81 2.24
CA CYS C 225 23.16 -7.11 3.47
C CYS C 225 22.31 -7.03 4.74
N GLY C 226 21.57 -5.94 4.91
CA GLY C 226 20.67 -5.83 6.03
C GLY C 226 21.12 -4.89 7.12
N ALA C 227 22.11 -4.05 6.82
CA ALA C 227 22.61 -3.07 7.77
C ALA C 227 21.53 -2.13 8.26
N CYS C 228 20.62 -1.76 7.36
CA CYS C 228 19.60 -0.77 7.66
C CYS C 228 18.33 -1.35 8.28
N ARG C 229 18.43 -2.55 8.85
CA ARG C 229 17.28 -3.24 9.42
C ARG C 229 16.58 -2.39 10.48
N VAL C 230 15.25 -2.28 10.34
CA VAL C 230 14.42 -1.57 11.32
C VAL C 230 13.18 -2.42 11.58
N THR C 231 12.69 -2.40 12.82
CA THR C 231 11.47 -3.14 13.12
C THR C 231 10.25 -2.23 12.99
N VAL C 232 9.54 -2.41 11.89
CA VAL C 232 8.32 -1.67 11.61
C VAL C 232 7.13 -2.58 11.93
N SER C 233 6.19 -2.06 12.70
CA SER C 233 5.17 -2.88 13.34
C SER C 233 5.87 -3.97 14.16
N GLY C 234 5.77 -5.22 13.70
CA GLY C 234 6.44 -6.32 14.36
C GLY C 234 7.55 -6.94 13.54
N GLN C 235 7.68 -6.54 12.29
CA GLN C 235 8.57 -7.23 11.35
C GLN C 235 9.81 -6.44 10.98
N ILE C 236 10.86 -7.17 10.58
CA ILE C 236 12.14 -6.58 10.23
C ILE C 236 12.22 -6.24 8.74
N LYS C 237 12.48 -4.97 8.43
CA LYS C 237 12.62 -4.53 7.04
C LYS C 237 13.94 -3.81 6.83
N PHE C 238 14.40 -3.79 5.58
CA PHE C 238 15.62 -3.06 5.24
C PHE C 238 15.22 -1.74 4.59
N ALA C 239 15.52 -0.64 5.26
CA ALA C 239 15.04 0.69 4.89
C ALA C 239 15.60 1.22 3.57
N CYS C 240 16.63 0.56 3.02
CA CYS C 240 17.19 1.03 1.76
C CYS C 240 16.38 0.54 0.57
N VAL C 241 15.80 -0.65 0.70
CA VAL C 241 14.96 -1.22 -0.36
C VAL C 241 13.47 -1.07 -0.04
N ASP C 242 13.10 -1.41 1.20
CA ASP C 242 11.72 -1.36 1.62
C ASP C 242 11.30 0.08 1.91
N GLY C 243 12.27 0.91 2.27
CA GLY C 243 12.03 2.31 2.57
C GLY C 243 12.46 3.23 1.46
N PRO C 244 13.09 4.37 1.82
CA PRO C 244 13.40 4.79 3.18
C PRO C 244 12.20 5.32 3.96
N GLU C 245 11.15 5.67 3.22
CA GLU C 245 9.95 6.24 3.83
C GLU C 245 9.00 5.18 4.37
N PHE C 246 8.66 5.30 5.65
CA PHE C 246 7.66 4.43 6.28
C PHE C 246 6.63 5.26 7.04
N ARG C 247 5.70 4.57 7.69
CA ARG C 247 4.76 5.23 8.58
C ARG C 247 5.35 5.28 9.98
N GLY C 248 5.54 6.49 10.49
CA GLY C 248 6.20 6.71 11.77
C GLY C 248 5.60 5.98 12.95
N GLU C 249 4.29 5.73 12.88
CA GLU C 249 3.56 5.08 13.97
C GLU C 249 4.04 3.66 14.24
N GLU C 250 4.40 2.93 13.17
CA GLU C 250 4.79 1.53 13.30
C GLU C 250 6.27 1.34 13.63
N VAL C 251 7.05 2.41 13.52
CA VAL C 251 8.48 2.34 13.78
C VAL C 251 8.83 2.22 15.26
N ASP C 252 9.73 1.28 15.58
CA ASP C 252 10.27 1.15 16.93
C ASP C 252 11.52 2.02 17.02
N TRP C 253 11.42 3.11 17.77
CA TRP C 253 12.45 4.16 17.75
C TRP C 253 13.62 3.94 18.71
N ASP C 254 13.34 3.44 19.91
CA ASP C 254 14.38 3.29 20.92
C ASP C 254 15.47 2.31 20.51
N GLU C 255 15.06 1.20 19.91
CA GLU C 255 16.00 0.18 19.47
C GLU C 255 16.78 0.68 18.25
N LEU C 256 16.14 1.51 17.44
CA LEU C 256 16.80 2.12 16.29
C LEU C 256 17.91 3.10 16.70
N LEU C 257 17.62 3.93 17.70
CA LEU C 257 18.61 4.85 18.23
C LEU C 257 19.81 4.08 18.81
N LYS C 258 19.51 3.00 19.52
CA LYS C 258 20.53 2.13 20.08
C LYS C 258 21.40 1.54 18.97
N ARG C 259 20.79 1.25 17.82
CA ARG C 259 21.50 0.67 16.70
C ARG C 259 22.30 1.73 15.96
N LEU C 260 21.90 2.99 16.12
CA LEU C 260 22.59 4.09 15.48
C LEU C 260 23.90 4.42 16.20
N ALA C 261 24.06 3.89 17.41
CA ALA C 261 25.27 4.10 18.20
C ALA C 261 26.21 2.89 18.23
N GLN C 262 25.93 1.88 17.42
CA GLN C 262 26.70 0.62 17.45
C GLN C 262 28.19 0.83 17.16
N TYR C 263 28.50 1.73 16.24
CA TYR C 263 29.89 2.13 16.04
C TYR C 263 30.17 3.48 16.66
N ARG C 264 30.76 3.43 17.84
CA ARG C 264 31.22 4.63 18.52
C ARG C 264 32.73 4.65 18.33
N GLU C 265 33.21 3.62 17.63
CA GLU C 265 34.63 3.51 17.33
C GLU C 265 35.01 4.40 16.16
N GLN C 266 34.16 4.43 15.13
CA GLN C 266 34.47 5.26 13.98
C GLN C 266 34.36 6.74 14.36
N GLU C 267 33.53 7.03 15.36
CA GLU C 267 33.40 8.38 15.89
C GLU C 267 34.70 8.82 16.56
N LYS C 268 35.38 7.87 17.20
CA LYS C 268 36.69 8.11 17.78
C LYS C 268 37.69 8.43 16.66
N ILE C 269 37.62 7.62 15.61
CA ILE C 269 38.53 7.68 14.48
C ILE C 269 38.24 8.89 13.58
N SER C 270 37.12 9.56 13.84
CA SER C 270 36.81 10.79 13.14
C SER C 270 37.83 11.84 13.58
N TYR C 271 38.23 11.77 14.84
CA TYR C 271 39.19 12.71 15.42
C TYR C 271 40.61 12.52 14.87
N GLU C 272 41.01 11.25 14.72
CA GLU C 272 42.34 10.89 14.19
C GLU C 272 42.61 11.45 12.80
N ARG C 273 41.55 11.77 12.09
CA ARG C 273 41.62 12.28 10.72
C ARG C 273 42.17 13.71 10.67
N PHE C 274 42.13 14.41 11.79
CA PHE C 274 42.30 15.86 11.80
C PHE C 274 43.69 16.37 11.41
N LEU C 275 44.72 15.53 11.48
CA LEU C 275 46.04 15.96 11.02
C LEU C 275 46.14 16.00 9.50
N LYS C 276 45.35 15.15 8.83
CA LYS C 276 45.43 15.02 7.38
C LYS C 276 44.09 15.28 6.71
N MET D 1 50.70 -43.62 6.09
CA MET D 1 51.24 -42.63 5.15
C MET D 1 51.55 -43.26 3.78
N LYS D 2 52.81 -43.65 3.60
CA LYS D 2 53.34 -44.15 2.34
C LYS D 2 53.00 -43.19 1.19
N ASN D 3 52.01 -43.54 0.39
CA ASN D 3 51.68 -42.74 -0.78
C ASN D 3 50.70 -41.62 -0.43
N ARG D 4 51.21 -40.42 -0.23
CA ARG D 4 50.36 -39.27 0.05
C ARG D 4 50.42 -38.27 -1.09
N LYS D 5 49.58 -37.25 -1.01
CA LYS D 5 49.63 -36.15 -1.96
C LYS D 5 50.94 -35.44 -1.73
N THR D 6 51.44 -34.73 -2.74
CA THR D 6 52.62 -33.93 -2.52
C THR D 6 52.21 -32.79 -1.60
N PRO D 7 52.93 -32.64 -0.47
CA PRO D 7 52.58 -31.61 0.52
C PRO D 7 52.76 -30.21 -0.04
N MET D 8 51.92 -29.28 0.40
CA MET D 8 52.06 -27.90 -0.03
C MET D 8 52.33 -26.99 1.16
N LYS D 9 53.20 -26.01 0.95
CA LYS D 9 53.52 -25.03 1.97
C LYS D 9 52.34 -24.16 2.32
N GLU D 10 52.09 -23.99 3.61
CA GLU D 10 51.10 -23.05 4.08
C GLU D 10 51.66 -22.24 5.23
N GLN D 11 51.14 -21.03 5.41
CA GLN D 11 51.53 -20.18 6.52
C GLN D 11 51.22 -20.91 7.82
N SER D 12 52.09 -20.78 8.81
CA SER D 12 51.89 -21.44 10.10
C SER D 12 50.69 -20.85 10.82
N PRO D 13 49.88 -21.71 11.44
CA PRO D 13 48.61 -21.34 12.10
C PRO D 13 48.75 -20.17 13.05
N GLU D 14 49.82 -20.16 13.84
CA GLU D 14 50.05 -19.12 14.82
C GLU D 14 50.46 -17.80 14.16
N SER D 15 51.13 -17.88 13.03
CA SER D 15 51.56 -16.70 12.29
C SER D 15 50.45 -16.14 11.38
N ARG D 16 49.65 -17.04 10.83
CA ARG D 16 48.58 -16.66 9.91
C ARG D 16 47.35 -16.20 10.68
N ARG D 17 47.36 -16.45 11.99
CA ARG D 17 46.27 -16.10 12.89
C ARG D 17 45.98 -14.59 12.92
N ARG D 18 46.93 -13.79 12.46
CA ARG D 18 46.81 -12.33 12.58
C ARG D 18 46.63 -11.58 11.26
N ASN D 19 46.56 -12.30 10.15
CA ASN D 19 46.41 -11.64 8.86
C ASN D 19 45.37 -12.29 7.95
N PHE D 20 44.95 -11.56 6.93
CA PHE D 20 43.94 -12.04 6.01
C PHE D 20 44.60 -12.50 4.71
N GLU D 21 45.93 -12.62 4.73
CA GLU D 21 46.68 -13.09 3.58
C GLU D 21 46.44 -14.57 3.34
N GLU D 22 46.63 -15.01 2.11
CA GLU D 22 46.35 -16.39 1.72
C GLU D 22 47.13 -17.41 2.54
N VAL D 23 46.44 -18.46 2.96
CA VAL D 23 47.04 -19.53 3.77
C VAL D 23 47.84 -20.51 2.94
N ALA D 24 47.22 -21.05 1.90
CA ALA D 24 47.88 -22.01 1.02
C ALA D 24 48.78 -21.29 0.01
N LEU D 25 50.07 -21.59 0.09
CA LEU D 25 51.07 -20.83 -0.65
C LEU D 25 51.31 -21.36 -2.07
N GLY D 26 50.98 -22.62 -2.30
CA GLY D 26 51.13 -23.20 -3.63
C GLY D 26 52.34 -24.08 -3.83
N TYR D 27 52.20 -25.04 -4.73
CA TYR D 27 53.27 -25.96 -5.08
C TYR D 27 54.50 -25.27 -5.66
N THR D 28 55.68 -25.79 -5.34
CA THR D 28 56.85 -25.51 -6.14
C THR D 28 56.72 -26.35 -7.39
N LEU D 29 57.53 -26.08 -8.41
CA LEU D 29 57.41 -26.82 -9.67
C LEU D 29 57.63 -28.32 -9.47
N GLU D 30 58.69 -28.68 -8.74
CA GLU D 30 59.01 -30.08 -8.50
C GLU D 30 57.94 -30.78 -7.67
N GLU D 31 57.33 -30.02 -6.76
CA GLU D 31 56.24 -30.55 -5.95
C GLU D 31 55.02 -30.85 -6.82
N ALA D 32 54.70 -29.91 -7.70
CA ALA D 32 53.62 -30.10 -8.69
C ALA D 32 53.92 -31.27 -9.63
N LEU D 33 55.18 -31.43 -9.99
CA LEU D 33 55.59 -32.53 -10.87
C LEU D 33 55.44 -33.87 -10.18
N GLU D 34 55.78 -33.93 -8.89
CA GLU D 34 55.59 -35.13 -8.10
C GLU D 34 54.13 -35.53 -8.01
N GLU D 35 53.28 -34.54 -7.73
CA GLU D 35 51.83 -34.76 -7.64
C GLU D 35 51.26 -35.18 -8.99
N ALA D 36 51.73 -34.55 -10.06
CA ALA D 36 51.27 -34.87 -11.40
C ALA D 36 51.69 -36.29 -11.78
N GLN D 37 52.84 -36.72 -11.27
CA GLN D 37 53.35 -38.06 -11.53
C GLN D 37 52.52 -39.13 -10.82
N ARG D 38 51.75 -38.71 -9.82
CA ARG D 38 50.90 -39.65 -9.09
C ARG D 38 49.72 -40.07 -9.94
N CYS D 39 49.40 -39.26 -10.95
CA CYS D 39 48.29 -39.55 -11.84
C CYS D 39 48.61 -40.75 -12.74
N LEU D 40 47.70 -41.72 -12.76
CA LEU D 40 47.92 -42.95 -13.51
C LEU D 40 47.42 -42.84 -14.94
N GLN D 41 46.84 -41.69 -15.28
CA GLN D 41 46.28 -41.45 -16.61
C GLN D 41 45.31 -42.56 -17.03
N CYS D 42 44.25 -42.73 -16.25
CA CYS D 42 43.27 -43.79 -16.50
C CYS D 42 42.54 -43.57 -17.82
N PRO D 43 42.54 -44.59 -18.69
CA PRO D 43 41.85 -44.55 -19.97
C PRO D 43 40.36 -44.27 -19.82
N THR D 44 39.78 -44.66 -18.68
CA THR D 44 38.37 -44.42 -18.42
C THR D 44 38.19 -43.14 -17.59
N HIS D 45 39.30 -42.69 -16.98
CA HIS D 45 39.38 -41.45 -16.20
C HIS D 45 38.09 -41.08 -15.46
N PRO D 46 37.80 -41.79 -14.37
CA PRO D 46 36.59 -41.55 -13.57
C PRO D 46 36.57 -40.18 -12.89
N CYS D 47 37.74 -39.64 -12.61
CA CYS D 47 37.88 -38.32 -12.00
C CYS D 47 37.08 -37.24 -12.74
N VAL D 48 37.12 -37.31 -14.07
CA VAL D 48 36.45 -36.34 -14.92
C VAL D 48 34.94 -36.32 -14.67
N SER D 49 34.37 -37.49 -14.42
CA SER D 49 32.95 -37.61 -14.17
C SER D 49 32.52 -36.90 -12.89
N GLY D 50 33.47 -36.65 -12.00
CA GLY D 50 33.19 -35.96 -10.76
C GLY D 50 33.24 -34.45 -10.93
N CYS D 51 33.73 -34.00 -12.08
CA CYS D 51 33.83 -32.57 -12.37
C CYS D 51 32.61 -32.07 -13.13
N PRO D 52 31.96 -31.02 -12.61
CA PRO D 52 30.77 -30.39 -13.20
C PRO D 52 30.92 -29.98 -14.66
N VAL D 53 32.12 -29.57 -15.06
CA VAL D 53 32.35 -29.17 -16.45
C VAL D 53 33.19 -30.22 -17.20
N GLU D 54 33.50 -31.31 -16.51
CA GLU D 54 34.18 -32.46 -17.10
C GLU D 54 35.49 -32.07 -17.79
N ILE D 55 36.36 -31.40 -17.05
CA ILE D 55 37.68 -31.06 -17.54
C ILE D 55 38.49 -32.31 -17.88
N ASP D 56 39.25 -32.26 -18.97
CA ASP D 56 40.13 -33.37 -19.30
C ASP D 56 41.32 -33.33 -18.35
N ILE D 57 41.11 -33.94 -17.18
CA ILE D 57 42.05 -33.84 -16.07
C ILE D 57 43.37 -34.58 -16.36
N PRO D 58 43.33 -35.87 -16.75
CA PRO D 58 44.62 -36.50 -17.01
C PRO D 58 45.36 -35.85 -18.18
N GLY D 59 44.61 -35.17 -19.06
CA GLY D 59 45.20 -34.48 -20.20
C GLY D 59 46.08 -33.31 -19.81
N PHE D 60 45.56 -32.42 -18.98
CA PHE D 60 46.32 -31.24 -18.58
C PHE D 60 47.41 -31.62 -17.57
N ILE D 61 47.15 -32.69 -16.81
CA ILE D 61 48.18 -33.24 -15.92
C ILE D 61 49.35 -33.76 -16.73
N ARG D 62 49.04 -34.45 -17.83
CA ARG D 62 50.07 -35.00 -18.71
C ARG D 62 50.87 -33.88 -19.36
N LYS D 63 50.17 -32.86 -19.85
CA LYS D 63 50.84 -31.71 -20.47
C LYS D 63 51.68 -30.97 -19.43
N LEU D 64 51.23 -30.98 -18.19
CA LEU D 64 51.98 -30.36 -17.09
C LEU D 64 53.27 -31.09 -16.74
N ARG D 65 53.19 -32.40 -16.54
CA ARG D 65 54.36 -33.17 -16.14
C ARG D 65 55.39 -33.20 -17.25
N ASP D 66 54.91 -33.10 -18.49
CA ASP D 66 55.78 -33.12 -19.65
C ASP D 66 56.42 -31.75 -19.90
N GLY D 67 56.17 -30.81 -18.98
CA GLY D 67 56.75 -29.48 -19.06
C GLY D 67 56.08 -28.57 -20.07
N LYS D 68 54.89 -28.95 -20.52
CA LYS D 68 54.13 -28.12 -21.44
C LYS D 68 53.05 -27.38 -20.67
N LEU D 69 53.44 -26.25 -20.08
CA LEU D 69 52.56 -25.54 -19.16
C LEU D 69 51.52 -24.72 -19.88
N GLU D 70 51.91 -24.13 -21.01
CA GLU D 70 50.96 -23.37 -21.83
C GLU D 70 49.88 -24.29 -22.38
N GLU D 71 50.28 -25.47 -22.87
CA GLU D 71 49.35 -26.43 -23.44
C GLU D 71 48.44 -27.03 -22.37
N SER D 72 49.00 -27.24 -21.18
CA SER D 72 48.22 -27.73 -20.05
C SER D 72 47.16 -26.71 -19.67
N TYR D 73 47.58 -25.45 -19.57
CA TYR D 73 46.70 -24.33 -19.29
C TYR D 73 45.70 -24.15 -20.43
N ARG D 74 46.13 -24.48 -21.64
CA ARG D 74 45.29 -24.35 -22.82
C ARG D 74 44.13 -25.34 -22.72
N ILE D 75 44.42 -26.51 -22.16
CA ILE D 75 43.39 -27.49 -21.88
C ILE D 75 42.44 -27.01 -20.78
N LEU D 76 43.00 -26.57 -19.66
CA LEU D 76 42.21 -26.07 -18.54
C LEU D 76 41.28 -24.93 -18.95
N LYS D 77 41.83 -23.92 -19.61
CA LYS D 77 41.04 -22.75 -20.02
C LYS D 77 40.03 -23.11 -21.10
N SER D 78 40.29 -24.21 -21.81
CA SER D 78 39.38 -24.71 -22.83
C SER D 78 38.08 -25.20 -22.21
N TYR D 79 38.17 -25.74 -21.00
CA TYR D 79 37.01 -26.24 -20.29
C TYR D 79 36.50 -25.25 -19.25
N ASN D 80 37.43 -24.58 -18.58
CA ASN D 80 37.11 -23.76 -17.42
C ASN D 80 37.82 -22.40 -17.48
N ASN D 81 37.02 -21.32 -17.48
CA ASN D 81 37.57 -19.97 -17.53
C ASN D 81 38.32 -19.59 -16.26
N LEU D 82 37.93 -20.18 -15.13
CA LEU D 82 38.48 -19.77 -13.84
C LEU D 82 39.19 -20.89 -13.08
N PRO D 83 40.31 -21.40 -13.64
CA PRO D 83 40.99 -22.52 -12.98
C PRO D 83 41.77 -22.10 -11.74
N ALA D 84 42.23 -20.85 -11.71
CA ALA D 84 42.97 -20.35 -10.56
C ALA D 84 42.03 -20.10 -9.38
N VAL D 85 40.75 -19.94 -9.69
CA VAL D 85 39.74 -19.77 -8.66
C VAL D 85 39.21 -21.13 -8.20
N CYS D 86 38.63 -21.86 -9.13
CA CYS D 86 38.00 -23.15 -8.84
C CYS D 86 39.00 -24.16 -8.28
N GLY D 87 40.24 -24.10 -8.78
CA GLY D 87 41.30 -24.96 -8.28
C GLY D 87 41.52 -24.76 -6.78
N ARG D 88 41.29 -23.54 -6.31
CA ARG D 88 41.45 -23.19 -4.91
C ARG D 88 40.22 -23.54 -4.08
N VAL D 89 39.05 -23.20 -4.61
CA VAL D 89 37.82 -23.19 -3.81
C VAL D 89 36.86 -24.37 -4.02
N CYS D 90 37.05 -25.14 -5.08
CA CYS D 90 36.18 -26.28 -5.34
C CYS D 90 36.25 -27.30 -4.21
N PRO D 91 35.09 -27.86 -3.83
CA PRO D 91 35.03 -28.96 -2.88
C PRO D 91 35.41 -30.27 -3.55
N GLN D 92 36.69 -30.43 -3.88
CA GLN D 92 37.17 -31.59 -4.61
C GLN D 92 36.90 -32.92 -3.90
N GLU D 93 36.73 -32.86 -2.58
CA GLU D 93 36.47 -34.06 -1.80
C GLU D 93 35.15 -34.71 -2.21
N VAL D 94 34.21 -33.89 -2.68
CA VAL D 94 32.92 -34.39 -3.13
C VAL D 94 32.73 -34.24 -4.63
N GLN D 95 33.79 -33.84 -5.33
CA GLN D 95 33.70 -33.64 -6.78
C GLN D 95 34.72 -34.48 -7.55
N CYS D 96 35.82 -33.84 -7.97
CA CYS D 96 36.74 -34.48 -8.90
C CYS D 96 37.61 -35.54 -8.23
N GLU D 97 38.16 -35.21 -7.06
CA GLU D 97 39.00 -36.14 -6.33
C GLU D 97 38.20 -37.26 -5.66
N SER D 98 36.89 -37.12 -5.64
CA SER D 98 36.02 -38.16 -5.10
C SER D 98 35.90 -39.34 -6.04
N ARG D 99 36.26 -39.12 -7.30
CA ARG D 99 36.20 -40.17 -8.32
C ARG D 99 37.60 -40.62 -8.72
N CYS D 100 38.61 -39.97 -8.18
CA CYS D 100 40.00 -40.33 -8.47
C CYS D 100 40.33 -41.70 -7.87
N VAL D 101 40.84 -42.59 -8.71
CA VAL D 101 41.07 -43.98 -8.33
C VAL D 101 42.12 -44.14 -7.22
N VAL D 102 43.15 -43.30 -7.25
CA VAL D 102 44.25 -43.38 -6.29
C VAL D 102 43.79 -43.12 -4.84
N GLY D 103 42.65 -42.45 -4.69
CA GLY D 103 42.08 -42.17 -3.39
C GLY D 103 41.32 -43.28 -2.67
N LYS D 104 40.86 -44.29 -3.40
CA LYS D 104 39.99 -45.31 -2.82
C LYS D 104 40.73 -46.44 -2.11
N MET D 105 42.04 -46.50 -2.29
CA MET D 105 42.86 -47.50 -1.62
C MET D 105 43.14 -47.19 -0.15
N LYS D 106 43.62 -48.20 0.58
CA LYS D 106 43.84 -48.09 2.02
C LYS D 106 45.02 -47.16 2.30
N ASP D 107 44.73 -46.08 3.01
CA ASP D 107 45.70 -45.03 3.30
C ASP D 107 46.40 -44.56 2.02
N SER D 108 45.60 -44.21 1.03
CA SER D 108 46.11 -43.60 -0.19
C SER D 108 45.24 -42.38 -0.48
N GLU D 109 45.86 -41.30 -0.93
CA GLU D 109 45.11 -40.09 -1.24
C GLU D 109 44.95 -39.90 -2.74
N PRO D 110 43.81 -39.31 -3.16
CA PRO D 110 43.58 -39.09 -4.59
C PRO D 110 44.54 -38.05 -5.15
N VAL D 111 44.70 -38.03 -6.47
CA VAL D 111 45.55 -37.02 -7.10
C VAL D 111 45.02 -35.62 -6.80
N ALA D 112 45.91 -34.72 -6.41
CA ALA D 112 45.50 -33.38 -6.05
C ALA D 112 45.17 -32.56 -7.28
N ILE D 113 43.94 -32.71 -7.76
CA ILE D 113 43.53 -32.08 -9.01
C ILE D 113 43.44 -30.58 -8.83
N GLY D 114 42.88 -30.15 -7.70
CA GLY D 114 42.77 -28.75 -7.38
C GLY D 114 44.10 -28.03 -7.23
N ARG D 115 45.06 -28.70 -6.59
CA ARG D 115 46.37 -28.10 -6.35
C ARG D 115 47.18 -27.93 -7.63
N LEU D 116 47.01 -28.86 -8.56
CA LEU D 116 47.73 -28.83 -9.81
C LEU D 116 47.07 -27.88 -10.80
N GLU D 117 45.74 -27.87 -10.77
CA GLU D 117 44.93 -26.94 -11.54
C GLU D 117 45.28 -25.51 -11.16
N ARG D 118 45.39 -25.28 -9.86
CA ARG D 118 45.80 -23.99 -9.29
C ARG D 118 47.20 -23.60 -9.74
N PHE D 119 48.14 -24.54 -9.65
CA PHE D 119 49.53 -24.29 -9.99
C PHE D 119 49.71 -23.85 -11.45
N VAL D 120 49.18 -24.64 -12.37
CA VAL D 120 49.27 -24.37 -13.80
C VAL D 120 48.64 -23.02 -14.13
N ALA D 121 47.51 -22.74 -13.50
CA ALA D 121 46.81 -21.48 -13.67
C ALA D 121 47.67 -20.32 -13.20
N ASP D 122 48.33 -20.51 -12.06
CA ASP D 122 49.21 -19.48 -11.50
C ASP D 122 50.41 -19.28 -12.41
N TRP D 123 50.96 -20.38 -12.92
CA TRP D 123 52.08 -20.32 -13.86
C TRP D 123 51.75 -19.47 -15.08
N ALA D 124 50.53 -19.62 -15.59
CA ALA D 124 50.09 -18.92 -16.80
C ALA D 124 49.74 -17.47 -16.51
N ALA D 125 49.78 -17.10 -15.24
CA ALA D 125 49.58 -15.72 -14.83
C ALA D 125 50.95 -15.07 -14.73
N GLU D 126 51.80 -15.68 -13.91
CA GLU D 126 53.16 -15.22 -13.67
C GLU D 126 54.00 -15.14 -14.94
N ASN D 127 53.65 -15.97 -15.94
CA ASN D 127 54.52 -16.15 -17.10
C ASN D 127 53.87 -15.96 -18.46
N LEU D 128 52.80 -16.68 -18.74
CA LEU D 128 52.15 -16.60 -20.05
C LEU D 128 51.78 -15.16 -20.36
N GLU D 129 52.09 -14.74 -21.59
CA GLU D 129 51.79 -13.38 -22.03
C GLU D 129 50.79 -13.38 -23.17
N GLU D 130 51.30 -13.21 -24.39
CA GLU D 130 50.48 -13.11 -25.59
C GLU D 130 49.41 -12.05 -25.42
N ASP D 131 49.79 -10.79 -25.58
CA ASP D 131 48.86 -9.68 -25.40
C ASP D 131 47.65 -9.88 -26.31
N VAL D 132 46.47 -9.71 -25.74
CA VAL D 132 45.25 -10.13 -26.41
C VAL D 132 44.54 -8.95 -27.07
N LYS D 133 43.95 -9.22 -28.23
CA LYS D 133 43.28 -8.20 -29.01
C LYS D 133 41.80 -8.22 -28.66
N PRO D 134 41.11 -7.07 -28.75
CA PRO D 134 39.70 -7.13 -28.39
C PRO D 134 38.88 -7.79 -29.50
N LEU D 135 37.92 -8.64 -29.12
CA LEU D 135 37.05 -9.24 -30.11
C LEU D 135 35.61 -8.73 -30.00
N ALA D 136 35.34 -7.88 -29.01
CA ALA D 136 33.98 -7.42 -28.77
C ALA D 136 33.64 -6.27 -29.71
N GLY D 137 32.56 -6.42 -30.47
CA GLY D 137 32.09 -5.34 -31.32
C GLY D 137 32.11 -5.64 -32.81
N SER D 138 32.53 -6.85 -33.19
CA SER D 138 32.60 -7.22 -34.59
C SER D 138 31.21 -7.28 -35.21
N LYS D 139 30.29 -7.96 -34.53
CA LYS D 139 28.93 -8.12 -35.03
C LYS D 139 28.06 -7.00 -34.48
N LYS D 140 26.83 -6.89 -34.98
CA LYS D 140 25.99 -5.74 -34.69
C LYS D 140 25.21 -5.88 -33.39
N GLU D 141 24.73 -7.09 -33.10
CA GLU D 141 23.85 -7.29 -31.96
C GLU D 141 24.56 -6.99 -30.65
N LYS D 142 23.86 -6.34 -29.73
CA LYS D 142 24.39 -6.05 -28.41
C LYS D 142 23.76 -6.97 -27.36
N VAL D 143 24.59 -7.47 -26.45
CA VAL D 143 24.10 -8.31 -25.37
C VAL D 143 24.48 -7.67 -24.03
N ALA D 144 23.52 -7.63 -23.12
CA ALA D 144 23.73 -7.08 -21.79
C ALA D 144 23.89 -8.18 -20.76
N VAL D 145 24.99 -8.15 -20.02
CA VAL D 145 25.21 -9.12 -18.96
C VAL D 145 24.97 -8.44 -17.62
N VAL D 146 24.05 -8.99 -16.84
CA VAL D 146 23.67 -8.40 -15.56
C VAL D 146 24.19 -9.23 -14.39
N GLY D 147 25.11 -8.65 -13.64
CA GLY D 147 25.76 -9.35 -12.54
C GLY D 147 27.14 -9.78 -12.98
N SER D 148 28.15 -9.51 -12.15
CA SER D 148 29.52 -9.78 -12.54
C SER D 148 30.18 -10.85 -11.68
N GLY D 149 29.40 -11.79 -11.16
CA GLY D 149 29.95 -12.97 -10.51
C GLY D 149 30.50 -13.92 -11.56
N PRO D 150 30.89 -15.14 -11.13
CA PRO D 150 31.41 -16.19 -12.02
C PRO D 150 30.56 -16.40 -13.28
N ALA D 151 29.25 -16.38 -13.14
CA ALA D 151 28.35 -16.60 -14.27
C ALA D 151 28.47 -15.49 -15.30
N GLY D 152 28.33 -14.24 -14.84
CA GLY D 152 28.39 -13.08 -15.71
C GLY D 152 29.76 -12.88 -16.32
N LEU D 153 30.80 -13.09 -15.52
CA LEU D 153 32.18 -12.96 -15.99
C LEU D 153 32.47 -13.95 -17.12
N THR D 154 32.03 -15.19 -16.93
CA THR D 154 32.23 -16.24 -17.91
C THR D 154 31.48 -15.95 -19.20
N ALA D 155 30.18 -15.67 -19.07
CA ALA D 155 29.33 -15.33 -20.21
C ALA D 155 29.87 -14.13 -21.00
N ALA D 156 30.24 -13.08 -20.29
CA ALA D 156 30.75 -11.86 -20.92
C ALA D 156 32.02 -12.14 -21.70
N ALA D 157 32.94 -12.88 -21.08
CA ALA D 157 34.19 -13.26 -21.73
C ALA D 157 33.94 -14.02 -23.03
N ASP D 158 33.08 -15.03 -22.97
CA ASP D 158 32.81 -15.88 -24.12
C ASP D 158 32.02 -15.13 -25.21
N LEU D 159 31.10 -14.27 -24.81
CA LEU D 159 30.32 -13.51 -25.78
C LEU D 159 31.22 -12.50 -26.52
N ALA D 160 32.17 -11.94 -25.79
CA ALA D 160 33.15 -11.04 -26.39
C ALA D 160 33.98 -11.80 -27.43
N LYS D 161 34.42 -12.99 -27.04
CA LYS D 161 35.22 -13.85 -27.91
C LYS D 161 34.48 -14.16 -29.21
N MET D 162 33.17 -14.32 -29.14
CA MET D 162 32.38 -14.59 -30.35
C MET D 162 32.12 -13.33 -31.17
N GLY D 163 32.46 -12.17 -30.60
CA GLY D 163 32.41 -10.93 -31.36
C GLY D 163 31.29 -9.94 -31.09
N TYR D 164 30.37 -10.28 -30.20
CA TYR D 164 29.25 -9.40 -29.90
C TYR D 164 29.65 -8.24 -28.98
N HIS D 165 28.87 -7.16 -28.99
CA HIS D 165 29.03 -6.09 -28.02
C HIS D 165 28.53 -6.56 -26.66
N VAL D 166 29.41 -6.51 -25.67
CA VAL D 166 29.06 -7.01 -24.33
C VAL D 166 29.11 -5.90 -23.28
N ASP D 167 27.96 -5.62 -22.68
CA ASP D 167 27.89 -4.68 -21.57
C ASP D 167 27.60 -5.42 -20.27
N ILE D 168 28.60 -5.54 -19.42
CA ILE D 168 28.43 -6.12 -18.10
C ILE D 168 27.92 -5.08 -17.11
N PHE D 169 26.87 -5.42 -16.37
CA PHE D 169 26.32 -4.53 -15.35
C PHE D 169 26.50 -5.07 -13.94
N GLU D 170 27.21 -4.32 -13.11
CA GLU D 170 27.48 -4.71 -11.73
C GLU D 170 26.93 -3.65 -10.77
N ALA D 171 26.35 -4.11 -9.66
CA ALA D 171 25.77 -3.21 -8.67
C ALA D 171 26.85 -2.46 -7.90
N PHE D 172 27.94 -3.15 -7.58
CA PHE D 172 29.02 -2.57 -6.77
C PHE D 172 30.00 -1.71 -7.57
N HIS D 173 30.99 -1.20 -6.86
CA HIS D 173 32.06 -0.40 -7.44
C HIS D 173 33.20 -1.31 -7.89
N LYS D 174 33.13 -2.56 -7.45
CA LYS D 174 34.11 -3.58 -7.82
C LYS D 174 33.41 -4.66 -8.62
N PRO D 175 33.99 -5.05 -9.76
CA PRO D 175 33.43 -6.04 -10.69
C PRO D 175 33.44 -7.48 -10.20
N GLY D 176 33.99 -7.74 -9.03
CA GLY D 176 33.99 -9.09 -8.53
C GLY D 176 32.64 -9.50 -7.96
N GLY D 177 32.31 -10.78 -8.10
CA GLY D 177 31.10 -11.33 -7.52
C GLY D 177 31.36 -11.69 -6.07
N VAL D 178 30.85 -12.85 -5.65
CA VAL D 178 31.14 -13.39 -4.33
C VAL D 178 32.66 -13.53 -4.16
N LEU D 179 33.37 -13.63 -5.28
CA LEU D 179 34.81 -13.82 -5.28
C LEU D 179 35.58 -12.68 -4.63
N VAL D 180 34.97 -11.51 -4.52
CA VAL D 180 35.64 -10.40 -3.82
C VAL D 180 35.08 -10.13 -2.42
N TYR D 181 33.76 -9.97 -2.29
CA TYR D 181 33.18 -9.62 -1.00
C TYR D 181 32.77 -10.86 -0.20
N GLY D 182 32.54 -11.97 -0.91
CA GLY D 182 32.13 -13.20 -0.26
C GLY D 182 33.31 -13.99 0.26
N ILE D 183 34.16 -14.47 -0.65
CA ILE D 183 35.29 -15.30 -0.25
C ILE D 183 36.48 -14.41 0.09
N PRO D 184 36.99 -14.54 1.33
CA PRO D 184 38.06 -13.70 1.88
C PRO D 184 39.40 -13.87 1.18
N GLU D 185 40.30 -12.91 1.42
CA GLU D 185 41.63 -12.90 0.85
C GLU D 185 42.46 -14.11 1.28
N PHE D 186 42.26 -14.59 2.50
CA PHE D 186 43.06 -15.72 2.99
C PHE D 186 42.66 -17.03 2.32
N ARG D 187 41.59 -16.98 1.52
CA ARG D 187 41.17 -18.12 0.73
C ARG D 187 41.35 -17.83 -0.77
N LEU D 188 40.78 -16.72 -1.22
CA LEU D 188 40.90 -16.31 -2.62
C LEU D 188 41.40 -14.87 -2.74
N PRO D 189 42.72 -14.71 -2.97
CA PRO D 189 43.33 -13.39 -3.19
C PRO D 189 42.68 -12.61 -4.33
N LYS D 190 42.41 -11.34 -4.11
CA LYS D 190 41.63 -10.53 -5.06
C LYS D 190 42.41 -10.24 -6.34
N ARG D 191 43.73 -10.39 -6.28
CA ARG D 191 44.58 -10.21 -7.45
C ARG D 191 44.19 -11.16 -8.59
N ILE D 192 43.76 -12.37 -8.23
CA ILE D 192 43.34 -13.37 -9.20
C ILE D 192 42.13 -12.85 -9.97
N VAL D 193 41.24 -12.20 -9.24
CA VAL D 193 40.01 -11.65 -9.80
C VAL D 193 40.33 -10.48 -10.72
N GLU D 194 41.27 -9.64 -10.29
CA GLU D 194 41.69 -8.49 -11.09
C GLU D 194 42.24 -8.89 -12.44
N ARG D 195 42.96 -10.02 -12.48
CA ARG D 195 43.51 -10.53 -13.73
C ARG D 195 42.40 -10.79 -14.74
N GLU D 196 41.41 -11.56 -14.33
CA GLU D 196 40.29 -11.91 -15.21
C GLU D 196 39.51 -10.68 -15.66
N VAL D 197 39.32 -9.73 -14.75
CA VAL D 197 38.59 -8.52 -15.07
C VAL D 197 39.30 -7.70 -16.13
N SER D 198 40.61 -7.54 -15.97
CA SER D 198 41.41 -6.76 -16.91
C SER D 198 41.47 -7.44 -18.27
N TYR D 199 41.54 -8.76 -18.26
CA TYR D 199 41.54 -9.56 -19.48
C TYR D 199 40.22 -9.38 -20.24
N ILE D 200 39.12 -9.40 -19.50
CA ILE D 200 37.79 -9.18 -20.10
C ILE D 200 37.68 -7.74 -20.61
N ARG D 201 38.32 -6.82 -19.90
CA ARG D 201 38.37 -5.43 -20.36
C ARG D 201 39.14 -5.37 -21.67
N LYS D 202 40.12 -6.25 -21.82
CA LYS D 202 40.96 -6.31 -23.01
C LYS D 202 40.23 -6.94 -24.19
N LEU D 203 39.17 -7.69 -23.92
CA LEU D 203 38.37 -8.30 -24.99
C LEU D 203 37.42 -7.30 -25.65
N GLY D 204 37.29 -6.12 -25.04
CA GLY D 204 36.45 -5.08 -25.60
C GLY D 204 35.10 -4.98 -24.91
N VAL D 205 34.99 -5.62 -23.75
CA VAL D 205 33.75 -5.60 -22.99
C VAL D 205 33.61 -4.28 -22.24
N ASN D 206 32.41 -3.71 -22.25
CA ASN D 206 32.15 -2.46 -21.55
C ASN D 206 31.67 -2.71 -20.13
N PHE D 207 32.45 -2.26 -19.16
CA PHE D 207 32.10 -2.43 -17.75
C PHE D 207 31.36 -1.20 -17.23
N HIS D 208 30.09 -1.38 -16.88
CA HIS D 208 29.35 -0.32 -16.22
C HIS D 208 29.19 -0.63 -14.73
N LEU D 209 30.19 -0.24 -13.96
CA LEU D 209 30.17 -0.41 -12.51
C LEU D 209 29.28 0.65 -11.90
N ASN D 210 28.93 0.46 -10.63
CA ASN D 210 28.05 1.38 -9.93
C ASN D 210 26.74 1.58 -10.68
N THR D 211 26.27 0.50 -11.29
CA THR D 211 25.04 0.55 -12.07
C THR D 211 24.10 -0.56 -11.60
N VAL D 212 23.05 -0.16 -10.90
CA VAL D 212 22.05 -1.11 -10.40
C VAL D 212 20.86 -1.21 -11.34
N VAL D 213 20.69 -2.36 -11.97
CA VAL D 213 19.58 -2.57 -12.89
C VAL D 213 18.26 -2.58 -12.13
N GLY D 214 17.30 -1.80 -12.61
CA GLY D 214 16.02 -1.66 -11.95
C GLY D 214 15.90 -0.39 -11.11
N LYS D 215 17.03 0.18 -10.73
CA LYS D 215 17.06 1.43 -9.98
C LYS D 215 17.85 2.50 -10.73
N THR D 216 19.16 2.27 -10.83
CA THR D 216 20.04 3.17 -11.57
C THR D 216 19.60 3.25 -13.04
N VAL D 217 19.37 2.08 -13.63
CA VAL D 217 18.78 2.00 -14.97
C VAL D 217 17.63 1.00 -14.92
N LYS D 218 16.45 1.43 -15.35
CA LYS D 218 15.28 0.57 -15.30
C LYS D 218 15.41 -0.59 -16.29
N VAL D 219 14.73 -1.70 -15.99
CA VAL D 219 14.80 -2.91 -16.81
C VAL D 219 14.20 -2.71 -18.19
N LYS D 220 13.01 -2.10 -18.22
CA LYS D 220 12.24 -1.95 -19.45
C LYS D 220 12.85 -0.95 -20.44
N GLU D 221 13.97 -0.34 -20.05
CA GLU D 221 14.75 0.48 -20.97
C GLU D 221 15.83 -0.34 -21.66
N LEU D 222 16.57 -1.11 -20.87
CA LEU D 222 17.62 -2.01 -21.36
C LEU D 222 17.15 -2.96 -22.47
N LEU D 223 15.90 -3.41 -22.35
CA LEU D 223 15.34 -4.40 -23.26
C LEU D 223 15.20 -3.85 -24.69
N SER D 224 15.11 -2.53 -24.80
CA SER D 224 14.95 -1.89 -26.10
C SER D 224 16.29 -1.83 -26.85
N GLU D 225 17.36 -1.56 -26.11
CA GLU D 225 18.66 -1.32 -26.74
C GLU D 225 19.57 -2.55 -26.73
N TYR D 226 19.04 -3.68 -26.29
CA TYR D 226 19.82 -4.92 -26.31
C TYR D 226 19.01 -6.04 -26.95
N ASP D 227 19.70 -6.96 -27.62
CA ASP D 227 19.04 -8.11 -28.25
C ASP D 227 18.86 -9.27 -27.28
N ALA D 228 19.87 -9.49 -26.45
CA ALA D 228 19.83 -10.57 -25.47
C ALA D 228 20.34 -10.09 -24.12
N VAL D 229 19.87 -10.72 -23.05
CA VAL D 229 20.32 -10.39 -21.71
C VAL D 229 20.58 -11.64 -20.88
N PHE D 230 21.75 -11.67 -20.23
CA PHE D 230 22.07 -12.75 -19.33
C PHE D 230 21.99 -12.28 -17.88
N ILE D 231 21.15 -12.94 -17.09
CA ILE D 231 20.97 -12.60 -15.70
C ILE D 231 21.79 -13.52 -14.78
N GLY D 232 22.90 -13.00 -14.29
CA GLY D 232 23.78 -13.73 -13.39
C GLY D 232 23.89 -12.99 -12.06
N THR D 233 22.75 -12.48 -11.59
CA THR D 233 22.69 -11.61 -10.42
C THR D 233 22.87 -12.30 -9.07
N GLY D 234 23.01 -13.62 -9.08
CA GLY D 234 23.18 -14.38 -7.84
C GLY D 234 21.93 -14.43 -6.99
N ALA D 235 22.10 -14.80 -5.72
CA ALA D 235 20.99 -14.85 -4.79
C ALA D 235 21.38 -14.39 -3.40
N GLY D 236 20.76 -13.31 -2.93
CA GLY D 236 20.92 -12.86 -1.57
C GLY D 236 19.71 -12.08 -1.08
N THR D 237 19.08 -12.55 -0.01
CA THR D 237 17.92 -11.86 0.53
C THR D 237 18.31 -10.84 1.61
N PRO D 238 19.08 -11.23 2.65
CA PRO D 238 19.60 -12.53 3.10
C PRO D 238 18.62 -13.16 4.08
N LYS D 239 19.02 -14.23 4.76
CA LYS D 239 18.11 -14.88 5.69
C LYS D 239 18.48 -14.64 7.15
N PHE D 240 17.55 -14.05 7.89
CA PHE D 240 17.64 -13.92 9.33
C PHE D 240 16.74 -14.96 9.98
N MET D 241 17.21 -15.55 11.08
CA MET D 241 16.41 -16.51 11.84
C MET D 241 15.09 -15.88 12.30
N GLY D 242 15.18 -14.63 12.74
CA GLY D 242 14.00 -13.89 13.14
C GLY D 242 13.67 -13.98 14.61
N ILE D 243 14.55 -14.62 15.37
CA ILE D 243 14.34 -14.78 16.81
C ILE D 243 14.40 -13.42 17.51
N PRO D 244 13.89 -13.35 18.75
CA PRO D 244 13.97 -12.07 19.48
C PRO D 244 15.41 -11.65 19.76
N GLY D 245 15.69 -10.36 19.66
CA GLY D 245 17.04 -9.87 19.86
C GLY D 245 17.87 -9.85 18.59
N THR D 246 17.19 -9.94 17.45
CA THR D 246 17.86 -9.97 16.16
C THR D 246 18.46 -8.61 15.81
N ASN D 247 17.86 -7.55 16.33
CA ASN D 247 18.31 -6.19 16.01
C ASN D 247 19.33 -5.62 17.00
N LEU D 248 19.77 -6.43 17.96
CA LEU D 248 20.70 -5.95 18.98
C LEU D 248 22.06 -5.62 18.35
N ASN D 249 22.79 -4.72 19.00
CA ASN D 249 24.11 -4.32 18.51
C ASN D 249 25.13 -5.43 18.67
N GLY D 250 25.77 -5.80 17.57
CA GLY D 250 26.72 -6.89 17.53
C GLY D 250 26.18 -8.06 16.74
N VAL D 251 24.88 -8.00 16.42
CA VAL D 251 24.27 -9.00 15.58
C VAL D 251 24.23 -8.53 14.12
N TYR D 252 24.83 -9.31 13.24
CA TYR D 252 24.91 -9.00 11.81
C TYR D 252 24.60 -10.20 10.92
N SER D 253 24.14 -9.92 9.71
CA SER D 253 24.14 -10.94 8.67
C SER D 253 25.57 -11.16 8.24
N ALA D 254 25.88 -12.36 7.76
CA ALA D 254 27.22 -12.65 7.27
C ALA D 254 27.53 -11.87 6.01
N ASN D 255 26.48 -11.51 5.26
CA ASN D 255 26.65 -10.67 4.08
C ASN D 255 27.26 -9.33 4.44
N GLU D 256 26.69 -8.68 5.45
CA GLU D 256 27.16 -7.37 5.90
C GLU D 256 28.56 -7.48 6.49
N PHE D 257 28.77 -8.51 7.31
CA PHE D 257 30.05 -8.74 7.96
C PHE D 257 31.19 -8.92 6.94
N LEU D 258 30.95 -9.75 5.93
CA LEU D 258 31.98 -10.06 4.95
C LEU D 258 32.19 -8.93 3.96
N THR D 259 31.11 -8.22 3.62
CA THR D 259 31.21 -7.05 2.75
C THR D 259 32.07 -5.97 3.42
N ARG D 260 31.82 -5.74 4.71
CA ARG D 260 32.63 -4.81 5.49
C ARG D 260 34.10 -5.23 5.55
N VAL D 261 34.35 -6.46 5.98
CA VAL D 261 35.70 -6.95 6.20
C VAL D 261 36.52 -7.11 4.91
N ASN D 262 35.93 -7.78 3.92
CA ASN D 262 36.65 -8.09 2.68
C ASN D 262 36.65 -6.94 1.65
N LEU D 263 35.48 -6.51 1.23
CA LEU D 263 35.38 -5.49 0.19
C LEU D 263 35.89 -4.13 0.65
N MET D 264 35.48 -3.71 1.84
CA MET D 264 35.81 -2.39 2.34
C MET D 264 37.10 -2.39 3.15
N LYS D 265 37.67 -3.58 3.34
CA LYS D 265 38.92 -3.76 4.06
C LYS D 265 38.84 -3.18 5.45
N ALA D 266 37.84 -3.62 6.21
CA ALA D 266 37.62 -3.15 7.57
C ALA D 266 38.63 -3.77 8.54
N TYR D 267 39.43 -4.71 8.05
CA TYR D 267 40.44 -5.34 8.89
C TYR D 267 41.69 -4.47 8.92
N LEU D 268 41.76 -3.50 8.00
CA LEU D 268 42.87 -2.54 8.01
C LEU D 268 42.45 -1.25 8.68
N PHE D 269 41.19 -1.20 9.12
CA PHE D 269 40.69 -0.10 9.94
C PHE D 269 41.62 0.09 11.13
N PRO D 270 41.94 1.34 11.48
CA PRO D 270 41.43 2.57 10.86
C PRO D 270 42.30 3.18 9.75
N GLU D 271 42.98 2.36 8.96
CA GLU D 271 43.65 2.87 7.77
C GLU D 271 42.55 3.14 6.75
N TYR D 272 41.65 2.17 6.61
CA TYR D 272 40.44 2.36 5.83
C TYR D 272 39.34 2.86 6.75
N ASP D 273 38.47 3.73 6.24
CA ASP D 273 37.50 4.43 7.07
C ASP D 273 36.25 3.61 7.37
N THR D 274 36.22 2.38 6.90
CA THR D 274 35.06 1.52 7.13
C THR D 274 35.31 0.66 8.37
N PRO D 275 34.51 0.89 9.42
CA PRO D 275 34.69 0.21 10.71
C PRO D 275 34.11 -1.19 10.79
N ILE D 276 34.58 -1.93 11.80
CA ILE D 276 34.03 -3.24 12.13
C ILE D 276 34.08 -3.41 13.65
N ARG D 277 33.12 -4.12 14.22
CA ARG D 277 33.06 -4.29 15.67
C ARG D 277 34.17 -5.21 16.14
N VAL D 278 34.62 -5.00 17.38
CA VAL D 278 35.71 -5.78 17.96
C VAL D 278 35.39 -7.27 18.03
N GLY D 279 34.26 -7.59 18.66
CA GLY D 279 33.83 -8.97 18.85
C GLY D 279 34.88 -9.81 19.55
N LYS D 280 34.85 -9.78 20.88
CA LYS D 280 35.77 -10.58 21.68
C LYS D 280 35.34 -12.04 21.76
N LYS D 281 34.05 -12.26 21.98
CA LYS D 281 33.47 -13.60 21.93
C LYS D 281 32.40 -13.64 20.84
N VAL D 282 32.67 -14.41 19.79
CA VAL D 282 31.82 -14.40 18.60
C VAL D 282 31.20 -15.76 18.31
N ALA D 283 29.92 -15.74 17.95
CA ALA D 283 29.21 -16.94 17.52
C ALA D 283 28.81 -16.80 16.06
N VAL D 284 29.18 -17.77 15.25
CA VAL D 284 28.79 -17.75 13.84
C VAL D 284 27.78 -18.84 13.57
N ILE D 285 26.62 -18.45 13.05
CA ILE D 285 25.52 -19.39 12.85
C ILE D 285 25.55 -19.97 11.44
N GLY D 286 25.47 -21.29 11.35
CA GLY D 286 25.61 -21.98 10.08
C GLY D 286 26.91 -22.75 10.02
N ALA D 287 26.99 -23.71 9.11
CA ALA D 287 28.23 -24.46 8.90
C ALA D 287 28.67 -24.44 7.44
N GLY D 288 28.12 -23.53 6.65
CA GLY D 288 28.51 -23.39 5.26
C GLY D 288 29.84 -22.69 5.12
N ASN D 289 30.28 -22.51 3.88
CA ASN D 289 31.52 -21.78 3.60
C ASN D 289 31.46 -20.34 4.10
N THR D 290 30.25 -19.77 4.07
CA THR D 290 30.05 -18.41 4.56
C THR D 290 30.33 -18.32 6.05
N ALA D 291 29.78 -19.26 6.81
CA ALA D 291 30.00 -19.31 8.24
C ALA D 291 31.46 -19.53 8.59
N MET D 292 32.12 -20.43 7.84
CA MET D 292 33.53 -20.74 8.07
C MET D 292 34.39 -19.52 7.78
N ASP D 293 34.10 -18.85 6.66
CA ASP D 293 34.83 -17.65 6.28
C ASP D 293 34.61 -16.54 7.31
N ALA D 294 33.38 -16.45 7.83
CA ALA D 294 33.05 -15.48 8.87
C ALA D 294 33.81 -15.78 10.16
N ALA D 295 33.78 -17.05 10.57
CA ALA D 295 34.41 -17.47 11.81
C ALA D 295 35.93 -17.25 11.78
N ARG D 296 36.55 -17.58 10.66
CA ARG D 296 37.98 -17.39 10.52
C ARG D 296 38.36 -15.91 10.38
N SER D 297 37.49 -15.12 9.76
CA SER D 297 37.71 -13.69 9.64
C SER D 297 37.55 -13.00 10.99
N ALA D 298 36.60 -13.49 11.78
CA ALA D 298 36.33 -12.90 13.09
C ALA D 298 37.52 -13.15 14.01
N LEU D 299 38.02 -14.38 13.96
CA LEU D 299 39.19 -14.76 14.75
C LEU D 299 40.39 -13.90 14.36
N ARG D 300 40.53 -13.63 13.06
CA ARG D 300 41.61 -12.79 12.54
C ARG D 300 41.38 -11.31 12.83
N LEU D 301 40.21 -10.97 13.38
CA LEU D 301 39.91 -9.58 13.73
C LEU D 301 40.27 -9.31 15.18
N GLY D 302 40.81 -10.32 15.85
CA GLY D 302 41.23 -10.19 17.23
C GLY D 302 40.27 -10.80 18.24
N ALA D 303 39.35 -11.64 17.75
CA ALA D 303 38.45 -12.38 18.64
C ALA D 303 39.22 -13.47 19.37
N GLU D 304 39.00 -13.59 20.68
CA GLU D 304 39.68 -14.62 21.46
C GLU D 304 38.94 -15.95 21.37
N LYS D 305 37.62 -15.88 21.28
CA LYS D 305 36.80 -17.09 21.15
C LYS D 305 35.80 -16.92 20.01
N VAL D 306 35.79 -17.87 19.08
CA VAL D 306 34.85 -17.86 17.96
C VAL D 306 34.12 -19.19 17.84
N TYR D 307 32.79 -19.13 17.79
CA TYR D 307 31.98 -20.33 17.74
C TYR D 307 31.23 -20.48 16.42
N ILE D 308 31.25 -21.68 15.87
CA ILE D 308 30.34 -22.04 14.80
C ILE D 308 29.12 -22.71 15.42
N VAL D 309 27.93 -22.28 15.01
CA VAL D 309 26.69 -22.82 15.56
C VAL D 309 25.83 -23.42 14.45
N TYR D 310 25.61 -24.73 14.52
CA TYR D 310 25.01 -25.47 13.43
C TYR D 310 23.89 -26.42 13.87
N ARG D 311 22.82 -26.46 13.08
CA ARG D 311 21.64 -27.26 13.41
C ARG D 311 21.86 -28.75 13.22
N ARG D 312 22.76 -29.11 12.29
CA ARG D 312 23.00 -30.52 11.97
C ARG D 312 24.31 -31.01 12.58
N THR D 313 24.69 -32.23 12.20
CA THR D 313 25.89 -32.86 12.72
C THR D 313 27.13 -32.48 11.91
N GLU D 314 28.25 -33.11 12.25
CA GLU D 314 29.52 -32.87 11.56
C GLU D 314 29.47 -33.44 10.14
N ARG D 315 29.03 -34.69 10.01
CA ARG D 315 28.98 -35.35 8.71
C ARG D 315 28.14 -34.59 7.70
N GLU D 316 27.17 -33.82 8.18
CA GLU D 316 26.27 -33.09 7.32
C GLU D 316 26.71 -31.65 7.10
N MET D 317 27.81 -31.26 7.74
CA MET D 317 28.36 -29.92 7.57
C MET D 317 28.85 -29.72 6.14
N PRO D 318 28.23 -28.77 5.42
CA PRO D 318 28.46 -28.49 4.00
C PRO D 318 29.78 -27.79 3.66
N ALA D 319 30.48 -27.24 4.64
CA ALA D 319 31.66 -26.43 4.37
C ALA D 319 32.78 -27.21 3.70
N ARG D 320 33.64 -26.48 3.00
CA ARG D 320 34.77 -27.09 2.30
C ARG D 320 35.75 -27.66 3.31
N ARG D 321 36.02 -28.95 3.18
CA ARG D 321 36.75 -29.71 4.18
C ARG D 321 38.16 -29.17 4.47
N GLU D 322 38.89 -28.81 3.43
CA GLU D 322 40.21 -28.23 3.59
C GLU D 322 40.21 -26.99 4.49
N GLU D 323 39.22 -26.12 4.31
CA GLU D 323 39.12 -24.90 5.10
C GLU D 323 38.64 -25.17 6.52
N TYR D 324 37.79 -26.17 6.65
CA TYR D 324 37.35 -26.64 7.97
C TYR D 324 38.55 -27.14 8.77
N HIS D 325 39.42 -27.88 8.12
CA HIS D 325 40.65 -28.39 8.75
C HIS D 325 41.54 -27.24 9.21
N HIS D 326 41.73 -26.25 8.36
CA HIS D 326 42.50 -25.06 8.71
C HIS D 326 41.90 -24.38 9.93
N ALA D 327 40.58 -24.26 9.94
CA ALA D 327 39.85 -23.66 11.05
C ALA D 327 40.13 -24.37 12.38
N LEU D 328 40.18 -25.70 12.34
CA LEU D 328 40.54 -26.48 13.53
C LEU D 328 41.93 -26.13 14.03
N GLU D 329 42.87 -26.01 13.09
CA GLU D 329 44.25 -25.67 13.44
C GLU D 329 44.34 -24.23 13.97
N GLU D 330 43.38 -23.40 13.58
CA GLU D 330 43.38 -21.99 13.96
C GLU D 330 42.64 -21.72 15.28
N GLY D 331 41.93 -22.72 15.80
CA GLY D 331 41.31 -22.58 17.10
C GLY D 331 39.81 -22.34 17.14
N ILE D 332 39.16 -22.38 15.99
CA ILE D 332 37.71 -22.16 15.95
C ILE D 332 36.99 -23.26 16.70
N GLU D 333 36.05 -22.86 17.56
CA GLU D 333 35.32 -23.80 18.41
C GLU D 333 33.99 -24.15 17.77
N PHE D 334 33.64 -25.43 17.78
CA PHE D 334 32.44 -25.90 17.09
C PHE D 334 31.36 -26.42 18.03
N LEU D 335 30.14 -25.92 17.85
CA LEU D 335 28.97 -26.41 18.57
C LEU D 335 27.99 -27.08 17.62
N TRP D 336 27.95 -28.41 17.62
CA TRP D 336 27.04 -29.16 16.76
C TRP D 336 25.67 -29.34 17.36
N LEU D 337 24.68 -29.54 16.50
CA LEU D 337 23.29 -29.75 16.91
C LEU D 337 22.84 -28.64 17.86
N THR D 338 23.19 -27.41 17.52
CA THR D 338 22.84 -26.27 18.34
C THR D 338 22.12 -25.20 17.53
N LEU D 339 20.92 -24.84 17.98
CA LEU D 339 20.12 -23.83 17.31
C LEU D 339 19.80 -22.69 18.28
N PRO D 340 20.26 -21.47 17.97
CA PRO D 340 19.95 -20.30 18.80
C PRO D 340 18.45 -20.04 18.94
N ILE D 341 18.03 -19.73 20.16
CA ILE D 341 16.63 -19.49 20.47
C ILE D 341 16.35 -18.01 20.67
N ARG D 342 17.26 -17.34 21.36
CA ARG D 342 17.14 -15.91 21.60
C ARG D 342 18.51 -15.29 21.77
N TYR D 343 18.59 -13.97 21.62
CA TYR D 343 19.82 -13.23 21.89
C TYR D 343 19.62 -12.40 23.15
N ILE D 344 20.61 -12.46 24.04
CA ILE D 344 20.50 -11.75 25.31
C ILE D 344 21.26 -10.43 25.22
N GLY D 345 20.55 -9.34 25.52
CA GLY D 345 21.11 -8.00 25.43
C GLY D 345 21.24 -7.24 26.74
N ASP D 346 21.98 -6.13 26.68
CA ASP D 346 22.13 -5.23 27.81
C ASP D 346 21.02 -4.19 27.76
N ALA D 347 21.02 -3.28 28.73
CA ALA D 347 20.04 -2.19 28.72
C ALA D 347 20.35 -1.35 27.49
N ASN D 348 21.64 -1.14 27.25
CA ASN D 348 22.12 -0.57 26.02
C ASN D 348 22.04 -1.69 24.99
N GLY D 349 21.62 -1.37 23.76
CA GLY D 349 21.36 -2.38 22.75
C GLY D 349 22.40 -3.44 22.41
N ASN D 350 23.33 -3.73 23.32
CA ASN D 350 24.42 -4.67 23.06
C ASN D 350 24.11 -6.12 23.46
N VAL D 351 24.61 -7.08 22.68
CA VAL D 351 24.43 -8.50 22.98
C VAL D 351 25.48 -9.02 23.96
N GLU D 352 25.04 -9.49 25.12
CA GLU D 352 25.95 -10.09 26.09
C GLU D 352 26.05 -11.60 25.91
N ALA D 353 24.93 -12.24 25.56
CA ALA D 353 24.87 -13.70 25.51
C ALA D 353 23.90 -14.20 24.44
N MET D 354 23.70 -15.51 24.40
CA MET D 354 22.84 -16.15 23.42
C MET D 354 22.24 -17.45 23.94
N GLU D 355 20.91 -17.56 23.90
CA GLU D 355 20.25 -18.79 24.33
C GLU D 355 20.12 -19.77 23.17
N CYS D 356 20.45 -21.04 23.44
CA CYS D 356 20.43 -22.08 22.42
C CYS D 356 19.80 -23.37 22.95
N VAL D 357 19.52 -24.30 22.04
CA VAL D 357 19.09 -25.63 22.45
C VAL D 357 19.91 -26.73 21.79
N ARG D 358 19.55 -27.98 22.07
CA ARG D 358 20.17 -29.11 21.39
C ARG D 358 19.14 -29.81 20.49
N MET D 359 19.61 -30.62 19.55
CA MET D 359 18.73 -31.18 18.54
C MET D 359 18.78 -32.71 18.44
N GLU D 360 17.93 -33.28 17.59
CA GLU D 360 17.96 -34.72 17.30
C GLU D 360 17.39 -35.03 15.91
N LEU D 361 17.38 -36.32 15.56
CA LEU D 361 16.90 -36.80 14.27
C LEU D 361 15.55 -37.50 14.33
N LYS D 362 14.73 -37.33 13.30
CA LYS D 362 13.42 -37.97 13.24
C LYS D 362 13.18 -38.72 11.93
N GLU D 363 13.03 -40.04 12.04
CA GLU D 363 12.82 -40.91 10.89
C GLU D 363 11.46 -40.70 10.22
N ALA D 364 10.41 -40.58 11.04
CA ALA D 364 9.06 -40.20 10.58
C ALA D 364 8.40 -41.17 9.59
N ASP D 365 7.96 -40.62 8.46
CA ASP D 365 7.10 -41.35 7.52
C ASP D 365 7.68 -41.45 6.11
N GLY D 366 7.84 -40.30 5.45
CA GLY D 366 8.43 -40.26 4.13
C GLY D 366 9.90 -40.63 4.18
N SER D 367 10.19 -41.89 3.89
CA SER D 367 11.55 -42.43 3.91
C SER D 367 12.17 -42.19 5.29
N GLY D 368 13.16 -41.31 5.31
CA GLY D 368 13.83 -40.98 6.55
C GLY D 368 14.93 -39.96 6.33
N ARG D 369 14.97 -38.96 7.21
CA ARG D 369 15.89 -37.85 7.11
C ARG D 369 16.21 -37.40 8.53
N PRO D 370 17.44 -36.94 8.76
CA PRO D 370 17.74 -36.52 10.14
C PRO D 370 17.48 -35.03 10.36
N ARG D 371 16.27 -34.61 10.00
CA ARG D 371 15.86 -33.22 10.15
C ARG D 371 15.91 -32.85 11.62
N PRO D 372 16.68 -31.81 11.98
CA PRO D 372 16.88 -31.57 13.41
C PRO D 372 15.67 -30.93 14.10
N VAL D 373 15.29 -31.54 15.21
CA VAL D 373 14.23 -31.03 16.08
C VAL D 373 14.80 -30.83 17.48
N PRO D 374 14.47 -29.70 18.14
CA PRO D 374 15.02 -29.40 19.45
C PRO D 374 14.70 -30.44 20.52
N ILE D 375 15.40 -30.36 21.64
CA ILE D 375 15.23 -31.28 22.75
C ILE D 375 14.69 -30.53 23.97
N GLU D 376 13.69 -31.11 24.63
CA GLU D 376 13.05 -30.47 25.77
C GLU D 376 14.02 -30.33 26.94
N GLY D 377 13.98 -29.17 27.60
CA GLY D 377 14.81 -28.93 28.77
C GLY D 377 16.28 -28.72 28.47
N SER D 378 16.64 -28.74 27.20
CA SER D 378 18.03 -28.57 26.78
C SER D 378 18.47 -27.12 26.65
N ASN D 379 17.57 -26.18 26.89
CA ASN D 379 17.86 -24.76 26.73
C ASN D 379 19.02 -24.31 27.61
N PHE D 380 20.10 -23.84 26.97
CA PHE D 380 21.25 -23.34 27.70
C PHE D 380 21.80 -22.06 27.04
N VAL D 381 22.90 -21.53 27.58
CA VAL D 381 23.37 -20.23 27.14
C VAL D 381 24.83 -20.22 26.68
N LEU D 382 25.13 -19.33 25.73
CA LEU D 382 26.49 -19.12 25.24
C LEU D 382 26.86 -17.65 25.42
N GLU D 383 28.06 -17.40 25.94
CA GLU D 383 28.51 -16.04 26.22
C GLU D 383 29.23 -15.44 25.01
N VAL D 384 28.54 -14.54 24.31
CA VAL D 384 29.07 -13.91 23.10
C VAL D 384 28.71 -12.42 23.00
N ASP D 385 29.67 -11.60 22.58
CA ASP D 385 29.39 -10.18 22.37
C ASP D 385 29.20 -9.88 20.88
N MET D 386 29.29 -10.92 20.06
CA MET D 386 29.05 -10.76 18.62
C MET D 386 28.45 -12.02 18.00
N VAL D 387 27.45 -11.83 17.15
CA VAL D 387 26.78 -12.94 16.47
C VAL D 387 26.60 -12.61 15.00
N ILE D 388 27.07 -13.49 14.12
CA ILE D 388 26.90 -13.33 12.69
C ILE D 388 26.19 -14.54 12.10
N GLU D 389 25.02 -14.29 11.52
CA GLU D 389 24.19 -15.37 10.98
C GLU D 389 24.46 -15.66 9.50
N ALA D 390 24.97 -16.87 9.23
CA ALA D 390 25.12 -17.36 7.87
C ALA D 390 24.29 -18.62 7.72
N ILE D 391 22.97 -18.45 7.66
CA ILE D 391 22.04 -19.57 7.71
C ILE D 391 21.38 -19.87 6.37
N GLY D 392 21.66 -19.05 5.38
CA GLY D 392 21.11 -19.27 4.06
C GLY D 392 20.79 -18.00 3.31
N GLN D 393 20.13 -18.15 2.15
CA GLN D 393 19.86 -17.04 1.27
C GLN D 393 18.59 -17.24 0.46
N GLY D 394 18.14 -16.17 -0.18
CA GLY D 394 16.99 -16.21 -1.06
C GLY D 394 17.26 -15.30 -2.24
N PRO D 395 16.44 -15.41 -3.29
CA PRO D 395 16.61 -14.56 -4.46
C PRO D 395 16.14 -13.12 -4.23
N ASN D 396 16.56 -12.21 -5.10
CA ASN D 396 16.09 -10.83 -5.03
C ASN D 396 14.75 -10.76 -5.75
N ARG D 397 13.67 -10.73 -4.98
CA ARG D 397 12.35 -10.94 -5.53
C ARG D 397 11.85 -9.78 -6.39
N VAL D 398 12.22 -8.56 -6.03
CA VAL D 398 11.74 -7.39 -6.75
C VAL D 398 12.38 -7.28 -8.13
N LEU D 399 13.68 -7.53 -8.21
CA LEU D 399 14.41 -7.44 -9.48
C LEU D 399 13.84 -8.43 -10.49
N LEU D 400 13.58 -9.65 -10.04
CA LEU D 400 12.96 -10.67 -10.89
C LEU D 400 11.54 -10.24 -11.28
N SER D 401 10.89 -9.51 -10.38
CA SER D 401 9.51 -9.08 -10.58
C SER D 401 9.40 -7.98 -11.65
N GLU D 402 10.51 -7.31 -11.94
CA GLU D 402 10.50 -6.22 -12.91
C GLU D 402 10.52 -6.74 -14.34
N PHE D 403 10.63 -8.07 -14.48
CA PHE D 403 10.45 -8.71 -15.77
C PHE D 403 9.02 -9.23 -15.90
N PRO D 404 8.19 -8.54 -16.71
CA PRO D 404 6.79 -8.92 -16.88
C PRO D 404 6.62 -10.26 -17.58
N GLY D 405 5.78 -11.12 -17.02
CA GLY D 405 5.51 -12.41 -17.62
C GLY D 405 6.58 -13.45 -17.35
N LEU D 406 7.65 -13.04 -16.69
CA LEU D 406 8.75 -13.94 -16.34
C LEU D 406 8.36 -14.87 -15.21
N GLU D 407 8.42 -16.18 -15.47
CA GLU D 407 7.98 -17.16 -14.49
C GLU D 407 9.13 -17.64 -13.61
N LEU D 408 8.91 -17.58 -12.30
CA LEU D 408 9.86 -18.10 -11.32
C LEU D 408 9.40 -19.47 -10.86
N ASN D 409 10.24 -20.17 -10.09
CA ASN D 409 9.83 -21.48 -9.62
C ASN D 409 9.22 -21.42 -8.22
N GLU D 410 9.19 -22.57 -7.56
CA GLU D 410 8.69 -22.71 -6.20
C GLU D 410 9.40 -21.78 -5.20
N ARG D 411 10.72 -21.88 -5.17
CA ARG D 411 11.53 -21.15 -4.21
C ARG D 411 11.83 -19.70 -4.58
N GLY D 412 11.32 -19.26 -5.72
CA GLY D 412 11.48 -17.85 -6.08
C GLY D 412 12.60 -17.63 -7.08
N TYR D 413 13.44 -18.65 -7.25
CA TYR D 413 14.56 -18.58 -8.19
C TYR D 413 14.08 -18.71 -9.64
N ILE D 414 14.89 -18.23 -10.57
CA ILE D 414 14.51 -18.19 -11.97
C ILE D 414 14.34 -19.58 -12.59
N LYS D 415 13.20 -19.77 -13.24
CA LYS D 415 12.99 -20.96 -14.07
C LYS D 415 13.81 -20.83 -15.35
N ALA D 416 14.80 -21.71 -15.51
CA ALA D 416 15.65 -21.70 -16.68
C ALA D 416 16.10 -23.13 -17.01
N ASP D 417 16.08 -23.48 -18.30
CA ASP D 417 16.48 -24.82 -18.73
C ASP D 417 17.89 -25.13 -18.26
N GLU D 418 18.05 -26.30 -17.67
CA GLU D 418 19.30 -26.70 -17.03
C GLU D 418 20.48 -26.69 -18.00
N ASP D 419 20.23 -27.04 -19.25
CA ASP D 419 21.28 -27.11 -20.26
C ASP D 419 21.47 -25.79 -21.01
N THR D 420 20.36 -25.18 -21.43
CA THR D 420 20.42 -23.99 -22.28
C THR D 420 20.54 -22.67 -21.52
N GLY D 421 19.97 -22.62 -20.32
CA GLY D 421 19.98 -21.38 -19.56
C GLY D 421 18.94 -20.40 -20.06
N ALA D 422 18.05 -20.87 -20.92
CA ALA D 422 17.01 -20.04 -21.51
C ALA D 422 15.84 -19.87 -20.54
N THR D 423 15.32 -18.65 -20.46
CA THR D 423 14.24 -18.35 -19.53
C THR D 423 12.88 -18.50 -20.20
N SER D 424 11.84 -18.07 -19.51
CA SER D 424 10.49 -18.10 -20.07
C SER D 424 10.22 -16.89 -20.94
N VAL D 425 11.14 -15.94 -20.94
CA VAL D 425 10.98 -14.70 -21.68
C VAL D 425 11.88 -14.64 -22.91
N LYS D 426 11.30 -14.25 -24.03
CA LYS D 426 12.00 -14.21 -25.32
C LYS D 426 13.25 -13.32 -25.25
N GLY D 427 14.40 -13.91 -25.57
CA GLY D 427 15.65 -13.18 -25.61
C GLY D 427 16.33 -13.02 -24.27
N VAL D 428 15.65 -13.45 -23.20
CA VAL D 428 16.18 -13.30 -21.85
C VAL D 428 16.77 -14.63 -21.36
N PHE D 429 17.98 -14.56 -20.83
CA PHE D 429 18.68 -15.75 -20.34
C PHE D 429 19.10 -15.56 -18.88
N ALA D 430 19.47 -16.66 -18.23
CA ALA D 430 19.90 -16.60 -16.84
C ALA D 430 20.75 -17.82 -16.48
N GLY D 431 21.55 -17.68 -15.43
CA GLY D 431 22.38 -18.77 -14.95
C GLY D 431 23.05 -18.41 -13.64
N GLY D 432 23.54 -19.42 -12.93
CA GLY D 432 24.19 -19.19 -11.65
C GLY D 432 23.24 -19.27 -10.46
N ASP D 433 23.63 -18.63 -9.37
CA ASP D 433 22.83 -18.65 -8.14
C ASP D 433 21.42 -18.10 -8.32
N ILE D 434 21.22 -17.26 -9.34
CA ILE D 434 19.90 -16.68 -9.58
C ILE D 434 18.90 -17.75 -10.08
N VAL D 435 19.44 -18.87 -10.54
CA VAL D 435 18.60 -19.97 -11.00
C VAL D 435 18.67 -21.15 -10.03
N THR D 436 19.88 -21.62 -9.76
CA THR D 436 20.08 -22.82 -8.94
C THR D 436 19.97 -22.52 -7.45
N GLY D 437 20.12 -21.26 -7.07
CA GLY D 437 20.28 -20.89 -5.69
C GLY D 437 21.74 -21.03 -5.32
N ALA D 438 22.04 -21.02 -4.02
CA ALA D 438 23.42 -21.17 -3.55
C ALA D 438 24.05 -22.45 -4.09
N ALA D 439 25.28 -22.34 -4.58
CA ALA D 439 25.95 -23.46 -5.23
C ALA D 439 27.46 -23.27 -5.23
N THR D 440 28.10 -23.66 -6.33
CA THR D 440 29.55 -23.57 -6.46
C THR D 440 29.93 -22.58 -7.56
N VAL D 441 31.16 -22.09 -7.49
CA VAL D 441 31.70 -21.21 -8.53
C VAL D 441 31.72 -21.92 -9.89
N ILE D 442 32.15 -23.18 -9.89
CA ILE D 442 32.29 -23.96 -11.12
C ILE D 442 30.94 -24.18 -11.81
N LYS D 443 29.87 -24.27 -11.04
CA LYS D 443 28.54 -24.43 -11.62
C LYS D 443 28.04 -23.14 -12.24
N ALA D 444 28.32 -22.01 -11.60
CA ALA D 444 27.94 -20.71 -12.13
C ALA D 444 28.74 -20.43 -13.38
N MET D 445 30.02 -20.80 -13.34
CA MET D 445 30.91 -20.66 -14.48
C MET D 445 30.37 -21.47 -15.66
N GLY D 446 30.20 -22.77 -15.45
CA GLY D 446 29.72 -23.68 -16.47
C GLY D 446 28.39 -23.26 -17.07
N ALA D 447 27.46 -22.88 -16.21
CA ALA D 447 26.15 -22.38 -16.64
C ALA D 447 26.29 -21.15 -17.52
N GLY D 448 27.26 -20.30 -17.20
CA GLY D 448 27.53 -19.12 -17.99
C GLY D 448 27.98 -19.45 -19.39
N LYS D 449 28.86 -20.44 -19.50
CA LYS D 449 29.33 -20.95 -20.79
C LYS D 449 28.19 -21.44 -21.65
N LYS D 450 27.41 -22.37 -21.10
CA LYS D 450 26.29 -22.97 -21.80
C LYS D 450 25.30 -21.92 -22.25
N ALA D 451 24.98 -20.99 -21.34
CA ALA D 451 24.08 -19.90 -21.67
C ALA D 451 24.63 -19.03 -22.79
N ALA D 452 25.93 -18.76 -22.75
CA ALA D 452 26.58 -17.91 -23.74
C ALA D 452 26.45 -18.48 -25.14
N GLN D 453 26.67 -19.79 -25.25
CA GLN D 453 26.56 -20.48 -26.53
C GLN D 453 25.14 -20.48 -27.08
N PHE D 454 24.16 -20.60 -26.18
CA PHE D 454 22.76 -20.65 -26.60
C PHE D 454 22.22 -19.24 -26.81
N ILE D 455 22.93 -18.23 -26.29
CA ILE D 455 22.65 -16.86 -26.65
C ILE D 455 23.15 -16.63 -28.08
N HIS D 456 24.31 -17.20 -28.38
CA HIS D 456 24.86 -17.20 -29.74
C HIS D 456 23.93 -17.88 -30.74
N SER D 457 23.43 -19.05 -30.35
CA SER D 457 22.51 -19.81 -31.19
C SER D 457 21.23 -19.02 -31.44
N TYR D 458 20.83 -18.24 -30.44
CA TYR D 458 19.60 -17.46 -30.52
C TYR D 458 19.77 -16.25 -31.45
N LEU D 459 20.92 -15.60 -31.37
CA LEU D 459 21.15 -14.36 -32.12
C LEU D 459 21.51 -14.64 -33.57
N THR D 460 21.75 -15.90 -33.89
CA THR D 460 22.05 -16.29 -35.27
C THR D 460 20.83 -16.87 -35.97
N GLY D 461 20.62 -18.16 -35.78
CA GLY D 461 19.48 -18.83 -36.37
C GLY D 461 19.42 -20.29 -35.98
N GLU D 462 20.47 -20.76 -35.31
CA GLU D 462 20.61 -22.18 -35.00
C GLU D 462 19.48 -22.73 -34.15
N TRP D 463 19.13 -22.01 -33.08
CA TRP D 463 18.19 -22.53 -32.11
C TRP D 463 17.32 -21.41 -31.51
N ASN D 464 16.01 -21.61 -31.55
CA ASN D 464 15.07 -20.63 -31.00
C ASN D 464 13.91 -21.34 -30.32
N PRO D 465 13.90 -21.37 -28.98
CA PRO D 465 12.80 -22.02 -28.27
C PRO D 465 11.51 -21.23 -28.33
N TRP D 466 11.61 -19.92 -28.53
CA TRP D 466 10.44 -19.07 -28.64
C TRP D 466 10.16 -18.79 -30.11
N GLN D 467 9.19 -19.48 -30.70
CA GLN D 467 8.93 -19.31 -32.13
C GLN D 467 7.53 -18.80 -32.44
N LYS D 468 6.52 -19.36 -31.75
CA LYS D 468 5.12 -19.03 -32.00
C LYS D 468 4.76 -19.15 -33.49
#